data_8FRB
#
_entry.id   8FRB
#
_cell.length_a   91.926
_cell.length_b   106.963
_cell.length_c   146.492
_cell.angle_alpha   90.000
_cell.angle_beta   90.000
_cell.angle_gamma   90.000
#
_symmetry.space_group_name_H-M   'P 21 21 21'
#
loop_
_entity.id
_entity.type
_entity.pdbx_description
1 polymer 'Acidic mammalian chitinase'
2 branched 2-acetamido-2-deoxy-beta-D-glucopyranose-(1-4)-2-acetamido-2-deoxy-beta-D-glucopyranose
3 branched 2-acetamido-2-deoxy-beta-D-glucopyranose-(1-4)-2-acetylamino-2-deoxy-alpha-L-idopyranose
4 branched 2-acetamido-2-deoxy-beta-D-glucopyranose-(1-4)-2-acetamido-2-deoxy-alpha-D-glucopyranose
5 non-polymer 'MAGNESIUM ION'
6 water water
#
_entity_poly.entity_id   1
_entity_poly.type   'polypeptide(L)'
_entity_poly.pdbx_seq_one_letter_code
;MAKLLLVTGLALLLNAQLGSAYNLICYFTNWAQYRPGLGSFKPDDINPCLCTHLIYAFAGMQNNEITTIEWNDVTLYKAF
NDLKNRNSKLKTLLAIGGWNFGTAPFTTMVSTSQNRQTFITSVIKFLRQYGFDGLDLDWEYPGSRGSPPQDKHLFTVLVK
EMREAFEQEAIESNRPRLMVTAAVAGGISNIQAGYEIPELSKYLDFIHVMTYDLHGSWEGYTGENSPLYKYPTETGSNAY
LNVDYVMNYWKNNGAPAEKLIVGFPEYGHTFILRNPSDNGIGAPTSGDGPAGPYTRQAGFWAYYEICTFLRSGATEVWDA
SQEVPYAYKANEWLGYDNIKSFSVKAQWLKQNNFGGAMIWAIDLDDFTGSFCDQGKFPLTSTLNKALGISTHHHHHH
;
_entity_poly.pdbx_strand_id   A,B,C,D
#
loop_
_chem_comp.id
_chem_comp.type
_chem_comp.name
_chem_comp.formula
HSQ L-saccharide, alpha linking 2-acetylamino-2-deoxy-alpha-L-idopyranose 'C8 H15 N O6'
MG non-polymer 'MAGNESIUM ION' 'Mg 2'
NAG D-saccharide, beta linking 2-acetamido-2-deoxy-beta-D-glucopyranose 'C8 H15 N O6'
NDG D-saccharide, alpha linking 2-acetamido-2-deoxy-alpha-D-glucopyranose 'C8 H15 N O6'
#
# COMPACT_ATOMS: atom_id res chain seq x y z
N TYR A 22 -2.20 25.92 0.22
CA TYR A 22 -1.21 25.17 -0.53
C TYR A 22 -0.06 26.07 -0.95
N ASN A 23 1.08 25.44 -1.18
CA ASN A 23 2.28 26.12 -1.64
C ASN A 23 2.54 25.75 -3.09
N LEU A 24 3.16 26.66 -3.82
CA LEU A 24 3.62 26.41 -5.18
C LEU A 24 5.06 26.89 -5.26
N ILE A 25 5.99 25.94 -5.34
CA ILE A 25 7.42 26.18 -5.24
C ILE A 25 8.00 26.07 -6.64
N CYS A 26 8.69 27.10 -7.10
CA CYS A 26 9.14 27.17 -8.48
C CYS A 26 10.65 27.28 -8.55
N TYR A 27 11.27 26.32 -9.23
CA TYR A 27 12.72 26.34 -9.43
C TYR A 27 13.08 27.18 -10.65
N PHE A 28 14.15 27.98 -10.50
CA PHE A 28 14.78 28.76 -11.56
C PHE A 28 16.23 28.28 -11.68
N THR A 29 16.73 28.15 -12.92
CA THR A 29 18.07 27.64 -13.15
C THR A 29 18.97 28.72 -13.73
N ASN A 30 20.19 28.82 -13.18
CA ASN A 30 21.10 29.90 -13.55
C ASN A 30 21.89 29.61 -14.83
N TRP A 31 21.57 28.53 -15.54
CA TRP A 31 22.13 28.29 -16.86
C TRP A 31 21.13 28.52 -17.98
N ALA A 32 19.85 28.75 -17.66
CA ALA A 32 18.87 29.05 -18.68
C ALA A 32 19.22 30.32 -19.44
N GLN A 33 20.00 31.21 -18.83
CA GLN A 33 20.37 32.47 -19.48
C GLN A 33 21.12 32.25 -20.78
N TYR A 34 21.79 31.11 -20.93
CA TYR A 34 22.65 30.87 -22.08
C TYR A 34 21.93 30.21 -23.24
N ARG A 35 20.65 29.87 -23.09
CA ARG A 35 19.92 29.29 -24.20
C ARG A 35 19.75 30.33 -25.30
N PRO A 36 19.71 29.89 -26.55
CA PRO A 36 19.63 30.84 -27.67
C PRO A 36 18.28 31.51 -27.77
N GLY A 37 18.31 32.75 -28.27
CA GLY A 37 17.09 33.45 -28.65
C GLY A 37 16.03 33.49 -27.58
N LEU A 38 14.82 33.06 -27.95
CA LEU A 38 13.67 33.12 -27.06
C LEU A 38 13.81 32.20 -25.85
N GLY A 39 14.77 31.27 -25.87
CA GLY A 39 14.94 30.39 -24.73
C GLY A 39 15.68 31.02 -23.56
N SER A 40 16.40 32.11 -23.81
CA SER A 40 17.17 32.74 -22.75
C SER A 40 16.25 33.25 -21.66
N PHE A 41 16.54 32.90 -20.42
CA PHE A 41 15.65 33.20 -19.30
C PHE A 41 16.47 33.63 -18.09
N LYS A 42 16.12 34.80 -17.55
CA LYS A 42 16.71 35.37 -16.35
C LYS A 42 15.62 35.73 -15.37
N PRO A 43 15.98 36.10 -14.13
CA PRO A 43 14.93 36.28 -13.10
C PRO A 43 13.88 37.32 -13.45
N ASP A 44 14.23 38.36 -14.20
CA ASP A 44 13.21 39.35 -14.56
C ASP A 44 12.15 38.80 -15.50
N ASP A 45 12.37 37.60 -16.07
CA ASP A 45 11.34 36.95 -16.86
C ASP A 45 10.29 36.24 -16.00
N ILE A 46 10.52 36.13 -14.69
CA ILE A 46 9.59 35.46 -13.79
C ILE A 46 8.44 36.41 -13.46
N ASN A 47 7.21 35.89 -13.57
CA ASN A 47 6.07 36.61 -13.01
C ASN A 47 6.07 36.39 -11.50
N PRO A 48 6.30 37.44 -10.69
CA PRO A 48 6.50 37.22 -9.25
C PRO A 48 5.25 36.75 -8.52
N CYS A 49 4.07 36.84 -9.13
CA CYS A 49 2.85 36.47 -8.43
C CYS A 49 2.41 35.04 -8.69
N LEU A 50 3.12 34.28 -9.52
CA LEU A 50 2.68 32.92 -9.84
C LEU A 50 2.88 31.96 -8.67
N CYS A 51 4.01 32.08 -7.97
CA CYS A 51 4.46 31.07 -7.02
C CYS A 51 4.43 31.63 -5.60
N THR A 52 4.46 30.73 -4.62
CA THR A 52 4.63 31.16 -3.23
C THR A 52 6.10 31.18 -2.80
N HIS A 53 6.92 30.32 -3.40
CA HIS A 53 8.35 30.25 -3.15
C HIS A 53 9.08 30.12 -4.48
N LEU A 54 10.19 30.82 -4.62
CA LEU A 54 11.08 30.64 -5.75
C LEU A 54 12.40 30.07 -5.24
N ILE A 55 12.93 29.06 -5.94
CA ILE A 55 14.18 28.43 -5.54
C ILE A 55 15.20 28.59 -6.66
N TYR A 56 16.39 29.06 -6.29
CA TYR A 56 17.48 29.37 -7.21
C TYR A 56 18.43 28.17 -7.30
N ALA A 57 18.54 27.58 -8.48
CA ALA A 57 19.41 26.44 -8.74
C ALA A 57 20.58 26.90 -9.61
N PHE A 58 21.82 26.72 -9.14
CA PHE A 58 22.29 26.14 -7.90
C PHE A 58 23.43 26.99 -7.35
N ALA A 59 23.66 26.88 -6.05
CA ALA A 59 24.92 27.24 -5.44
C ALA A 59 25.85 26.03 -5.41
N GLY A 60 27.13 26.30 -5.21
CA GLY A 60 28.12 25.28 -5.04
C GLY A 60 28.74 25.29 -3.64
N MET A 61 29.92 24.67 -3.54
CA MET A 61 30.61 24.52 -2.28
C MET A 61 32.11 24.56 -2.52
N GLN A 62 32.83 25.25 -1.63
CA GLN A 62 34.28 25.29 -1.67
C GLN A 62 34.76 25.38 -0.22
N ASN A 63 35.70 24.52 0.15
CA ASN A 63 36.26 24.53 1.50
C ASN A 63 35.17 24.43 2.56
N ASN A 64 34.15 23.62 2.29
CA ASN A 64 33.03 23.39 3.20
C ASN A 64 32.17 24.63 3.42
N GLU A 65 32.22 25.60 2.50
CA GLU A 65 31.37 26.78 2.56
C GLU A 65 30.57 26.92 1.27
N ILE A 66 29.35 27.44 1.38
CA ILE A 66 28.53 27.68 0.21
C ILE A 66 29.15 28.79 -0.64
N THR A 67 29.03 28.66 -1.96
CA THR A 67 29.58 29.64 -2.88
C THR A 67 28.73 29.73 -4.14
N THR A 68 29.01 30.75 -4.95
CA THR A 68 28.42 30.89 -6.26
C THR A 68 29.04 29.88 -7.23
N ILE A 69 28.40 29.72 -8.40
CA ILE A 69 28.99 28.88 -9.44
C ILE A 69 29.08 29.58 -10.80
N GLU A 70 28.21 30.58 -11.06
CA GLU A 70 28.27 31.33 -12.31
C GLU A 70 28.90 32.70 -12.07
N TRP A 71 29.58 33.21 -13.12
CA TRP A 71 30.28 34.49 -13.02
C TRP A 71 29.34 35.64 -12.61
N ASN A 72 28.06 35.54 -12.96
CA ASN A 72 27.11 36.62 -12.70
C ASN A 72 26.03 36.24 -11.70
N ASP A 73 26.28 35.20 -10.88
CA ASP A 73 25.31 34.82 -9.87
C ASP A 73 24.93 35.99 -8.96
N VAL A 74 25.88 36.84 -8.60
CA VAL A 74 25.54 37.95 -7.70
C VAL A 74 24.51 38.85 -8.35
N THR A 75 24.67 39.12 -9.65
CA THR A 75 23.69 39.91 -10.39
C THR A 75 22.33 39.21 -10.42
N LEU A 76 22.33 37.92 -10.72
CA LEU A 76 21.07 37.20 -10.82
C LEU A 76 20.43 37.03 -9.46
N TYR A 77 21.22 36.85 -8.40
CA TYR A 77 20.66 36.80 -7.04
C TYR A 77 19.85 38.07 -6.76
N LYS A 78 20.41 39.22 -7.12
CA LYS A 78 19.75 40.50 -6.85
C LYS A 78 18.45 40.61 -7.63
N ALA A 79 18.47 40.27 -8.91
CA ALA A 79 17.26 40.31 -9.72
C ALA A 79 16.21 39.35 -9.17
N PHE A 80 16.65 38.17 -8.70
CA PHE A 80 15.78 37.16 -8.14
C PHE A 80 15.12 37.63 -6.87
N ASN A 81 15.90 38.11 -5.92
CA ASN A 81 15.33 38.54 -4.67
C ASN A 81 14.62 39.89 -4.79
N ASP A 82 14.93 40.68 -5.83
CA ASP A 82 14.14 41.88 -6.10
C ASP A 82 12.71 41.54 -6.51
N LEU A 83 12.45 40.30 -6.93
CA LEU A 83 11.08 39.92 -7.25
C LEU A 83 10.18 40.03 -6.03
N LYS A 84 10.75 39.95 -4.83
CA LYS A 84 9.93 40.12 -3.63
C LYS A 84 9.42 41.55 -3.49
N ASN A 85 10.00 42.49 -4.22
CA ASN A 85 9.47 43.85 -4.22
C ASN A 85 8.15 43.95 -4.96
N ARG A 86 7.82 42.96 -5.78
CA ARG A 86 6.55 42.91 -6.51
C ARG A 86 5.55 41.94 -5.89
N ASN A 87 5.98 41.10 -4.95
CA ASN A 87 5.07 40.16 -4.29
C ASN A 87 5.56 40.00 -2.85
N SER A 88 4.89 40.70 -1.94
CA SER A 88 5.28 40.78 -0.54
C SER A 88 5.15 39.46 0.20
N LYS A 89 4.38 38.52 -0.32
CA LYS A 89 4.23 37.22 0.32
C LYS A 89 5.30 36.24 -0.15
N LEU A 90 6.01 36.53 -1.22
CA LEU A 90 6.93 35.59 -1.82
C LEU A 90 8.15 35.34 -0.93
N LYS A 91 8.58 34.08 -0.88
CA LYS A 91 9.84 33.72 -0.25
C LYS A 91 10.78 33.15 -1.31
N THR A 92 12.07 33.38 -1.11
CA THR A 92 13.09 32.83 -2.01
C THR A 92 14.02 31.92 -1.25
N LEU A 93 14.48 30.88 -1.91
CA LEU A 93 15.47 29.99 -1.34
C LEU A 93 16.58 29.77 -2.36
N LEU A 94 17.74 29.40 -1.85
CA LEU A 94 18.89 29.05 -2.67
C LEU A 94 19.11 27.55 -2.54
N ALA A 95 19.18 26.86 -3.67
CA ALA A 95 19.43 25.42 -3.68
C ALA A 95 20.91 25.14 -3.88
N ILE A 96 21.45 24.20 -3.11
CA ILE A 96 22.84 23.80 -3.24
C ILE A 96 22.89 22.36 -3.72
N GLY A 97 23.74 22.11 -4.71
CA GLY A 97 23.94 20.77 -5.20
C GLY A 97 23.42 20.53 -6.61
N GLY A 98 22.51 19.58 -6.74
CA GLY A 98 22.03 19.15 -8.03
C GLY A 98 22.73 17.89 -8.52
N TRP A 99 22.24 17.40 -9.64
CA TRP A 99 22.71 16.13 -10.20
C TRP A 99 24.20 16.17 -10.50
N ASN A 100 24.64 17.16 -11.29
N ASN A 100 24.65 17.15 -11.29
CA ASN A 100 26.03 17.19 -11.74
CA ASN A 100 26.03 17.18 -11.74
C ASN A 100 27.01 17.54 -10.62
C ASN A 100 27.01 17.59 -10.64
N PHE A 101 26.52 18.14 -9.53
CA PHE A 101 27.38 18.41 -8.39
C PHE A 101 27.95 17.15 -7.77
N GLY A 102 27.21 16.04 -7.85
CA GLY A 102 27.65 14.83 -7.21
C GLY A 102 27.54 14.88 -5.69
N THR A 103 28.35 14.05 -5.05
CA THR A 103 28.23 13.80 -3.62
C THR A 103 29.49 14.12 -2.81
N ALA A 104 30.66 14.12 -3.44
CA ALA A 104 31.92 14.25 -2.71
C ALA A 104 31.97 15.44 -1.76
N PRO A 105 31.65 16.67 -2.18
CA PRO A 105 31.72 17.79 -1.23
C PRO A 105 30.75 17.63 -0.07
N PHE A 106 29.57 17.05 -0.31
CA PHE A 106 28.63 16.83 0.77
C PHE A 106 29.17 15.82 1.77
N THR A 107 29.76 14.74 1.29
CA THR A 107 30.29 13.71 2.17
C THR A 107 31.34 14.29 3.11
N THR A 108 32.29 15.04 2.55
CA THR A 108 33.33 15.66 3.37
C THR A 108 32.73 16.65 4.36
N MET A 109 31.75 17.44 3.91
CA MET A 109 31.20 18.49 4.77
C MET A 109 30.44 17.90 5.97
N VAL A 110 29.70 16.80 5.78
CA VAL A 110 28.92 16.29 6.91
C VAL A 110 29.73 15.37 7.81
N SER A 111 30.95 15.01 7.42
CA SER A 111 31.68 13.97 8.13
C SER A 111 32.07 14.37 9.54
N THR A 112 32.15 15.66 9.85
CA THR A 112 32.50 16.07 11.21
C THR A 112 31.63 17.24 11.64
N SER A 113 31.43 17.34 12.96
CA SER A 113 30.67 18.44 13.53
C SER A 113 31.29 19.78 13.17
N GLN A 114 32.63 19.83 13.14
CA GLN A 114 33.32 21.06 12.81
C GLN A 114 33.04 21.49 11.38
N ASN A 115 33.13 20.56 10.42
CA ASN A 115 32.83 20.91 9.04
C ASN A 115 31.38 21.31 8.88
N ARG A 116 30.47 20.67 9.62
CA ARG A 116 29.05 21.04 9.54
C ARG A 116 28.81 22.43 10.09
N GLN A 117 29.42 22.77 11.24
CA GLN A 117 29.24 24.10 11.81
C GLN A 117 29.80 25.17 10.87
N THR A 118 30.92 24.87 10.22
CA THR A 118 31.51 25.79 9.25
C THR A 118 30.57 26.04 8.07
N PHE A 119 29.99 24.97 7.53
CA PHE A 119 29.03 25.13 6.45
C PHE A 119 27.83 25.93 6.90
N ILE A 120 27.23 25.53 8.02
CA ILE A 120 26.03 26.20 8.51
C ILE A 120 26.31 27.69 8.72
N THR A 121 27.45 28.01 9.31
CA THR A 121 27.81 29.41 9.52
C THR A 121 27.94 30.15 8.19
N SER A 122 28.55 29.52 7.18
CA SER A 122 28.67 30.18 5.88
C SER A 122 27.30 30.38 5.25
N VAL A 123 26.37 29.45 5.46
CA VAL A 123 25.04 29.55 4.84
C VAL A 123 24.26 30.71 5.42
N ILE A 124 24.26 30.84 6.75
CA ILE A 124 23.54 31.95 7.38
C ILE A 124 24.04 33.27 6.83
N LYS A 125 25.36 33.44 6.78
CA LYS A 125 25.94 34.68 6.27
C LYS A 125 25.59 34.90 4.80
N PHE A 126 25.69 33.86 3.98
CA PHE A 126 25.47 33.97 2.55
C PHE A 126 24.01 34.28 2.24
N LEU A 127 23.08 33.56 2.87
CA LEU A 127 21.67 33.80 2.59
C LEU A 127 21.27 35.20 3.00
N ARG A 128 21.68 35.63 4.19
CA ARG A 128 21.28 36.95 4.66
C ARG A 128 21.90 38.05 3.79
N GLN A 129 23.16 37.88 3.40
CA GLN A 129 23.83 38.92 2.62
C GLN A 129 23.15 39.13 1.27
N TYR A 130 22.72 38.05 0.62
CA TYR A 130 22.20 38.13 -0.73
C TYR A 130 20.68 38.12 -0.80
N GLY A 131 20.01 38.07 0.35
CA GLY A 131 18.58 38.33 0.40
C GLY A 131 17.68 37.12 0.26
N PHE A 132 18.18 35.93 0.56
CA PHE A 132 17.39 34.72 0.48
C PHE A 132 16.72 34.41 1.80
N ASP A 133 15.59 33.71 1.74
CA ASP A 133 14.81 33.33 2.91
C ASP A 133 15.07 31.90 3.38
N GLY A 134 15.92 31.16 2.70
CA GLY A 134 16.18 29.79 3.13
C GLY A 134 17.12 29.07 2.19
N LEU A 135 17.46 27.85 2.61
CA LEU A 135 18.32 26.94 1.87
C LEU A 135 17.56 25.68 1.49
N ASP A 136 17.68 25.28 0.22
CA ASP A 136 17.18 24.01 -0.29
C ASP A 136 18.38 23.08 -0.50
N LEU A 137 18.42 21.99 0.24
CA LEU A 137 19.47 20.99 0.09
C LEU A 137 19.10 20.05 -1.05
N ASP A 138 19.93 20.04 -2.09
N ASP A 138 19.94 20.03 -2.09
CA ASP A 138 19.72 19.17 -3.23
CA ASP A 138 19.68 19.13 -3.22
C ASP A 138 20.88 18.19 -3.41
C ASP A 138 20.85 18.19 -3.42
N TRP A 139 21.16 17.41 -2.38
CA TRP A 139 22.19 16.37 -2.43
C TRP A 139 21.64 15.15 -3.16
N GLU A 140 22.22 14.80 -4.29
CA GLU A 140 21.77 13.66 -5.09
C GLU A 140 22.89 12.64 -5.12
N TYR A 141 22.89 11.73 -4.14
CA TYR A 141 21.98 11.56 -3.00
C TYR A 141 22.82 11.03 -1.84
N PRO A 142 22.40 11.28 -0.60
CA PRO A 142 23.06 10.61 0.54
C PRO A 142 22.98 9.10 0.36
N GLY A 143 24.12 8.43 0.57
CA GLY A 143 24.16 6.98 0.50
C GLY A 143 24.22 6.38 -0.89
N SER A 144 24.25 7.21 -1.93
CA SER A 144 24.29 6.73 -3.31
C SER A 144 25.34 7.53 -4.06
N ARG A 145 25.61 7.10 -5.29
CA ARG A 145 26.52 7.79 -6.19
C ARG A 145 27.85 8.12 -5.51
N GLY A 146 28.38 7.14 -4.77
CA GLY A 146 29.66 7.28 -4.13
C GLY A 146 29.60 7.71 -2.68
N SER A 147 28.47 8.24 -2.24
CA SER A 147 28.31 8.61 -0.84
C SER A 147 28.22 7.36 0.03
N PRO A 148 29.01 7.27 1.09
CA PRO A 148 29.04 6.04 1.90
C PRO A 148 27.81 5.91 2.79
N PRO A 149 27.59 4.73 3.38
CA PRO A 149 26.31 4.51 4.08
C PRO A 149 26.10 5.40 5.29
N GLN A 150 27.16 5.85 5.95
CA GLN A 150 26.98 6.69 7.12
C GLN A 150 26.33 8.03 6.78
N ASP A 151 26.32 8.41 5.51
CA ASP A 151 25.79 9.71 5.12
C ASP A 151 24.27 9.78 5.26
N LYS A 152 23.58 8.64 5.28
CA LYS A 152 22.15 8.65 5.57
C LYS A 152 21.87 9.30 6.92
N HIS A 153 22.59 8.87 7.96
CA HIS A 153 22.35 9.44 9.27
C HIS A 153 22.95 10.85 9.39
N LEU A 154 24.10 11.07 8.76
CA LEU A 154 24.75 12.39 8.89
C LEU A 154 23.97 13.46 8.15
N PHE A 155 23.20 13.10 7.12
CA PHE A 155 22.28 14.06 6.51
C PHE A 155 21.24 14.52 7.54
N THR A 156 20.68 13.59 8.31
CA THR A 156 19.75 13.98 9.37
C THR A 156 20.41 14.92 10.36
N VAL A 157 21.65 14.62 10.75
CA VAL A 157 22.37 15.44 11.72
C VAL A 157 22.58 16.84 11.16
N LEU A 158 23.02 16.93 9.90
CA LEU A 158 23.19 18.23 9.27
C LEU A 158 21.91 19.04 9.31
N VAL A 159 20.78 18.43 8.93
CA VAL A 159 19.53 19.17 8.87
C VAL A 159 19.09 19.60 10.26
N LYS A 160 19.26 18.72 11.26
CA LYS A 160 18.87 19.09 12.62
C LYS A 160 19.70 20.26 13.11
N GLU A 161 21.01 20.22 12.88
CA GLU A 161 21.89 21.30 13.30
C GLU A 161 21.58 22.58 12.54
N MET A 162 21.28 22.47 11.24
N MET A 162 21.26 22.47 11.26
CA MET A 162 20.94 23.65 10.46
CA MET A 162 20.95 23.68 10.50
C MET A 162 19.66 24.29 11.00
C MET A 162 19.65 24.29 11.00
N ARG A 163 18.62 23.47 11.21
CA ARG A 163 17.38 23.98 11.75
C ARG A 163 17.59 24.66 13.10
N GLU A 164 18.37 24.04 13.98
CA GLU A 164 18.63 24.65 15.29
C GLU A 164 19.35 25.99 15.13
N ALA A 165 20.36 26.04 14.27
CA ALA A 165 21.11 27.28 14.06
C ALA A 165 20.22 28.36 13.46
N PHE A 166 19.32 27.99 12.55
CA PHE A 166 18.40 28.97 11.98
C PHE A 166 17.46 29.53 13.06
N GLU A 167 16.95 28.66 13.93
CA GLU A 167 16.08 29.12 15.00
C GLU A 167 16.79 30.18 15.84
N GLN A 168 18.06 29.94 16.18
CA GLN A 168 18.76 30.88 17.04
C GLN A 168 19.08 32.19 16.31
N GLU A 169 19.47 32.12 15.04
CA GLU A 169 19.76 33.34 14.31
C GLU A 169 18.53 34.23 14.19
N ALA A 170 17.34 33.63 14.12
CA ALA A 170 16.11 34.42 14.04
C ALA A 170 15.91 35.23 15.31
N ILE A 171 16.17 34.60 16.46
CA ILE A 171 16.02 35.29 17.73
C ILE A 171 17.06 36.38 17.87
N GLU A 172 18.29 36.10 17.45
CA GLU A 172 19.36 37.09 17.61
C GLU A 172 19.18 38.29 16.70
N SER A 173 18.67 38.07 15.48
CA SER A 173 18.55 39.16 14.51
C SER A 173 17.15 39.75 14.42
N ASN A 174 16.19 39.20 15.16
CA ASN A 174 14.80 39.67 15.13
C ASN A 174 14.22 39.64 13.71
N ARG A 175 14.62 38.63 12.94
CA ARG A 175 14.08 38.43 11.61
C ARG A 175 13.38 37.08 11.52
N PRO A 176 12.41 36.94 10.63
CA PRO A 176 11.81 35.62 10.41
C PRO A 176 12.90 34.58 10.15
N ARG A 177 12.70 33.40 10.73
CA ARG A 177 13.67 32.34 10.62
C ARG A 177 13.90 31.92 9.17
N LEU A 178 15.17 31.68 8.83
CA LEU A 178 15.50 31.06 7.56
C LEU A 178 14.90 29.66 7.49
N MET A 179 14.43 29.29 6.30
CA MET A 179 13.86 27.98 6.07
C MET A 179 14.96 26.99 5.68
N VAL A 180 14.77 25.73 6.04
CA VAL A 180 15.60 24.65 5.51
C VAL A 180 14.66 23.65 4.86
N THR A 181 14.90 23.38 3.58
CA THR A 181 14.11 22.43 2.79
C THR A 181 15.07 21.48 2.09
N ALA A 182 14.52 20.42 1.51
CA ALA A 182 15.36 19.53 0.72
C ALA A 182 14.59 18.98 -0.46
N ALA A 183 15.27 18.89 -1.60
CA ALA A 183 14.83 18.10 -2.73
C ALA A 183 15.32 16.67 -2.53
N VAL A 184 14.40 15.71 -2.64
CA VAL A 184 14.69 14.34 -2.26
C VAL A 184 14.33 13.37 -3.38
N ALA A 185 14.98 12.22 -3.35
CA ALA A 185 14.87 11.22 -4.40
C ALA A 185 13.44 10.74 -4.59
N GLY A 186 13.11 10.40 -5.83
CA GLY A 186 11.88 9.71 -6.15
C GLY A 186 12.06 8.23 -6.43
N GLY A 187 13.30 7.78 -6.54
CA GLY A 187 13.59 6.37 -6.74
C GLY A 187 13.70 5.63 -5.42
N ILE A 188 13.03 4.49 -5.34
CA ILE A 188 12.88 3.82 -4.05
C ILE A 188 14.23 3.36 -3.51
N SER A 189 15.08 2.81 -4.38
CA SER A 189 16.40 2.38 -3.93
C SER A 189 17.18 3.55 -3.36
N ASN A 190 17.13 4.70 -4.03
CA ASN A 190 17.80 5.89 -3.50
C ASN A 190 17.17 6.36 -2.20
N ILE A 191 15.84 6.30 -2.10
CA ILE A 191 15.19 6.73 -0.86
C ILE A 191 15.65 5.86 0.31
N GLN A 192 15.67 4.54 0.10
CA GLN A 192 16.01 3.62 1.18
C GLN A 192 17.45 3.80 1.63
N ALA A 193 18.35 4.10 0.69
CA ALA A 193 19.76 4.28 1.03
C ALA A 193 20.06 5.64 1.62
N GLY A 194 19.15 6.60 1.46
CA GLY A 194 19.49 7.98 1.66
C GLY A 194 18.92 8.67 2.88
N TYR A 195 17.73 8.29 3.34
CA TYR A 195 16.99 9.16 4.24
C TYR A 195 16.38 8.44 5.44
N GLU A 196 16.59 9.02 6.62
CA GLU A 196 15.88 8.64 7.84
C GLU A 196 14.60 9.48 7.90
N ILE A 197 13.54 8.96 7.29
CA ILE A 197 12.38 9.80 6.96
C ILE A 197 11.70 10.35 8.20
N PRO A 198 11.41 9.55 9.24
CA PRO A 198 10.74 10.12 10.42
C PRO A 198 11.51 11.26 11.06
N GLU A 199 12.81 11.08 11.30
CA GLU A 199 13.54 12.13 11.99
C GLU A 199 13.82 13.31 11.08
N LEU A 200 14.25 13.04 9.86
CA LEU A 200 14.49 14.12 8.90
C LEU A 200 13.26 15.00 8.75
N SER A 201 12.09 14.38 8.66
CA SER A 201 10.86 15.13 8.43
C SER A 201 10.49 16.05 9.57
N LYS A 202 11.02 15.81 10.78
CA LYS A 202 10.73 16.71 11.89
C LYS A 202 11.42 18.05 11.72
N TYR A 203 12.59 18.08 11.09
CA TYR A 203 13.40 19.28 11.05
C TYR A 203 13.32 20.03 9.74
N LEU A 204 13.02 19.36 8.64
CA LEU A 204 12.80 20.05 7.38
C LEU A 204 11.49 20.84 7.45
N ASP A 205 11.49 22.01 6.80
CA ASP A 205 10.25 22.75 6.65
C ASP A 205 9.39 22.18 5.53
N PHE A 206 10.02 21.86 4.40
CA PHE A 206 9.34 21.22 3.29
C PHE A 206 10.24 20.17 2.69
N ILE A 207 9.59 19.19 2.07
CA ILE A 207 10.23 18.03 1.45
C ILE A 207 9.78 18.04 -0.01
N HIS A 208 10.68 18.37 -0.91
CA HIS A 208 10.39 18.54 -2.34
C HIS A 208 10.71 17.21 -3.01
N VAL A 209 9.69 16.41 -3.26
CA VAL A 209 9.90 15.05 -3.78
C VAL A 209 10.02 15.12 -5.29
N MET A 210 11.11 14.59 -5.83
CA MET A 210 11.41 14.65 -7.26
C MET A 210 10.69 13.51 -7.97
N THR A 211 9.36 13.67 -8.05
CA THR A 211 8.49 12.71 -8.71
C THR A 211 8.45 12.95 -10.22
N TYR A 212 9.63 12.82 -10.83
CA TYR A 212 9.81 12.90 -12.28
C TYR A 212 11.09 12.16 -12.62
N ASP A 213 11.43 12.14 -13.91
CA ASP A 213 12.48 11.27 -14.45
C ASP A 213 12.24 9.82 -14.01
N LEU A 214 10.97 9.44 -13.94
CA LEU A 214 10.65 8.08 -13.53
C LEU A 214 10.81 7.08 -14.67
N HIS A 215 10.70 7.55 -15.91
CA HIS A 215 11.02 6.77 -17.09
C HIS A 215 11.82 7.66 -18.04
N GLY A 216 12.61 7.03 -18.91
CA GLY A 216 13.41 7.78 -19.87
C GLY A 216 14.20 6.81 -20.73
N SER A 217 14.96 7.37 -21.67
CA SER A 217 15.64 6.55 -22.67
C SER A 217 16.66 5.59 -22.07
N TRP A 218 17.14 5.87 -20.85
CA TRP A 218 18.05 4.95 -20.19
C TRP A 218 17.45 3.55 -20.03
N GLU A 219 16.12 3.43 -20.09
CA GLU A 219 15.46 2.15 -19.88
C GLU A 219 15.40 1.27 -21.14
N GLY A 220 15.53 1.85 -22.33
CA GLY A 220 15.45 1.09 -23.55
C GLY A 220 14.04 0.86 -24.07
N TYR A 221 13.03 1.46 -23.45
CA TYR A 221 11.66 1.41 -23.94
C TYR A 221 10.97 2.68 -23.50
N THR A 222 9.83 2.97 -24.13
CA THR A 222 9.11 4.21 -23.83
C THR A 222 8.42 4.12 -22.48
N GLY A 223 8.32 5.27 -21.83
CA GLY A 223 7.54 5.41 -20.61
C GLY A 223 7.34 6.87 -20.29
N GLU A 224 6.46 7.12 -19.34
CA GLU A 224 6.12 8.49 -18.98
C GLU A 224 7.09 9.07 -17.97
N ASN A 225 7.37 10.35 -18.12
CA ASN A 225 8.26 11.07 -17.23
C ASN A 225 7.72 11.11 -15.81
N SER A 226 6.41 11.36 -15.66
CA SER A 226 5.80 11.57 -14.36
C SER A 226 4.36 11.07 -14.39
N PRO A 227 4.16 9.77 -14.58
CA PRO A 227 2.79 9.23 -14.55
C PRO A 227 2.24 9.27 -13.14
N LEU A 228 0.96 9.61 -13.03
CA LEU A 228 0.33 9.64 -11.71
C LEU A 228 0.16 8.23 -11.16
N TYR A 229 -0.26 7.29 -11.98
CA TYR A 229 -0.51 5.94 -11.53
C TYR A 229 0.32 4.94 -12.33
N LYS A 230 0.44 3.73 -11.78
CA LYS A 230 1.18 2.70 -12.50
C LYS A 230 0.44 2.30 -13.76
N TYR A 231 1.19 1.80 -14.74
CA TYR A 231 0.59 1.22 -15.93
C TYR A 231 -0.03 -0.14 -15.57
N PRO A 232 -1.18 -0.49 -16.15
CA PRO A 232 -1.93 -1.64 -15.61
C PRO A 232 -1.14 -2.93 -15.54
N THR A 233 -0.21 -3.16 -16.46
CA THR A 233 0.50 -4.43 -16.48
C THR A 233 1.71 -4.46 -15.55
N GLU A 234 2.08 -3.33 -14.94
CA GLU A 234 3.30 -3.28 -14.16
C GLU A 234 3.13 -4.01 -12.84
N THR A 235 4.12 -4.82 -12.50
CA THR A 235 4.19 -5.56 -11.25
C THR A 235 5.58 -5.34 -10.67
N GLY A 236 5.76 -5.64 -9.39
CA GLY A 236 7.10 -5.50 -8.85
C GLY A 236 7.67 -4.10 -8.98
N SER A 237 8.98 -4.00 -9.26
CA SER A 237 9.70 -2.75 -9.09
C SER A 237 9.32 -1.69 -10.13
N ASN A 238 8.85 -2.12 -11.31
CA ASN A 238 8.29 -1.17 -12.26
C ASN A 238 7.11 -0.40 -11.68
N ALA A 239 6.38 -1.03 -10.74
CA ALA A 239 5.21 -0.41 -10.14
C ALA A 239 5.55 0.69 -9.14
N TYR A 240 6.85 0.86 -8.84
CA TYR A 240 7.28 2.01 -8.03
C TYR A 240 7.28 3.31 -8.81
N LEU A 241 7.25 3.24 -10.14
CA LEU A 241 7.65 4.37 -10.98
C LEU A 241 6.44 5.25 -11.32
N ASN A 242 5.80 5.77 -10.28
CA ASN A 242 4.68 6.68 -10.49
C ASN A 242 4.53 7.59 -9.29
N VAL A 243 3.86 8.73 -9.52
CA VAL A 243 3.76 9.77 -8.49
C VAL A 243 3.03 9.23 -7.25
N ASP A 244 1.94 8.50 -7.47
CA ASP A 244 1.13 7.98 -6.38
C ASP A 244 1.96 7.11 -5.44
N TYR A 245 2.74 6.18 -5.99
CA TYR A 245 3.54 5.29 -5.16
C TYR A 245 4.60 6.09 -4.39
N VAL A 246 5.32 6.96 -5.09
CA VAL A 246 6.47 7.64 -4.50
C VAL A 246 6.02 8.56 -3.38
N MET A 247 4.96 9.35 -3.62
CA MET A 247 4.48 10.26 -2.58
C MET A 247 3.95 9.47 -1.38
N ASN A 248 3.23 8.39 -1.64
CA ASN A 248 2.71 7.57 -0.54
C ASN A 248 3.81 6.81 0.17
N TYR A 249 4.92 6.51 -0.52
CA TYR A 249 6.07 5.94 0.17
C TYR A 249 6.59 6.91 1.22
N TRP A 250 6.77 8.17 0.84
CA TRP A 250 7.27 9.17 1.78
C TRP A 250 6.29 9.37 2.92
N LYS A 251 5.00 9.47 2.60
CA LYS A 251 3.99 9.73 3.61
C LYS A 251 3.88 8.58 4.60
N ASN A 252 3.86 7.35 4.11
CA ASN A 252 3.63 6.20 4.98
C ASN A 252 4.89 5.72 5.67
N ASN A 253 6.05 6.30 5.37
CA ASN A 253 7.26 5.99 6.10
C ASN A 253 7.70 7.14 7.01
N GLY A 254 6.80 8.09 7.27
CA GLY A 254 7.00 9.01 8.36
C GLY A 254 6.90 10.50 8.07
N ALA A 255 6.79 10.87 6.81
CA ALA A 255 6.78 12.30 6.49
C ALA A 255 5.36 12.84 6.59
N PRO A 256 5.13 13.96 7.28
CA PRO A 256 3.77 14.51 7.34
C PRO A 256 3.32 15.00 5.98
N ALA A 257 2.06 14.70 5.65
CA ALA A 257 1.53 15.05 4.35
C ALA A 257 1.69 16.54 4.06
N GLU A 258 1.47 17.39 5.07
CA GLU A 258 1.50 18.83 4.86
C GLU A 258 2.89 19.37 4.56
N LYS A 259 3.95 18.61 4.87
CA LYS A 259 5.30 19.02 4.52
C LYS A 259 5.73 18.49 3.16
N LEU A 260 4.98 17.53 2.60
CA LEU A 260 5.36 16.89 1.35
C LEU A 260 4.87 17.71 0.17
N ILE A 261 5.78 18.00 -0.74
CA ILE A 261 5.53 18.81 -1.93
C ILE A 261 5.73 17.90 -3.13
N VAL A 262 4.72 17.83 -4.00
CA VAL A 262 4.75 16.94 -5.15
C VAL A 262 5.54 17.60 -6.28
N GLY A 263 6.46 16.84 -6.88
CA GLY A 263 7.22 17.36 -8.02
C GLY A 263 6.46 17.29 -9.34
N PHE A 264 6.44 18.41 -10.05
CA PHE A 264 5.77 18.56 -11.33
C PHE A 264 6.80 18.96 -12.38
N PRO A 265 7.01 18.17 -13.43
CA PRO A 265 7.95 18.58 -14.47
C PRO A 265 7.32 19.42 -15.56
N GLU A 266 7.95 20.51 -15.94
CA GLU A 266 7.52 21.33 -17.08
C GLU A 266 8.36 21.02 -18.32
N TYR A 267 8.68 19.73 -18.46
CA TYR A 267 9.46 19.19 -19.56
C TYR A 267 9.01 17.74 -19.73
N GLY A 268 9.46 17.12 -20.84
CA GLY A 268 9.21 15.72 -21.06
C GLY A 268 10.48 15.01 -21.50
N HIS A 269 10.43 13.67 -21.49
CA HIS A 269 11.53 12.86 -21.98
C HIS A 269 11.23 12.32 -23.37
N THR A 270 12.26 12.27 -24.20
CA THR A 270 12.15 11.86 -25.58
C THR A 270 12.89 10.55 -25.82
N PHE A 271 12.48 9.89 -26.90
CA PHE A 271 12.96 8.58 -27.26
C PHE A 271 12.96 8.47 -28.78
N ILE A 272 13.80 7.57 -29.30
CA ILE A 272 13.76 7.13 -30.69
C ILE A 272 13.22 5.70 -30.69
N LEU A 273 12.11 5.50 -31.40
CA LEU A 273 11.50 4.18 -31.47
C LEU A 273 12.30 3.25 -32.37
N ARG A 274 12.46 2.00 -31.93
CA ARG A 274 13.14 1.02 -32.75
C ARG A 274 12.29 0.61 -33.95
N ASN A 275 10.98 0.62 -33.79
CA ASN A 275 10.04 0.32 -34.87
C ASN A 275 8.89 1.31 -34.80
N PRO A 276 8.81 2.26 -35.74
CA PRO A 276 7.80 3.32 -35.62
C PRO A 276 6.36 2.83 -35.52
N SER A 277 6.08 1.58 -35.92
CA SER A 277 4.71 1.10 -35.77
C SER A 277 4.40 0.65 -34.35
N ASP A 278 5.43 0.42 -33.52
CA ASP A 278 5.28 0.03 -32.12
C ASP A 278 5.53 1.31 -31.33
N ASN A 279 4.45 2.04 -31.03
CA ASN A 279 4.55 3.40 -30.52
C ASN A 279 3.69 3.63 -29.27
N GLY A 280 3.38 2.57 -28.53
CA GLY A 280 2.69 2.70 -27.27
C GLY A 280 3.63 2.80 -26.09
N ILE A 281 3.03 2.70 -24.90
CA ILE A 281 3.82 2.63 -23.68
C ILE A 281 4.59 1.31 -23.67
N GLY A 282 5.90 1.40 -23.40
CA GLY A 282 6.75 0.23 -23.38
C GLY A 282 7.30 -0.19 -24.72
N ALA A 283 7.09 0.58 -25.78
CA ALA A 283 7.64 0.23 -27.08
C ALA A 283 9.17 0.33 -27.03
N PRO A 284 9.88 -0.52 -27.77
CA PRO A 284 11.34 -0.52 -27.66
C PRO A 284 11.95 0.69 -28.34
N THR A 285 13.06 1.16 -27.76
CA THR A 285 13.71 2.38 -28.19
C THR A 285 15.21 2.14 -28.32
N SER A 286 15.89 3.15 -28.85
N SER A 286 15.89 3.16 -28.84
CA SER A 286 17.34 3.07 -29.04
CA SER A 286 17.33 3.09 -29.09
C SER A 286 17.92 4.45 -28.82
C SER A 286 17.93 4.47 -28.83
N GLY A 287 19.14 4.48 -28.29
CA GLY A 287 19.85 5.72 -28.11
C GLY A 287 19.32 6.59 -26.98
N ASP A 288 19.78 7.84 -26.99
CA ASP A 288 19.49 8.77 -25.92
C ASP A 288 18.23 9.59 -26.14
N GLY A 289 17.66 9.58 -27.34
CA GLY A 289 16.49 10.37 -27.65
C GLY A 289 16.85 11.68 -28.33
N PRO A 290 15.91 12.26 -29.06
CA PRO A 290 16.20 13.52 -29.77
C PRO A 290 16.35 14.70 -28.82
N ALA A 291 17.07 15.71 -29.30
CA ALA A 291 17.30 16.95 -28.57
C ALA A 291 16.48 18.10 -29.16
N GLY A 292 16.22 19.10 -28.33
CA GLY A 292 15.47 20.26 -28.74
C GLY A 292 16.37 21.43 -29.11
N PRO A 293 15.85 22.36 -29.91
CA PRO A 293 16.71 23.44 -30.44
C PRO A 293 17.10 24.48 -29.39
N TYR A 294 16.38 24.59 -28.30
CA TYR A 294 16.73 25.55 -27.26
C TYR A 294 17.46 24.91 -26.08
N THR A 295 17.01 23.74 -25.64
CA THR A 295 17.65 23.08 -24.50
C THR A 295 18.85 22.25 -24.92
N ARG A 296 18.86 21.75 -26.17
CA ARG A 296 20.02 21.13 -26.81
C ARG A 296 20.64 20.02 -25.95
N GLN A 297 19.78 19.13 -25.47
CA GLN A 297 20.20 17.97 -24.69
C GLN A 297 19.37 16.76 -25.10
N ALA A 298 20.05 15.74 -25.62
CA ALA A 298 19.36 14.52 -26.02
C ALA A 298 18.53 13.99 -24.88
N GLY A 299 17.26 13.69 -25.18
CA GLY A 299 16.40 13.00 -24.25
C GLY A 299 15.41 13.88 -23.51
N PHE A 300 15.50 15.19 -23.61
N PHE A 300 15.41 15.19 -23.76
CA PHE A 300 14.50 16.00 -22.92
CA PHE A 300 14.78 16.19 -22.91
C PHE A 300 14.23 17.28 -23.68
C PHE A 300 14.24 17.31 -23.79
N TRP A 301 12.98 17.68 -23.59
CA TRP A 301 12.40 18.85 -24.27
C TRP A 301 11.64 19.69 -23.24
N ALA A 302 11.84 21.01 -23.27
CA ALA A 302 11.03 21.92 -22.50
C ALA A 302 9.59 21.94 -23.01
N TYR A 303 8.66 22.38 -22.16
CA TYR A 303 7.26 22.42 -22.60
C TYR A 303 7.09 23.28 -23.85
N TYR A 304 7.79 24.41 -23.94
CA TYR A 304 7.62 25.22 -25.14
C TYR A 304 8.16 24.51 -26.38
N GLU A 305 9.19 23.67 -26.25
CA GLU A 305 9.66 22.87 -27.37
C GLU A 305 8.65 21.77 -27.70
N ILE A 306 7.99 21.23 -26.68
CA ILE A 306 6.95 20.23 -26.91
C ILE A 306 5.82 20.82 -27.75
N CYS A 307 5.40 22.05 -27.43
CA CYS A 307 4.34 22.66 -28.18
C CYS A 307 4.70 22.77 -29.66
N THR A 308 5.96 23.07 -29.96
CA THR A 308 6.37 23.14 -31.36
C THR A 308 6.29 21.76 -32.02
N PHE A 309 6.71 20.72 -31.32
CA PHE A 309 6.56 19.34 -31.80
C PHE A 309 5.10 19.02 -32.09
N LEU A 310 4.20 19.40 -31.19
CA LEU A 310 2.79 19.10 -31.39
C LEU A 310 2.25 19.79 -32.64
N ARG A 311 2.85 20.92 -33.01
CA ARG A 311 2.45 21.63 -34.21
C ARG A 311 3.18 21.15 -35.45
N SER A 312 4.03 20.15 -35.34
CA SER A 312 4.86 19.67 -36.44
C SER A 312 4.35 18.36 -37.04
N GLY A 313 3.11 18.00 -36.77
CA GLY A 313 2.55 16.77 -37.29
C GLY A 313 2.55 15.60 -36.35
N ALA A 314 2.69 15.84 -35.05
CA ALA A 314 2.73 14.75 -34.08
C ALA A 314 1.32 14.28 -33.72
N THR A 315 1.22 13.00 -33.37
CA THR A 315 0.00 12.39 -32.87
C THR A 315 0.02 12.43 -31.35
N GLU A 316 -1.04 12.97 -30.76
CA GLU A 316 -1.16 13.07 -29.31
C GLU A 316 -2.07 11.97 -28.80
N VAL A 317 -1.68 11.34 -27.69
CA VAL A 317 -2.44 10.25 -27.09
C VAL A 317 -2.58 10.51 -25.60
N TRP A 318 -3.77 10.24 -25.06
CA TRP A 318 -3.98 10.31 -23.61
C TRP A 318 -3.79 8.92 -23.02
N ASP A 319 -2.79 8.79 -22.15
CA ASP A 319 -2.48 7.56 -21.41
C ASP A 319 -3.46 7.54 -20.24
N ALA A 320 -4.59 6.88 -20.46
CA ALA A 320 -5.72 7.06 -19.55
C ALA A 320 -5.44 6.47 -18.18
N SER A 321 -4.75 5.33 -18.13
CA SER A 321 -4.49 4.70 -16.84
C SER A 321 -3.56 5.54 -15.98
N GLN A 322 -2.67 6.30 -16.61
CA GLN A 322 -1.66 7.05 -15.88
C GLN A 322 -1.94 8.54 -15.81
N GLU A 323 -2.97 9.03 -16.53
CA GLU A 323 -3.43 10.42 -16.45
C GLU A 323 -2.38 11.40 -16.97
N VAL A 324 -1.65 11.01 -18.01
CA VAL A 324 -0.67 11.88 -18.65
C VAL A 324 -0.74 11.67 -20.15
N PRO A 325 -0.27 12.66 -20.92
CA PRO A 325 -0.23 12.52 -22.38
C PRO A 325 1.06 11.88 -22.86
N TYR A 326 1.01 11.34 -24.07
CA TYR A 326 2.24 11.11 -24.82
C TYR A 326 1.99 11.47 -26.28
N ALA A 327 3.07 11.67 -27.02
CA ALA A 327 2.95 12.04 -28.41
C ALA A 327 4.08 11.42 -29.21
N TYR A 328 3.81 11.17 -30.49
CA TYR A 328 4.84 10.59 -31.34
C TYR A 328 4.69 11.13 -32.75
N LYS A 329 5.82 11.11 -33.47
CA LYS A 329 5.86 11.48 -34.87
C LYS A 329 6.96 10.64 -35.50
N ALA A 330 6.58 9.75 -36.41
CA ALA A 330 7.53 8.82 -37.00
C ALA A 330 8.32 8.09 -35.91
N ASN A 331 9.63 8.29 -35.87
CA ASN A 331 10.46 7.56 -34.92
C ASN A 331 10.67 8.30 -33.60
N GLU A 332 10.08 9.46 -33.40
CA GLU A 332 10.25 10.23 -32.18
C GLU A 332 9.04 10.04 -31.26
N TRP A 333 9.31 9.78 -29.98
CA TRP A 333 8.28 9.52 -28.97
C TRP A 333 8.58 10.36 -27.74
N LEU A 334 7.52 10.95 -27.18
CA LEU A 334 7.62 11.91 -26.09
C LEU A 334 6.64 11.54 -24.98
N GLY A 335 7.14 11.41 -23.76
CA GLY A 335 6.31 11.31 -22.58
C GLY A 335 6.40 12.60 -21.77
N TYR A 336 5.26 13.19 -21.47
CA TYR A 336 5.28 14.56 -20.98
C TYR A 336 4.04 14.87 -20.14
N ASP A 337 3.89 16.15 -19.80
CA ASP A 337 2.79 16.67 -19.01
C ASP A 337 2.21 17.90 -19.72
N ASN A 338 0.91 18.11 -19.57
CA ASN A 338 0.25 19.26 -20.18
C ASN A 338 -0.72 19.86 -19.17
N ILE A 339 -1.56 20.79 -19.61
CA ILE A 339 -2.49 21.45 -18.69
C ILE A 339 -3.43 20.42 -18.06
N LYS A 340 -3.89 19.45 -18.85
CA LYS A 340 -4.82 18.47 -18.32
C LYS A 340 -4.17 17.61 -17.24
N SER A 341 -2.96 17.11 -17.49
CA SER A 341 -2.32 16.24 -16.51
C SER A 341 -1.92 17.03 -15.26
N PHE A 342 -1.46 18.26 -15.44
CA PHE A 342 -1.19 19.11 -14.27
C PHE A 342 -2.47 19.30 -13.45
N SER A 343 -3.61 19.50 -14.12
CA SER A 343 -4.87 19.69 -13.42
C SER A 343 -5.29 18.44 -12.66
N VAL A 344 -5.18 17.27 -13.29
CA VAL A 344 -5.55 16.03 -12.62
C VAL A 344 -4.66 15.80 -11.40
N LYS A 345 -3.36 16.01 -11.56
CA LYS A 345 -2.44 15.79 -10.45
C LYS A 345 -2.64 16.81 -9.35
N ALA A 346 -2.99 18.06 -9.69
CA ALA A 346 -3.26 19.05 -8.66
C ALA A 346 -4.48 18.66 -7.83
N GLN A 347 -5.55 18.22 -8.49
CA GLN A 347 -6.71 17.72 -7.75
C GLN A 347 -6.31 16.56 -6.85
N TRP A 348 -5.50 15.63 -7.39
CA TRP A 348 -5.07 14.48 -6.61
C TRP A 348 -4.28 14.90 -5.37
N LEU A 349 -3.35 15.86 -5.50
CA LEU A 349 -2.54 16.18 -4.34
C LEU A 349 -3.36 16.87 -3.26
N LYS A 350 -4.36 17.67 -3.65
CA LYS A 350 -5.26 18.27 -2.66
C LYS A 350 -6.07 17.20 -1.94
N GLN A 351 -6.58 16.22 -2.68
CA GLN A 351 -7.37 15.15 -2.07
C GLN A 351 -6.54 14.33 -1.09
N ASN A 352 -5.22 14.26 -1.30
CA ASN A 352 -4.33 13.53 -0.42
C ASN A 352 -3.66 14.42 0.62
N ASN A 353 -4.07 15.69 0.71
CA ASN A 353 -3.65 16.59 1.78
C ASN A 353 -2.15 16.87 1.74
N PHE A 354 -1.56 16.88 0.56
CA PHE A 354 -0.16 17.27 0.49
C PHE A 354 -0.03 18.79 0.61
N GLY A 355 1.20 19.23 0.83
CA GLY A 355 1.48 20.64 1.10
C GLY A 355 1.40 21.51 -0.13
N GLY A 356 1.44 20.94 -1.32
CA GLY A 356 1.45 21.70 -2.54
C GLY A 356 2.31 21.03 -3.59
N ALA A 357 2.80 21.86 -4.51
CA ALA A 357 3.52 21.39 -5.69
C ALA A 357 4.81 22.17 -5.85
N MET A 358 5.80 21.53 -6.46
CA MET A 358 7.01 22.22 -6.89
C MET A 358 7.18 21.93 -8.38
N ILE A 359 7.80 22.89 -9.06
N ILE A 359 7.72 22.90 -9.11
CA ILE A 359 7.97 22.86 -10.51
CA ILE A 359 7.90 22.75 -10.55
C ILE A 359 9.45 22.80 -10.84
C ILE A 359 9.39 22.80 -10.88
N TRP A 360 9.84 21.82 -11.65
CA TRP A 360 11.14 21.82 -12.31
C TRP A 360 10.85 22.02 -13.81
N ALA A 361 11.09 23.22 -14.34
CA ALA A 361 11.64 24.46 -13.78
C ALA A 361 10.88 25.55 -14.53
N ILE A 362 10.75 26.73 -13.91
CA ILE A 362 9.88 27.76 -14.49
C ILE A 362 10.41 28.24 -15.84
N ASP A 363 11.72 28.11 -16.08
CA ASP A 363 12.31 28.53 -17.35
C ASP A 363 12.03 27.54 -18.49
N LEU A 364 11.35 26.43 -18.21
CA LEU A 364 10.95 25.46 -19.23
C LEU A 364 9.48 25.59 -19.62
N ASP A 365 8.69 26.36 -18.88
CA ASP A 365 7.33 26.72 -19.26
C ASP A 365 7.37 27.61 -20.50
N ASP A 366 6.20 27.82 -21.11
CA ASP A 366 6.10 28.77 -22.23
C ASP A 366 6.00 30.18 -21.65
N PHE A 367 7.14 30.67 -21.16
CA PHE A 367 7.13 31.93 -20.42
C PHE A 367 6.88 33.13 -21.33
N THR A 368 7.19 33.03 -22.62
CA THR A 368 6.86 34.12 -23.54
C THR A 368 5.43 34.06 -24.02
N GLY A 369 4.77 32.91 -23.86
CA GLY A 369 3.47 32.68 -24.44
C GLY A 369 3.47 32.49 -25.94
N SER A 370 4.65 32.41 -26.56
CA SER A 370 4.76 32.47 -28.01
C SER A 370 4.79 31.11 -28.68
N PHE A 371 4.79 30.01 -27.91
CA PHE A 371 4.95 28.67 -28.47
C PHE A 371 3.70 27.81 -28.38
N CYS A 372 2.86 28.00 -27.35
CA CYS A 372 1.81 27.07 -27.03
C CYS A 372 0.39 27.60 -27.24
N ASP A 373 0.25 28.90 -27.50
CA ASP A 373 -1.06 29.56 -27.58
C ASP A 373 -1.93 29.24 -26.36
N GLN A 374 -1.31 29.26 -25.17
CA GLN A 374 -2.02 28.99 -23.93
C GLN A 374 -1.79 30.09 -22.90
N GLY A 375 -1.39 31.27 -23.36
CA GLY A 375 -1.02 32.36 -22.47
C GLY A 375 0.40 32.19 -21.95
N LYS A 376 0.85 33.20 -21.22
CA LYS A 376 2.17 33.13 -20.60
C LYS A 376 2.13 32.17 -19.41
N PHE A 377 3.22 31.41 -19.26
CA PHE A 377 3.38 30.45 -18.17
C PHE A 377 2.15 29.54 -18.05
N PRO A 378 1.81 28.81 -19.12
CA PRO A 378 0.56 28.02 -19.05
C PRO A 378 0.59 26.92 -18.00
N LEU A 379 1.69 26.19 -17.88
CA LEU A 379 1.71 25.12 -16.89
C LEU A 379 1.76 25.67 -15.46
N THR A 380 2.57 26.70 -15.24
CA THR A 380 2.68 27.25 -13.89
C THR A 380 1.38 27.93 -13.49
N SER A 381 0.74 28.62 -14.45
CA SER A 381 -0.55 29.26 -14.21
C SER A 381 -1.62 28.23 -13.86
N THR A 382 -1.58 27.07 -14.52
CA THR A 382 -2.52 26.00 -14.19
C THR A 382 -2.42 25.62 -12.73
N LEU A 383 -1.20 25.46 -12.21
CA LEU A 383 -1.06 25.09 -10.80
C LEU A 383 -1.42 26.26 -9.89
N ASN A 384 -1.07 27.48 -10.29
CA ASN A 384 -1.49 28.65 -9.51
C ASN A 384 -2.99 28.64 -9.31
N LYS A 385 -3.75 28.39 -10.38
CA LYS A 385 -5.20 28.39 -10.30
C LYS A 385 -5.72 27.20 -9.51
N ALA A 386 -5.21 26.00 -9.79
CA ALA A 386 -5.73 24.80 -9.15
C ALA A 386 -5.45 24.79 -7.65
N LEU A 387 -4.34 25.40 -7.21
CA LEU A 387 -3.96 25.39 -5.81
C LEU A 387 -4.38 26.66 -5.07
N GLY A 388 -5.08 27.56 -5.74
CA GLY A 388 -5.61 28.74 -5.08
C GLY A 388 -4.56 29.72 -4.61
N ILE A 389 -3.46 29.84 -5.35
CA ILE A 389 -2.33 30.63 -4.89
C ILE A 389 -2.66 32.12 -4.94
N SER A 390 -3.34 32.56 -5.99
CA SER A 390 -3.61 33.97 -6.21
C SER A 390 -5.09 34.29 -6.00
N TYR B 22 -1.91 -32.69 7.13
CA TYR B 22 -2.66 -31.52 7.56
C TYR B 22 -2.18 -30.27 6.87
N ASN B 23 -3.09 -29.29 6.79
CA ASN B 23 -2.80 -27.97 6.28
C ASN B 23 -2.66 -26.98 7.43
N LEU B 24 -1.78 -26.00 7.23
CA LEU B 24 -1.60 -24.90 8.17
C LEU B 24 -1.67 -23.62 7.36
N ILE B 25 -2.79 -22.90 7.47
CA ILE B 25 -3.14 -21.78 6.62
C ILE B 25 -2.95 -20.52 7.44
N CYS B 26 -2.13 -19.60 6.94
CA CYS B 26 -1.70 -18.46 7.74
C CYS B 26 -2.09 -17.16 7.05
N TYR B 27 -2.90 -16.37 7.73
CA TYR B 27 -3.28 -15.06 7.20
C TYR B 27 -2.22 -14.02 7.54
N PHE B 28 -1.98 -13.13 6.57
CA PHE B 28 -1.10 -11.98 6.69
C PHE B 28 -1.94 -10.75 6.38
N THR B 29 -1.78 -9.66 7.16
CA THR B 29 -2.61 -8.48 6.95
C THR B 29 -1.78 -7.31 6.42
N ASN B 30 -2.36 -6.57 5.48
CA ASN B 30 -1.64 -5.52 4.80
C ASN B 30 -1.66 -4.19 5.55
N TRP B 31 -2.18 -4.16 6.77
CA TRP B 31 -2.04 -2.99 7.63
C TRP B 31 -1.06 -3.20 8.78
N ALA B 32 -0.52 -4.41 8.94
CA ALA B 32 0.49 -4.65 9.97
C ALA B 32 1.75 -3.84 9.72
N GLN B 33 2.00 -3.45 8.46
CA GLN B 33 3.18 -2.66 8.13
C GLN B 33 3.21 -1.34 8.88
N TYR B 34 2.05 -0.82 9.26
CA TYR B 34 1.96 0.52 9.84
C TYR B 34 2.22 0.54 11.33
N ARG B 35 2.35 -0.62 11.96
CA ARG B 35 2.59 -0.66 13.40
C ARG B 35 3.98 -0.13 13.72
N PRO B 36 4.14 0.57 14.84
CA PRO B 36 5.42 1.20 15.13
C PRO B 36 6.50 0.19 15.48
N GLY B 37 7.74 0.57 15.18
CA GLY B 37 8.89 -0.15 15.68
C GLY B 37 8.86 -1.63 15.39
N LEU B 38 9.03 -2.44 16.45
CA LEU B 38 9.11 -3.89 16.31
C LEU B 38 7.79 -4.51 15.83
N GLY B 39 6.68 -3.76 15.87
CA GLY B 39 5.42 -4.31 15.41
C GLY B 39 5.26 -4.34 13.90
N SER B 40 6.05 -3.55 13.18
CA SER B 40 5.89 -3.45 11.74
C SER B 40 6.22 -4.80 11.10
N PHE B 41 5.30 -5.29 10.28
CA PHE B 41 5.42 -6.63 9.71
C PHE B 41 5.03 -6.58 8.25
N LYS B 42 5.93 -7.07 7.40
CA LYS B 42 5.73 -7.17 5.96
C LYS B 42 6.03 -8.60 5.52
N PRO B 43 5.75 -8.94 4.26
CA PRO B 43 5.85 -10.36 3.87
C PRO B 43 7.23 -10.95 4.05
N ASP B 44 8.31 -10.17 3.91
CA ASP B 44 9.63 -10.75 4.10
C ASP B 44 9.91 -11.13 5.55
N ASP B 45 9.06 -10.74 6.49
CA ASP B 45 9.17 -11.22 7.86
C ASP B 45 8.57 -12.61 8.05
N ILE B 46 7.94 -13.18 7.03
CA ILE B 46 7.33 -14.50 7.14
C ILE B 46 8.39 -15.57 6.89
N ASN B 47 8.46 -16.55 7.78
CA ASN B 47 9.27 -17.74 7.52
C ASN B 47 8.53 -18.60 6.49
N PRO B 48 9.10 -18.81 5.30
CA PRO B 48 8.34 -19.49 4.23
C PRO B 48 8.04 -20.95 4.53
N CYS B 49 8.68 -21.54 5.53
CA CYS B 49 8.52 -22.96 5.82
C CYS B 49 7.51 -23.24 6.93
N LEU B 50 6.97 -22.21 7.57
CA LEU B 50 6.10 -22.46 8.72
C LEU B 50 4.75 -23.02 8.30
N CYS B 51 4.16 -22.46 7.25
CA CYS B 51 2.80 -22.74 6.83
C CYS B 51 2.77 -23.50 5.51
N THR B 52 1.64 -24.15 5.24
CA THR B 52 1.40 -24.75 3.93
C THR B 52 0.75 -23.78 2.95
N HIS B 53 -0.06 -22.86 3.45
CA HIS B 53 -0.74 -21.86 2.64
C HIS B 53 -0.63 -20.51 3.35
N LEU B 54 -0.39 -19.45 2.59
CA LEU B 54 -0.43 -18.09 3.10
C LEU B 54 -1.57 -17.34 2.42
N ILE B 55 -2.34 -16.59 3.20
CA ILE B 55 -3.47 -15.83 2.65
C ILE B 55 -3.28 -14.35 2.93
N TYR B 56 -3.40 -13.54 1.89
CA TYR B 56 -3.19 -12.11 1.95
C TYR B 56 -4.51 -11.40 2.21
N ALA B 57 -4.61 -10.71 3.33
CA ALA B 57 -5.79 -9.95 3.72
C ALA B 57 -5.47 -8.46 3.64
N PHE B 58 -6.26 -7.69 2.89
CA PHE B 58 -7.42 -8.03 2.09
C PHE B 58 -7.33 -7.26 0.77
N ALA B 59 -8.02 -7.80 -0.24
CA ALA B 59 -8.39 -7.05 -1.43
C ALA B 59 -9.79 -6.45 -1.25
N GLY B 60 -10.10 -5.50 -2.12
CA GLY B 60 -11.40 -4.86 -2.14
C GLY B 60 -12.14 -5.07 -3.44
N MET B 61 -13.14 -4.22 -3.70
CA MET B 61 -14.00 -4.36 -4.86
C MET B 61 -14.40 -2.98 -5.32
N GLN B 62 -14.42 -2.79 -6.64
CA GLN B 62 -14.90 -1.54 -7.23
C GLN B 62 -15.57 -1.89 -8.55
N ASN B 63 -16.82 -1.42 -8.73
CA ASN B 63 -17.58 -1.72 -9.93
C ASN B 63 -17.62 -3.22 -10.21
N ASN B 64 -17.76 -4.01 -9.14
CA ASN B 64 -17.89 -5.46 -9.21
C ASN B 64 -16.62 -6.16 -9.69
N GLU B 65 -15.46 -5.52 -9.56
CA GLU B 65 -14.17 -6.14 -9.87
C GLU B 65 -13.25 -6.06 -8.67
N ILE B 66 -12.39 -7.08 -8.51
CA ILE B 66 -11.45 -7.10 -7.39
C ILE B 66 -10.42 -6.01 -7.59
N THR B 67 -9.98 -5.41 -6.48
CA THR B 67 -9.01 -4.33 -6.55
C THR B 67 -8.11 -4.35 -5.31
N THR B 68 -6.99 -3.64 -5.43
CA THR B 68 -6.12 -3.39 -4.29
C THR B 68 -6.78 -2.39 -3.33
N ILE B 69 -6.23 -2.28 -2.12
CA ILE B 69 -6.74 -1.30 -1.16
C ILE B 69 -5.64 -0.41 -0.58
N GLU B 70 -4.43 -0.95 -0.39
CA GLU B 70 -3.33 -0.16 0.14
C GLU B 70 -2.43 0.36 -0.98
N TRP B 71 -1.83 1.53 -0.74
CA TRP B 71 -0.98 2.19 -1.72
C TRP B 71 0.14 1.28 -2.23
N ASN B 72 0.66 0.38 -1.38
CA ASN B 72 1.76 -0.48 -1.78
C ASN B 72 1.37 -1.96 -1.91
N ASP B 73 0.08 -2.26 -2.13
CA ASP B 73 -0.31 -3.67 -2.27
C ASP B 73 0.47 -4.35 -3.40
N VAL B 74 0.72 -3.66 -4.52
CA VAL B 74 1.40 -4.34 -5.62
C VAL B 74 2.79 -4.77 -5.20
N THR B 75 3.50 -3.92 -4.44
CA THR B 75 4.81 -4.29 -3.91
C THR B 75 4.73 -5.45 -2.93
N LEU B 76 3.75 -5.39 -2.04
CA LEU B 76 3.61 -6.44 -1.04
C LEU B 76 3.17 -7.76 -1.67
N TYR B 77 2.32 -7.69 -2.69
CA TYR B 77 1.94 -8.90 -3.42
C TYR B 77 3.18 -9.62 -3.93
N LYS B 78 4.10 -8.87 -4.54
CA LYS B 78 5.30 -9.49 -5.12
C LYS B 78 6.16 -10.10 -4.02
N ALA B 79 6.37 -9.38 -2.92
CA ALA B 79 7.15 -9.93 -1.82
C ALA B 79 6.49 -11.17 -1.24
N PHE B 80 5.16 -11.12 -1.09
CA PHE B 80 4.39 -12.25 -0.58
C PHE B 80 4.54 -13.47 -1.46
N ASN B 81 4.27 -13.32 -2.75
CA ASN B 81 4.29 -14.47 -3.63
C ASN B 81 5.71 -14.90 -3.96
N ASP B 82 6.71 -14.02 -3.77
CA ASP B 82 8.10 -14.44 -3.89
C ASP B 82 8.52 -15.39 -2.78
N LEU B 83 7.75 -15.49 -1.68
CA LEU B 83 8.06 -16.47 -0.64
C LEU B 83 8.04 -17.89 -1.21
N LYS B 84 7.25 -18.12 -2.26
CA LYS B 84 7.20 -19.43 -2.90
C LYS B 84 8.53 -19.78 -3.57
N ASN B 85 9.38 -18.79 -3.84
CA ASN B 85 10.72 -19.06 -4.36
C ASN B 85 11.63 -19.70 -3.33
N ARG B 86 11.19 -19.81 -2.08
CA ARG B 86 11.97 -20.40 -1.00
C ARG B 86 11.27 -21.60 -0.39
N ASN B 87 10.15 -22.03 -0.97
CA ASN B 87 9.44 -23.21 -0.49
C ASN B 87 8.58 -23.70 -1.67
N SER B 88 9.04 -24.75 -2.34
CA SER B 88 8.38 -25.23 -3.55
C SER B 88 7.00 -25.80 -3.32
N LYS B 89 6.61 -26.07 -2.07
CA LYS B 89 5.30 -26.61 -1.76
C LYS B 89 4.29 -25.54 -1.35
N LEU B 90 4.75 -24.33 -1.06
CA LEU B 90 3.88 -23.29 -0.52
C LEU B 90 2.91 -22.78 -1.56
N LYS B 91 1.66 -22.55 -1.14
CA LYS B 91 0.64 -21.93 -1.96
C LYS B 91 0.21 -20.62 -1.32
N THR B 92 -0.18 -19.66 -2.14
CA THR B 92 -0.70 -18.40 -1.64
C THR B 92 -2.10 -18.14 -2.17
N LEU B 93 -2.88 -17.43 -1.38
CA LEU B 93 -4.21 -17.02 -1.79
C LEU B 93 -4.39 -15.55 -1.42
N LEU B 94 -5.31 -14.90 -2.12
CA LEU B 94 -5.71 -13.53 -1.83
C LEU B 94 -7.11 -13.53 -1.26
N ALA B 95 -7.28 -12.92 -0.09
CA ALA B 95 -8.59 -12.82 0.55
C ALA B 95 -9.26 -11.49 0.19
N ILE B 96 -10.56 -11.55 -0.08
CA ILE B 96 -11.35 -10.37 -0.37
C ILE B 96 -12.43 -10.23 0.68
N GLY B 97 -12.59 -9.00 1.19
CA GLY B 97 -13.63 -8.70 2.15
C GLY B 97 -13.07 -8.37 3.51
N GLY B 98 -13.49 -9.15 4.51
CA GLY B 98 -13.13 -8.89 5.89
C GLY B 98 -14.23 -8.15 6.61
N TRP B 99 -13.99 -7.91 7.90
CA TRP B 99 -15.03 -7.35 8.74
C TRP B 99 -15.38 -5.93 8.33
N ASN B 100 -14.37 -5.06 8.19
CA ASN B 100 -14.64 -3.65 7.91
C ASN B 100 -15.31 -3.46 6.56
N PHE B 101 -15.00 -4.33 5.60
CA PHE B 101 -15.53 -4.24 4.25
C PHE B 101 -17.05 -4.26 4.23
N GLY B 102 -17.68 -4.94 5.18
CA GLY B 102 -19.12 -5.03 5.18
C GLY B 102 -19.69 -5.93 4.09
N THR B 103 -20.97 -5.71 3.78
CA THR B 103 -21.69 -6.60 2.89
C THR B 103 -22.17 -5.96 1.60
N ALA B 104 -22.33 -4.64 1.54
CA ALA B 104 -22.98 -4.02 0.40
C ALA B 104 -22.36 -4.38 -0.93
N PRO B 105 -21.04 -4.31 -1.12
CA PRO B 105 -20.48 -4.65 -2.44
C PRO B 105 -20.69 -6.11 -2.81
N PHE B 106 -20.68 -7.01 -1.83
CA PHE B 106 -20.94 -8.42 -2.12
C PHE B 106 -22.38 -8.60 -2.56
N THR B 107 -23.33 -7.98 -1.85
CA THR B 107 -24.74 -8.12 -2.21
C THR B 107 -24.99 -7.68 -3.64
N THR B 108 -24.45 -6.52 -4.02
CA THR B 108 -24.62 -6.06 -5.40
C THR B 108 -23.96 -7.02 -6.37
N MET B 109 -22.76 -7.50 -6.05
CA MET B 109 -22.04 -8.33 -7.01
C MET B 109 -22.75 -9.65 -7.27
N VAL B 110 -23.33 -10.28 -6.24
CA VAL B 110 -23.94 -11.59 -6.49
C VAL B 110 -25.37 -11.47 -6.98
N SER B 111 -25.92 -10.26 -7.02
CA SER B 111 -27.35 -10.09 -7.27
C SER B 111 -27.75 -10.50 -8.68
N THR B 112 -26.82 -10.41 -9.65
CA THR B 112 -27.11 -10.79 -11.02
C THR B 112 -25.99 -11.64 -11.59
N SER B 113 -26.38 -12.53 -12.52
CA SER B 113 -25.41 -13.34 -13.25
C SER B 113 -24.34 -12.46 -13.89
N GLN B 114 -24.75 -11.29 -14.39
CA GLN B 114 -23.82 -10.41 -15.07
C GLN B 114 -22.77 -9.85 -14.11
N ASN B 115 -23.19 -9.48 -12.91
CA ASN B 115 -22.24 -8.92 -11.96
C ASN B 115 -21.27 -10.00 -11.46
N ARG B 116 -21.77 -11.23 -11.26
CA ARG B 116 -20.89 -12.32 -10.85
C ARG B 116 -19.86 -12.64 -11.92
N GLN B 117 -20.27 -12.60 -13.20
CA GLN B 117 -19.32 -12.90 -14.26
C GLN B 117 -18.27 -11.79 -14.38
N THR B 118 -18.70 -10.53 -14.26
CA THR B 118 -17.76 -9.43 -14.18
C THR B 118 -16.72 -9.66 -13.08
N PHE B 119 -17.19 -10.10 -11.91
CA PHE B 119 -16.29 -10.31 -10.77
C PHE B 119 -15.36 -11.48 -11.04
N ILE B 120 -15.90 -12.64 -11.42
CA ILE B 120 -15.08 -13.83 -11.62
C ILE B 120 -14.00 -13.58 -12.67
N THR B 121 -14.39 -12.95 -13.78
CA THR B 121 -13.41 -12.62 -14.81
C THR B 121 -12.28 -11.76 -14.25
N SER B 122 -12.63 -10.73 -13.47
CA SER B 122 -11.60 -9.87 -12.87
C SER B 122 -10.70 -10.65 -11.92
N VAL B 123 -11.25 -11.64 -11.22
CA VAL B 123 -10.47 -12.37 -10.23
C VAL B 123 -9.42 -13.25 -10.90
N ILE B 124 -9.80 -13.98 -11.95
CA ILE B 124 -8.84 -14.81 -12.66
C ILE B 124 -7.67 -13.97 -13.16
N LYS B 125 -7.98 -12.83 -13.79
CA LYS B 125 -6.93 -11.97 -14.32
C LYS B 125 -6.03 -11.46 -13.21
N PHE B 126 -6.64 -11.04 -12.10
CA PHE B 126 -5.91 -10.43 -10.99
C PHE B 126 -4.99 -11.43 -10.31
N LEU B 127 -5.51 -12.62 -9.99
CA LEU B 127 -4.69 -13.61 -9.32
C LEU B 127 -3.51 -14.04 -10.20
N ARG B 128 -3.76 -14.22 -11.50
CA ARG B 128 -2.68 -14.65 -12.39
C ARG B 128 -1.68 -13.52 -12.63
N GLN B 129 -2.16 -12.28 -12.70
CA GLN B 129 -1.24 -11.16 -12.89
C GLN B 129 -0.27 -11.05 -11.73
N TYR B 130 -0.75 -11.19 -10.51
CA TYR B 130 0.05 -10.85 -9.34
C TYR B 130 0.64 -12.06 -8.63
N GLY B 131 0.33 -13.28 -9.06
CA GLY B 131 1.06 -14.45 -8.62
C GLY B 131 0.42 -15.29 -7.54
N PHE B 132 -0.89 -15.17 -7.35
CA PHE B 132 -1.62 -15.91 -6.33
C PHE B 132 -2.16 -17.23 -6.88
N ASP B 133 -2.31 -18.19 -5.98
CA ASP B 133 -2.79 -19.52 -6.33
C ASP B 133 -4.27 -19.72 -6.02
N GLY B 134 -4.98 -18.68 -5.60
CA GLY B 134 -6.38 -18.85 -5.29
C GLY B 134 -6.97 -17.62 -4.63
N LEU B 135 -8.30 -17.70 -4.43
CA LEU B 135 -9.07 -16.65 -3.79
C LEU B 135 -9.74 -17.19 -2.53
N ASP B 136 -9.64 -16.43 -1.43
CA ASP B 136 -10.35 -16.70 -0.18
C ASP B 136 -11.47 -15.67 -0.07
N LEU B 137 -12.71 -16.14 -0.14
CA LEU B 137 -13.87 -15.27 0.02
C LEU B 137 -14.13 -15.05 1.50
N ASP B 138 -14.09 -13.80 1.94
N ASP B 138 -14.08 -13.81 1.95
CA ASP B 138 -14.30 -13.47 3.34
CA ASP B 138 -14.31 -13.50 3.37
C ASP B 138 -15.45 -12.48 3.48
C ASP B 138 -15.44 -12.48 3.48
N TRP B 139 -16.63 -12.87 3.01
CA TRP B 139 -17.83 -12.04 3.13
C TRP B 139 -18.42 -12.25 4.51
N GLU B 140 -18.50 -11.17 5.30
CA GLU B 140 -19.02 -11.23 6.66
C GLU B 140 -20.27 -10.36 6.76
N TYR B 141 -21.44 -10.97 6.51
CA TYR B 141 -21.69 -12.34 6.12
C TYR B 141 -22.88 -12.31 5.16
N PRO B 142 -23.00 -13.31 4.30
CA PRO B 142 -24.24 -13.45 3.52
C PRO B 142 -25.43 -13.55 4.47
N GLY B 143 -26.47 -12.77 4.18
CA GLY B 143 -27.69 -12.82 4.95
C GLY B 143 -27.68 -12.07 6.26
N SER B 144 -26.58 -11.43 6.62
CA SER B 144 -26.48 -10.68 7.86
C SER B 144 -25.87 -9.32 7.60
N ARG B 145 -25.85 -8.47 8.63
CA ARG B 145 -25.16 -7.18 8.57
C ARG B 145 -25.62 -6.38 7.34
N GLY B 146 -26.92 -6.41 7.07
CA GLY B 146 -27.49 -5.67 5.97
C GLY B 146 -27.70 -6.46 4.70
N SER B 147 -27.13 -7.65 4.60
CA SER B 147 -27.28 -8.49 3.42
C SER B 147 -28.64 -9.19 3.43
N PRO B 148 -29.40 -9.12 2.34
CA PRO B 148 -30.77 -9.67 2.36
C PRO B 148 -30.78 -11.19 2.30
N PRO B 149 -31.92 -11.81 2.59
CA PRO B 149 -31.96 -13.28 2.75
C PRO B 149 -31.59 -14.04 1.51
N GLN B 150 -31.80 -13.48 0.32
CA GLN B 150 -31.49 -14.21 -0.91
C GLN B 150 -29.99 -14.44 -1.08
N ASP B 151 -29.16 -13.71 -0.33
CA ASP B 151 -27.73 -13.85 -0.47
C ASP B 151 -27.22 -15.18 0.05
N LYS B 152 -28.00 -15.87 0.90
CA LYS B 152 -27.61 -17.21 1.31
C LYS B 152 -27.48 -18.13 0.11
N HIS B 153 -28.50 -18.16 -0.76
CA HIS B 153 -28.42 -18.99 -1.95
C HIS B 153 -27.47 -18.39 -2.98
N LEU B 154 -27.48 -17.07 -3.13
CA LEU B 154 -26.63 -16.46 -4.16
C LEU B 154 -25.15 -16.61 -3.82
N PHE B 155 -24.81 -16.73 -2.54
CA PHE B 155 -23.41 -17.05 -2.20
C PHE B 155 -23.02 -18.41 -2.76
N THR B 156 -23.89 -19.41 -2.60
CA THR B 156 -23.63 -20.72 -3.18
C THR B 156 -23.45 -20.64 -4.69
N VAL B 157 -24.31 -19.87 -5.35
CA VAL B 157 -24.22 -19.74 -6.81
C VAL B 157 -22.88 -19.13 -7.20
N LEU B 158 -22.45 -18.08 -6.49
CA LEU B 158 -21.16 -17.46 -6.75
C LEU B 158 -20.04 -18.48 -6.64
N VAL B 159 -20.04 -19.26 -5.57
CA VAL B 159 -18.95 -20.20 -5.34
C VAL B 159 -18.95 -21.29 -6.40
N LYS B 160 -20.13 -21.78 -6.77
CA LYS B 160 -20.23 -22.79 -7.83
C LYS B 160 -19.67 -22.24 -9.14
N GLU B 161 -20.09 -21.04 -9.52
CA GLU B 161 -19.63 -20.44 -10.78
C GLU B 161 -18.14 -20.15 -10.74
N MET B 162 -17.62 -19.74 -9.57
N MET B 162 -17.61 -19.74 -9.58
CA MET B 162 -16.19 -19.48 -9.45
CA MET B 162 -16.18 -19.48 -9.50
C MET B 162 -15.39 -20.76 -9.56
C MET B 162 -15.38 -20.77 -9.57
N ARG B 163 -15.83 -21.82 -8.87
CA ARG B 163 -15.16 -23.10 -8.97
C ARG B 163 -15.14 -23.60 -10.42
N GLU B 164 -16.28 -23.48 -11.11
CA GLU B 164 -16.34 -23.92 -12.50
C GLU B 164 -15.41 -23.10 -13.37
N ALA B 165 -15.39 -21.79 -13.17
CA ALA B 165 -14.50 -20.94 -13.96
C ALA B 165 -13.04 -21.28 -13.70
N PHE B 166 -12.69 -21.56 -12.44
CA PHE B 166 -11.32 -21.92 -12.13
C PHE B 166 -10.95 -23.26 -12.75
N GLU B 167 -11.87 -24.24 -12.70
CA GLU B 167 -11.60 -25.53 -13.32
C GLU B 167 -11.31 -25.36 -14.81
N GLN B 168 -12.09 -24.53 -15.49
CA GLN B 168 -11.90 -24.36 -16.92
C GLN B 168 -10.59 -23.64 -17.23
N GLU B 169 -10.27 -22.59 -16.45
CA GLU B 169 -9.04 -21.84 -16.70
C GLU B 169 -7.81 -22.71 -16.53
N ALA B 170 -7.83 -23.62 -15.55
CA ALA B 170 -6.67 -24.46 -15.30
C ALA B 170 -6.36 -25.35 -16.50
N ILE B 171 -7.40 -25.96 -17.07
CA ILE B 171 -7.17 -26.87 -18.19
C ILE B 171 -6.81 -26.08 -19.44
N GLU B 172 -7.41 -24.91 -19.63
CA GLU B 172 -7.05 -24.08 -20.77
C GLU B 172 -5.59 -23.62 -20.66
N SER B 173 -5.15 -23.25 -19.46
CA SER B 173 -3.87 -22.58 -19.29
C SER B 173 -2.71 -23.51 -18.97
N ASN B 174 -2.96 -24.79 -18.74
CA ASN B 174 -1.90 -25.75 -18.40
C ASN B 174 -1.27 -25.45 -17.04
N ARG B 175 -2.03 -24.82 -16.14
CA ARG B 175 -1.48 -24.46 -14.85
C ARG B 175 -2.27 -25.13 -13.74
N PRO B 176 -1.65 -25.35 -12.58
CA PRO B 176 -2.41 -25.81 -11.41
C PRO B 176 -3.63 -24.92 -11.20
N ARG B 177 -4.75 -25.57 -10.89
CA ARG B 177 -6.01 -24.86 -10.75
C ARG B 177 -5.99 -23.88 -9.58
N LEU B 178 -6.52 -22.69 -9.81
CA LEU B 178 -6.74 -21.73 -8.75
C LEU B 178 -7.70 -22.32 -7.72
N MET B 179 -7.38 -22.13 -6.44
CA MET B 179 -8.23 -22.57 -5.35
C MET B 179 -9.32 -21.54 -5.07
N VAL B 180 -10.47 -22.02 -4.63
CA VAL B 180 -11.50 -21.15 -4.08
C VAL B 180 -11.83 -21.65 -2.67
N THR B 181 -11.59 -20.80 -1.68
CA THR B 181 -11.84 -21.08 -0.28
C THR B 181 -12.73 -19.98 0.28
N ALA B 182 -13.19 -20.18 1.51
CA ALA B 182 -14.00 -19.16 2.16
C ALA B 182 -13.77 -19.20 3.66
N ALA B 183 -13.64 -18.01 4.26
CA ALA B 183 -13.72 -17.85 5.70
C ALA B 183 -15.18 -17.70 6.08
N VAL B 184 -15.64 -18.53 7.01
CA VAL B 184 -17.07 -18.61 7.30
C VAL B 184 -17.32 -18.37 8.78
N ALA B 185 -18.54 -17.93 9.08
CA ALA B 185 -18.90 -17.53 10.42
C ALA B 185 -18.81 -18.67 11.42
N GLY B 186 -18.51 -18.31 12.66
CA GLY B 186 -18.59 -19.25 13.76
C GLY B 186 -19.80 -19.06 14.66
N GLY B 187 -20.59 -18.00 14.45
CA GLY B 187 -21.80 -17.80 15.22
C GLY B 187 -22.99 -18.47 14.55
N ILE B 188 -23.75 -19.24 15.34
CA ILE B 188 -24.78 -20.10 14.76
C ILE B 188 -25.83 -19.28 14.02
N SER B 189 -26.25 -18.15 14.60
CA SER B 189 -27.25 -17.33 13.92
C SER B 189 -26.76 -16.88 12.55
N ASN B 190 -25.49 -16.47 12.46
CA ASN B 190 -24.94 -16.07 11.18
C ASN B 190 -24.79 -17.25 10.23
N ILE B 191 -24.48 -18.43 10.76
CA ILE B 191 -24.34 -19.62 9.91
C ILE B 191 -25.69 -19.97 9.29
N GLN B 192 -26.74 -19.98 10.11
CA GLN B 192 -28.07 -20.35 9.64
C GLN B 192 -28.60 -19.36 8.62
N ALA B 193 -28.26 -18.08 8.77
CA ALA B 193 -28.73 -17.08 7.82
C ALA B 193 -27.87 -17.00 6.57
N GLY B 194 -26.68 -17.60 6.55
CA GLY B 194 -25.74 -17.33 5.48
C GLY B 194 -25.37 -18.44 4.53
N TYR B 195 -25.42 -19.71 4.95
CA TYR B 195 -24.72 -20.77 4.24
C TYR B 195 -25.60 -21.99 3.97
N GLU B 196 -25.63 -22.41 2.71
CA GLU B 196 -26.20 -23.68 2.29
C GLU B 196 -25.07 -24.71 2.38
N ILE B 197 -24.88 -25.27 3.58
CA ILE B 197 -23.64 -25.98 3.87
C ILE B 197 -23.40 -27.17 2.96
N PRO B 198 -24.38 -28.06 2.72
CA PRO B 198 -24.07 -29.24 1.89
C PRO B 198 -23.63 -28.89 0.48
N GLU B 199 -24.32 -27.95 -0.18
CA GLU B 199 -23.96 -27.60 -1.55
C GLU B 199 -22.70 -26.75 -1.59
N LEU B 200 -22.63 -25.73 -0.75
CA LEU B 200 -21.43 -24.91 -0.65
C LEU B 200 -20.19 -25.77 -0.42
N SER B 201 -20.28 -26.76 0.46
CA SER B 201 -19.10 -27.55 0.80
C SER B 201 -18.62 -28.39 -0.36
N LYS B 202 -19.46 -28.64 -1.37
CA LYS B 202 -19.01 -29.41 -2.53
C LYS B 202 -18.07 -28.61 -3.41
N TYR B 203 -18.23 -27.30 -3.47
CA TYR B 203 -17.49 -26.48 -4.42
C TYR B 203 -16.30 -25.75 -3.80
N LEU B 204 -16.33 -25.42 -2.52
CA LEU B 204 -15.16 -24.88 -1.85
C LEU B 204 -14.05 -25.93 -1.74
N ASP B 205 -12.80 -25.48 -1.90
CA ASP B 205 -11.65 -26.34 -1.65
C ASP B 205 -11.38 -26.50 -0.16
N PHE B 206 -11.48 -25.41 0.60
CA PHE B 206 -11.35 -25.45 2.05
C PHE B 206 -12.36 -24.50 2.66
N ILE B 207 -12.74 -24.79 3.89
CA ILE B 207 -13.71 -24.02 4.65
C ILE B 207 -12.98 -23.55 5.90
N HIS B 208 -12.66 -22.26 5.95
CA HIS B 208 -11.88 -21.69 7.06
C HIS B 208 -12.87 -21.20 8.11
N VAL B 209 -13.13 -22.01 9.13
CA VAL B 209 -14.15 -21.66 10.11
C VAL B 209 -13.57 -20.69 11.15
N MET B 210 -14.19 -19.52 11.29
CA MET B 210 -13.68 -18.47 12.18
C MET B 210 -14.13 -18.76 13.61
N THR B 211 -13.51 -19.79 14.18
CA THR B 211 -13.78 -20.22 15.55
C THR B 211 -13.01 -19.33 16.53
N TYR B 212 -13.27 -18.03 16.42
CA TYR B 212 -12.74 -17.03 17.34
C TYR B 212 -13.71 -15.86 17.37
N ASP B 213 -13.38 -14.85 18.17
CA ASP B 213 -14.32 -13.77 18.46
C ASP B 213 -15.64 -14.33 19.00
N LEU B 214 -15.56 -15.44 19.72
CA LEU B 214 -16.77 -16.06 20.26
C LEU B 214 -17.29 -15.31 21.48
N HIS B 215 -16.41 -14.55 22.15
CA HIS B 215 -16.74 -13.64 23.23
C HIS B 215 -15.89 -12.38 23.05
N GLY B 216 -16.37 -11.26 23.59
CA GLY B 216 -15.65 -10.01 23.48
C GLY B 216 -16.42 -8.92 24.22
N SER B 217 -15.81 -7.73 24.24
CA SER B 217 -16.36 -6.62 25.04
C SER B 217 -17.77 -6.23 24.60
N TRP B 218 -18.14 -6.55 23.36
CA TRP B 218 -19.49 -6.25 22.90
C TRP B 218 -20.55 -6.90 23.78
N GLU B 219 -20.21 -7.98 24.48
CA GLU B 219 -21.20 -8.66 25.31
C GLU B 219 -21.41 -8.01 26.66
N GLY B 220 -20.47 -7.18 27.12
CA GLY B 220 -20.61 -6.57 28.42
C GLY B 220 -20.21 -7.44 29.58
N TYR B 221 -19.57 -8.57 29.33
CA TYR B 221 -18.97 -9.36 30.38
C TYR B 221 -17.82 -10.16 29.81
N THR B 222 -16.96 -10.65 30.69
CA THR B 222 -15.76 -11.33 30.24
C THR B 222 -16.08 -12.70 29.68
N GLY B 223 -15.25 -13.13 28.75
CA GLY B 223 -15.36 -14.45 28.15
C GLY B 223 -14.18 -14.70 27.26
N GLU B 224 -14.02 -15.97 26.88
CA GLU B 224 -12.86 -16.40 26.12
C GLU B 224 -13.04 -16.18 24.63
N ASN B 225 -11.92 -15.91 23.96
CA ASN B 225 -11.95 -15.64 22.53
C ASN B 225 -12.24 -16.91 21.74
N SER B 226 -11.59 -18.01 22.10
CA SER B 226 -11.66 -19.26 21.34
C SER B 226 -11.63 -20.44 22.30
N PRO B 227 -12.61 -20.52 23.20
CA PRO B 227 -12.68 -21.69 24.10
C PRO B 227 -13.01 -22.96 23.33
N LEU B 228 -12.38 -24.06 23.73
CA LEU B 228 -12.63 -25.33 23.05
C LEU B 228 -14.01 -25.88 23.42
N TYR B 229 -14.39 -25.76 24.69
CA TYR B 229 -15.64 -26.32 25.19
C TYR B 229 -16.45 -25.23 25.89
N LYS B 230 -17.73 -25.52 26.12
CA LYS B 230 -18.59 -24.56 26.82
C LYS B 230 -18.17 -24.41 28.28
N TYR B 231 -18.46 -23.24 28.84
CA TYR B 231 -18.29 -22.97 30.25
C TYR B 231 -19.48 -23.58 31.02
N PRO B 232 -19.25 -24.08 32.23
CA PRO B 232 -20.32 -24.85 32.90
C PRO B 232 -21.61 -24.07 33.19
N THR B 233 -21.57 -22.73 33.22
CA THR B 233 -22.76 -21.93 33.50
C THR B 233 -23.52 -21.51 32.24
N GLU B 234 -23.01 -21.84 31.06
CA GLU B 234 -23.59 -21.32 29.83
C GLU B 234 -24.79 -22.15 29.41
N THR B 235 -25.89 -21.47 29.13
CA THR B 235 -27.13 -22.13 28.74
C THR B 235 -27.69 -21.46 27.50
N GLY B 236 -28.64 -22.14 26.88
CA GLY B 236 -29.26 -21.59 25.69
C GLY B 236 -28.23 -21.41 24.61
N SER B 237 -28.36 -20.30 23.88
CA SER B 237 -27.44 -20.03 22.77
C SER B 237 -26.03 -19.75 23.24
N ASN B 238 -25.83 -19.43 24.52
CA ASN B 238 -24.45 -19.23 24.98
C ASN B 238 -23.66 -20.53 24.97
N ALA B 239 -24.33 -21.68 24.99
CA ALA B 239 -23.66 -22.98 24.91
C ALA B 239 -23.13 -23.31 23.52
N TYR B 240 -23.45 -22.50 22.50
CA TYR B 240 -22.89 -22.68 21.17
C TYR B 240 -21.51 -22.06 21.00
N LEU B 241 -21.06 -21.25 21.96
CA LEU B 241 -19.94 -20.35 21.77
C LEU B 241 -18.62 -21.02 22.15
N ASN B 242 -18.30 -22.09 21.43
CA ASN B 242 -17.06 -22.83 21.66
C ASN B 242 -16.70 -23.58 20.38
N VAL B 243 -15.40 -23.87 20.24
CA VAL B 243 -14.87 -24.46 19.01
C VAL B 243 -15.52 -25.81 18.74
N ASP B 244 -15.65 -26.64 19.77
CA ASP B 244 -16.21 -27.98 19.62
C ASP B 244 -17.58 -27.92 18.97
N TYR B 245 -18.46 -27.08 19.52
CA TYR B 245 -19.82 -27.00 18.97
C TYR B 245 -19.81 -26.46 17.55
N VAL B 246 -19.01 -25.44 17.29
CA VAL B 246 -19.06 -24.77 15.98
C VAL B 246 -18.55 -25.71 14.90
N MET B 247 -17.40 -26.35 15.13
CA MET B 247 -16.86 -27.26 14.12
C MET B 247 -17.80 -28.42 13.88
N ASN B 248 -18.39 -28.97 14.94
CA ASN B 248 -19.32 -30.09 14.77
C ASN B 248 -20.63 -29.65 14.13
N TYR B 249 -21.05 -28.39 14.34
CA TYR B 249 -22.20 -27.87 13.60
C TYR B 249 -21.93 -27.93 12.10
N TRP B 250 -20.77 -27.43 11.67
CA TRP B 250 -20.42 -27.45 10.24
C TRP B 250 -20.36 -28.87 9.72
N LYS B 251 -19.67 -29.75 10.45
CA LYS B 251 -19.47 -31.12 10.00
C LYS B 251 -20.82 -31.85 9.88
N ASN B 252 -21.66 -31.74 10.90
CA ASN B 252 -22.89 -32.50 10.93
C ASN B 252 -24.00 -31.89 10.10
N ASN B 253 -23.78 -30.72 9.51
CA ASN B 253 -24.75 -30.14 8.59
C ASN B 253 -24.27 -30.16 7.15
N GLY B 254 -23.23 -30.93 6.85
CA GLY B 254 -22.93 -31.23 5.46
C GLY B 254 -21.50 -31.02 5.02
N ALA B 255 -20.66 -30.44 5.88
CA ALA B 255 -19.30 -30.15 5.42
C ALA B 255 -18.37 -31.31 5.73
N PRO B 256 -17.59 -31.79 4.75
CA PRO B 256 -16.65 -32.88 5.05
C PRO B 256 -15.58 -32.44 6.03
N ALA B 257 -15.25 -33.33 6.97
CA ALA B 257 -14.22 -33.02 7.96
C ALA B 257 -12.92 -32.61 7.29
N GLU B 258 -12.58 -33.25 6.17
CA GLU B 258 -11.29 -33.02 5.53
C GLU B 258 -11.17 -31.64 4.90
N LYS B 259 -12.28 -30.97 4.62
CA LYS B 259 -12.26 -29.61 4.10
C LYS B 259 -12.37 -28.56 5.18
N LEU B 260 -12.73 -28.97 6.40
CA LEU B 260 -12.94 -28.04 7.48
C LEU B 260 -11.61 -27.70 8.14
N ILE B 261 -11.34 -26.40 8.28
CA ILE B 261 -10.11 -25.87 8.84
C ILE B 261 -10.50 -25.09 10.09
N VAL B 262 -9.85 -25.41 11.22
CA VAL B 262 -10.18 -24.80 12.50
C VAL B 262 -9.44 -23.48 12.65
N GLY B 263 -10.17 -22.45 13.07
CA GLY B 263 -9.58 -21.13 13.25
C GLY B 263 -8.87 -21.00 14.59
N PHE B 264 -7.63 -20.52 14.56
CA PHE B 264 -6.79 -20.32 15.73
C PHE B 264 -6.45 -18.84 15.82
N PRO B 265 -6.81 -18.13 16.87
CA PRO B 265 -6.42 -16.72 16.98
C PRO B 265 -5.07 -16.52 17.65
N GLU B 266 -4.20 -15.71 17.07
CA GLU B 266 -2.93 -15.33 17.69
C GLU B 266 -3.03 -13.95 18.34
N TYR B 267 -4.22 -13.62 18.82
CA TYR B 267 -4.51 -12.41 19.58
C TYR B 267 -5.50 -12.81 20.67
N GLY B 268 -5.71 -11.91 21.64
CA GLY B 268 -6.75 -12.10 22.62
C GLY B 268 -7.63 -10.87 22.69
N HIS B 269 -8.81 -11.03 23.28
CA HIS B 269 -9.72 -9.90 23.47
C HIS B 269 -9.54 -9.31 24.86
N THR B 270 -9.62 -7.99 24.92
CA THR B 270 -9.43 -7.23 26.14
C THR B 270 -10.75 -6.62 26.58
N PHE B 271 -10.83 -6.38 27.88
CA PHE B 271 -12.03 -5.87 28.52
C PHE B 271 -11.61 -4.94 29.65
N ILE B 272 -12.51 -4.02 30.01
CA ILE B 272 -12.38 -3.22 31.23
C ILE B 272 -13.41 -3.74 32.23
N LEU B 273 -12.93 -4.27 33.36
CA LEU B 273 -13.83 -4.78 34.39
C LEU B 273 -14.57 -3.64 35.08
N ARG B 274 -15.84 -3.89 35.43
CA ARG B 274 -16.58 -2.93 36.23
C ARG B 274 -16.06 -2.88 37.66
N ASN B 275 -15.69 -4.03 38.22
CA ASN B 275 -15.14 -4.12 39.57
C ASN B 275 -13.91 -5.02 39.51
N PRO B 276 -12.72 -4.54 39.83
CA PRO B 276 -11.52 -5.38 39.68
C PRO B 276 -11.55 -6.65 40.52
N SER B 277 -12.31 -6.70 41.60
CA SER B 277 -12.37 -7.93 42.38
C SER B 277 -13.29 -8.97 41.77
N ASP B 278 -14.10 -8.59 40.77
CA ASP B 278 -15.01 -9.49 40.06
C ASP B 278 -14.33 -9.77 38.73
N ASN B 279 -13.52 -10.85 38.69
CA ASN B 279 -12.55 -11.00 37.60
C ASN B 279 -12.48 -12.41 37.04
N GLY B 280 -13.52 -13.21 37.22
CA GLY B 280 -13.62 -14.51 36.60
C GLY B 280 -14.25 -14.41 35.23
N ILE B 281 -14.58 -15.58 34.68
CA ILE B 281 -15.39 -15.68 33.48
C ILE B 281 -16.80 -15.17 33.76
N GLY B 282 -17.34 -14.38 32.84
CA GLY B 282 -18.68 -13.86 32.98
C GLY B 282 -18.81 -12.66 33.89
N ALA B 283 -17.70 -12.02 34.23
CA ALA B 283 -17.76 -10.84 35.10
C ALA B 283 -18.12 -9.60 34.28
N PRO B 284 -18.88 -8.67 34.86
CA PRO B 284 -19.31 -7.50 34.10
C PRO B 284 -18.16 -6.60 33.70
N THR B 285 -18.27 -6.04 32.50
CA THR B 285 -17.29 -5.15 31.92
C THR B 285 -18.02 -3.90 31.41
N SER B 286 -17.23 -2.88 31.10
N SER B 286 -17.26 -2.87 31.10
CA SER B 286 -17.78 -1.59 30.70
CA SER B 286 -17.82 -1.60 30.69
C SER B 286 -17.01 -1.05 29.50
C SER B 286 -17.04 -1.03 29.53
N GLY B 287 -17.73 -0.81 28.41
CA GLY B 287 -17.14 -0.11 27.29
C GLY B 287 -16.17 -0.96 26.50
N ASP B 288 -15.39 -0.26 25.67
CA ASP B 288 -14.38 -0.91 24.86
C ASP B 288 -13.18 -1.32 25.71
N GLY B 289 -12.56 -2.42 25.32
CA GLY B 289 -11.36 -2.86 26.00
C GLY B 289 -10.18 -1.99 25.64
N PRO B 290 -9.10 -2.12 26.42
CA PRO B 290 -7.88 -1.37 26.11
C PRO B 290 -7.26 -1.81 24.79
N ALA B 291 -6.50 -0.88 24.20
CA ALA B 291 -5.69 -1.14 23.02
C ALA B 291 -4.27 -1.52 23.44
N GLY B 292 -3.52 -2.05 22.48
CA GLY B 292 -2.12 -2.33 22.69
C GLY B 292 -1.25 -1.25 22.09
N PRO B 293 0.00 -1.17 22.54
CA PRO B 293 0.89 -0.09 22.05
C PRO B 293 1.34 -0.25 20.60
N TYR B 294 1.31 -1.47 20.05
CA TYR B 294 1.68 -1.72 18.67
C TYR B 294 0.48 -1.87 17.74
N THR B 295 -0.54 -2.61 18.15
CA THR B 295 -1.70 -2.84 17.29
C THR B 295 -2.68 -1.67 17.33
N ARG B 296 -2.77 -0.98 18.48
CA ARG B 296 -3.40 0.33 18.62
C ARG B 296 -4.88 0.31 18.20
N GLN B 297 -5.58 -0.75 18.58
CA GLN B 297 -7.01 -0.85 18.36
C GLN B 297 -7.68 -1.35 19.63
N ALA B 298 -8.64 -0.58 20.13
CA ALA B 298 -9.32 -0.97 21.37
C ALA B 298 -9.95 -2.36 21.19
N GLY B 299 -9.74 -3.22 22.19
CA GLY B 299 -10.43 -4.48 22.26
C GLY B 299 -9.60 -5.71 22.01
N PHE B 300 -8.37 -5.58 21.51
CA PHE B 300 -7.53 -6.77 21.35
C PHE B 300 -6.06 -6.45 21.49
N TRP B 301 -5.31 -7.49 21.86
CA TRP B 301 -3.85 -7.44 21.91
C TRP B 301 -3.28 -8.60 21.10
N ALA B 302 -2.20 -8.33 20.37
CA ALA B 302 -1.42 -9.38 19.74
C ALA B 302 -0.77 -10.26 20.80
N TYR B 303 -0.39 -11.48 20.39
CA TYR B 303 0.26 -12.36 21.35
C TYR B 303 1.52 -11.72 21.92
N TYR B 304 2.30 -11.01 21.10
CA TYR B 304 3.52 -10.40 21.66
C TYR B 304 3.17 -9.32 22.68
N GLU B 305 2.07 -8.58 22.47
CA GLU B 305 1.62 -7.63 23.48
C GLU B 305 1.12 -8.31 24.73
N ILE B 306 0.44 -9.45 24.58
CA ILE B 306 -0.01 -10.22 25.73
C ILE B 306 1.16 -10.62 26.60
N CYS B 307 2.27 -11.04 25.97
CA CYS B 307 3.43 -11.46 26.74
C CYS B 307 3.96 -10.33 27.61
N THR B 308 3.92 -9.09 27.09
CA THR B 308 4.32 -7.94 27.88
C THR B 308 3.36 -7.72 29.04
N PHE B 309 2.05 -7.85 28.79
CA PHE B 309 1.06 -7.77 29.87
C PHE B 309 1.34 -8.80 30.96
N LEU B 310 1.67 -10.03 30.56
CA LEU B 310 1.90 -11.06 31.56
C LEU B 310 3.12 -10.76 32.42
N ARG B 311 4.01 -9.92 31.93
CA ARG B 311 5.17 -9.48 32.68
C ARG B 311 4.93 -8.18 33.43
N SER B 312 3.71 -7.64 33.39
N SER B 312 3.71 -7.66 33.39
CA SER B 312 3.40 -6.36 34.00
CA SER B 312 3.39 -6.37 33.99
C SER B 312 2.65 -6.49 35.32
C SER B 312 2.69 -6.49 35.34
N GLY B 313 2.68 -7.67 35.94
CA GLY B 313 1.98 -7.89 37.19
C GLY B 313 0.64 -8.58 37.06
N ALA B 314 0.33 -9.13 35.90
CA ALA B 314 -0.96 -9.76 35.68
C ALA B 314 -1.06 -11.11 36.37
N THR B 315 -2.27 -11.46 36.76
CA THR B 315 -2.58 -12.78 37.29
C THR B 315 -3.06 -13.65 36.14
N GLU B 316 -2.42 -14.79 35.93
CA GLU B 316 -2.77 -15.73 34.87
C GLU B 316 -3.57 -16.88 35.47
N VAL B 317 -4.67 -17.24 34.81
CA VAL B 317 -5.55 -18.31 35.26
C VAL B 317 -5.73 -19.28 34.10
N TRP B 318 -5.75 -20.57 34.38
CA TRP B 318 -6.13 -21.57 33.40
C TRP B 318 -7.62 -21.89 33.58
N ASP B 319 -8.40 -21.61 32.55
CA ASP B 319 -9.83 -21.90 32.48
C ASP B 319 -9.94 -23.37 32.10
N ALA B 320 -9.99 -24.24 33.11
CA ALA B 320 -9.80 -25.66 32.91
C ALA B 320 -10.94 -26.29 32.10
N SER B 321 -12.17 -25.80 32.28
CA SER B 321 -13.28 -26.36 31.54
C SER B 321 -13.16 -26.09 30.04
N GLN B 322 -12.57 -24.96 29.67
CA GLN B 322 -12.55 -24.55 28.27
C GLN B 322 -11.19 -24.68 27.61
N GLU B 323 -10.16 -25.05 28.38
CA GLU B 323 -8.82 -25.34 27.86
C GLU B 323 -8.15 -24.12 27.24
N VAL B 324 -8.35 -22.97 27.87
CA VAL B 324 -7.71 -21.72 27.45
C VAL B 324 -7.35 -20.89 28.67
N PRO B 325 -6.37 -20.00 28.53
CA PRO B 325 -5.98 -19.12 29.63
C PRO B 325 -6.77 -17.82 29.64
N TYR B 326 -6.80 -17.18 30.80
CA TYR B 326 -7.13 -15.76 30.86
C TYR B 326 -6.22 -15.09 31.87
N ALA B 327 -6.23 -13.76 31.86
CA ALA B 327 -5.35 -13.01 32.75
C ALA B 327 -5.96 -11.65 33.02
N TYR B 328 -5.57 -11.07 34.16
CA TYR B 328 -6.11 -9.77 34.50
C TYR B 328 -5.12 -9.00 35.35
N LYS B 329 -5.26 -7.67 35.29
CA LYS B 329 -4.46 -6.78 36.12
C LYS B 329 -5.26 -5.49 36.29
N ALA B 330 -5.57 -5.15 37.53
CA ALA B 330 -6.36 -3.96 37.88
C ALA B 330 -7.67 -4.05 37.11
N ASN B 331 -8.00 -3.09 36.27
CA ASN B 331 -9.27 -3.12 35.56
C ASN B 331 -9.21 -3.87 34.23
N GLU B 332 -8.05 -4.35 33.82
CA GLU B 332 -7.90 -4.95 32.49
C GLU B 332 -8.01 -6.47 32.58
N TRP B 333 -8.81 -7.06 31.69
CA TRP B 333 -9.03 -8.51 31.64
C TRP B 333 -8.85 -8.98 30.21
N LEU B 334 -8.22 -10.15 30.07
CA LEU B 334 -7.78 -10.66 28.79
C LEU B 334 -8.17 -12.12 28.62
N GLY B 335 -8.88 -12.42 27.53
CA GLY B 335 -9.19 -13.79 27.14
C GLY B 335 -8.39 -14.15 25.91
N TYR B 336 -7.56 -15.20 25.97
CA TYR B 336 -6.56 -15.36 24.92
C TYR B 336 -6.16 -16.82 24.76
N ASP B 337 -5.14 -17.03 23.91
CA ASP B 337 -4.58 -18.35 23.63
C ASP B 337 -3.06 -18.31 23.82
N ASN B 338 -2.52 -19.43 24.28
CA ASN B 338 -1.07 -19.55 24.42
C ASN B 338 -0.60 -20.87 23.85
N ILE B 339 0.64 -21.26 24.13
CA ILE B 339 1.16 -22.48 23.52
C ILE B 339 0.36 -23.68 24.01
N LYS B 340 -0.02 -23.68 25.29
CA LYS B 340 -0.74 -24.82 25.84
C LYS B 340 -2.12 -24.97 25.20
N SER B 341 -2.86 -23.86 25.06
CA SER B 341 -4.19 -23.97 24.47
C SER B 341 -4.11 -24.33 22.99
N PHE B 342 -3.13 -23.76 22.26
CA PHE B 342 -2.91 -24.17 20.87
C PHE B 342 -2.61 -25.66 20.79
N SER B 343 -1.82 -26.17 21.74
CA SER B 343 -1.45 -27.59 21.72
C SER B 343 -2.66 -28.48 21.97
N VAL B 344 -3.51 -28.09 22.93
CA VAL B 344 -4.70 -28.88 23.23
C VAL B 344 -5.63 -28.89 22.03
N LYS B 345 -5.84 -27.73 21.40
CA LYS B 345 -6.76 -27.67 20.28
C LYS B 345 -6.19 -28.34 19.04
N ALA B 346 -4.87 -28.31 18.86
CA ALA B 346 -4.28 -29.01 17.73
C ALA B 346 -4.45 -30.52 17.89
N GLN B 347 -4.22 -31.04 19.10
CA GLN B 347 -4.49 -32.46 19.35
C GLN B 347 -5.95 -32.77 19.06
N TRP B 348 -6.85 -31.93 19.54
CA TRP B 348 -8.28 -32.13 19.31
C TRP B 348 -8.62 -32.19 17.83
N LEU B 349 -8.09 -31.25 17.03
CA LEU B 349 -8.49 -31.25 15.63
C LEU B 349 -7.98 -32.49 14.91
N LYS B 350 -6.77 -32.96 15.26
CA LYS B 350 -6.25 -34.19 14.66
C LYS B 350 -7.13 -35.38 15.00
N GLN B 351 -7.55 -35.49 16.27
CA GLN B 351 -8.40 -36.62 16.67
C GLN B 351 -9.74 -36.60 15.96
N ASN B 352 -10.19 -35.45 15.49
CA ASN B 352 -11.43 -35.32 14.75
C ASN B 352 -11.24 -35.34 13.24
N ASN B 353 -10.02 -35.56 12.75
CA ASN B 353 -9.73 -35.70 11.32
C ASN B 353 -10.11 -34.44 10.53
N PHE B 354 -10.03 -33.27 11.14
CA PHE B 354 -10.22 -32.04 10.37
C PHE B 354 -9.01 -31.82 9.47
N GLY B 355 -9.19 -30.92 8.50
CA GLY B 355 -8.18 -30.71 7.47
C GLY B 355 -6.95 -29.97 7.94
N GLY B 356 -7.03 -29.31 9.06
CA GLY B 356 -5.90 -28.60 9.61
C GLY B 356 -6.38 -27.36 10.36
N ALA B 357 -5.49 -26.38 10.41
CA ALA B 357 -5.66 -25.16 11.19
C ALA B 357 -5.41 -23.94 10.31
N MET B 358 -6.12 -22.86 10.61
CA MET B 358 -5.76 -21.56 10.05
C MET B 358 -5.52 -20.61 11.22
N ILE B 359 -4.69 -19.61 10.94
N ILE B 359 -4.61 -19.65 11.01
CA ILE B 359 -4.21 -18.67 11.95
CA ILE B 359 -4.27 -18.70 12.07
C ILE B 359 -4.64 -17.27 11.55
C ILE B 359 -4.60 -17.30 11.61
N TRP B 360 -5.30 -16.57 12.46
CA TRP B 360 -5.51 -15.14 12.32
C TRP B 360 -4.70 -14.50 13.45
N ALA B 361 -3.56 -13.86 13.12
CA ALA B 361 -2.88 -13.66 11.84
C ALA B 361 -1.39 -13.76 12.20
N ILE B 362 -0.55 -14.15 11.24
CA ILE B 362 0.83 -14.45 11.56
C ILE B 362 1.60 -13.20 12.03
N ASP B 363 1.13 -12.01 11.65
CA ASP B 363 1.76 -10.78 12.11
C ASP B 363 1.45 -10.45 13.57
N LEU B 364 0.57 -11.23 14.22
CA LEU B 364 0.24 -11.04 15.63
C LEU B 364 1.02 -12.00 16.55
N ASP B 365 1.68 -13.01 16.00
CA ASP B 365 2.60 -13.88 16.72
C ASP B 365 3.83 -13.09 17.16
N ASP B 366 4.60 -13.65 18.08
CA ASP B 366 5.87 -13.04 18.46
C ASP B 366 6.93 -13.38 17.41
N PHE B 367 6.85 -12.69 16.27
CA PHE B 367 7.67 -13.05 15.13
C PHE B 367 9.13 -12.68 15.33
N THR B 368 9.42 -11.68 16.17
CA THR B 368 10.81 -11.35 16.44
C THR B 368 11.43 -12.24 17.51
N GLY B 369 10.61 -12.94 18.30
CA GLY B 369 11.04 -13.64 19.48
C GLY B 369 11.38 -12.77 20.66
N SER B 370 11.19 -11.46 20.56
CA SER B 370 11.72 -10.53 21.55
C SER B 370 10.77 -10.25 22.70
N PHE B 371 9.54 -10.75 22.67
CA PHE B 371 8.55 -10.39 23.68
C PHE B 371 8.19 -11.53 24.62
N CYS B 372 8.23 -12.78 24.15
CA CYS B 372 7.65 -13.89 24.86
C CYS B 372 8.67 -14.90 25.39
N ASP B 373 9.94 -14.79 25.01
CA ASP B 373 10.97 -15.75 25.38
C ASP B 373 10.54 -17.18 25.06
N GLN B 374 9.90 -17.36 23.90
CA GLN B 374 9.43 -18.67 23.45
C GLN B 374 9.93 -18.97 22.03
N GLY B 375 10.95 -18.26 21.57
CA GLY B 375 11.44 -18.42 20.22
C GLY B 375 10.64 -17.60 19.23
N LYS B 376 11.12 -17.58 17.99
CA LYS B 376 10.41 -16.85 16.95
C LYS B 376 9.15 -17.60 16.56
N PHE B 377 8.08 -16.86 16.32
CA PHE B 377 6.79 -17.40 15.91
C PHE B 377 6.33 -18.52 16.84
N PRO B 378 6.24 -18.27 18.15
CA PRO B 378 5.93 -19.37 19.09
C PRO B 378 4.60 -20.06 18.82
N LEU B 379 3.54 -19.30 18.57
CA LEU B 379 2.24 -19.93 18.37
C LEU B 379 2.18 -20.65 17.03
N THR B 380 2.67 -20.02 15.96
CA THR B 380 2.63 -20.65 14.65
C THR B 380 3.52 -21.89 14.61
N SER B 381 4.69 -21.81 15.26
CA SER B 381 5.58 -22.96 15.36
C SER B 381 4.93 -24.10 16.13
N THR B 382 4.16 -23.80 17.16
CA THR B 382 3.47 -24.85 17.90
C THR B 382 2.58 -25.65 16.97
N LEU B 383 1.85 -24.96 16.09
CA LEU B 383 0.97 -25.68 15.17
C LEU B 383 1.76 -26.40 14.09
N ASN B 384 2.83 -25.76 13.58
CA ASN B 384 3.68 -26.45 12.61
C ASN B 384 4.16 -27.78 13.18
N LYS B 385 4.64 -27.77 14.43
CA LYS B 385 5.13 -28.99 15.06
C LYS B 385 4.00 -29.97 15.35
N ALA B 386 2.88 -29.48 15.87
CA ALA B 386 1.79 -30.40 16.24
C ALA B 386 1.21 -31.10 15.02
N LEU B 387 1.16 -30.42 13.88
CA LEU B 387 0.55 -30.95 12.67
C LEU B 387 1.55 -31.62 11.75
N GLY B 388 2.83 -31.62 12.10
CA GLY B 388 3.83 -32.30 11.29
C GLY B 388 4.08 -31.64 9.96
N ILE B 389 3.93 -30.31 9.88
CA ILE B 389 4.05 -29.62 8.60
C ILE B 389 5.45 -29.78 8.03
N SER B 390 6.47 -29.66 8.87
CA SER B 390 7.85 -29.66 8.40
C SER B 390 8.56 -30.98 8.59
N THR B 391 7.92 -31.96 9.23
CA THR B 391 8.58 -33.23 9.50
C THR B 391 7.95 -34.34 8.66
N TYR C 22 36.56 -32.35 -24.18
CA TYR C 22 35.52 -31.45 -23.69
C TYR C 22 34.63 -32.27 -22.80
N ASN C 23 33.92 -31.60 -21.90
CA ASN C 23 32.95 -32.22 -21.04
C ASN C 23 31.55 -31.83 -21.47
N LEU C 24 30.62 -32.77 -21.32
CA LEU C 24 29.20 -32.53 -21.54
C LEU C 24 28.49 -32.97 -20.27
N ILE C 25 28.03 -32.00 -19.49
CA ILE C 25 27.49 -32.20 -18.15
C ILE C 25 25.98 -32.04 -18.24
N CYS C 26 25.25 -33.05 -17.82
CA CYS C 26 23.81 -33.12 -18.07
C CYS C 26 23.07 -33.23 -16.75
N TYR C 27 22.24 -32.23 -16.47
CA TYR C 27 21.43 -32.26 -15.26
C TYR C 27 20.15 -33.07 -15.47
N PHE C 28 19.83 -33.87 -14.46
CA PHE C 28 18.60 -34.65 -14.35
C PHE C 28 17.84 -34.13 -13.14
N THR C 29 16.53 -33.92 -13.24
CA THR C 29 15.76 -33.37 -12.13
C THR C 29 14.81 -34.42 -11.56
N ASN C 30 14.74 -34.48 -10.23
CA ASN C 30 14.00 -35.56 -9.58
C ASN C 30 12.51 -35.27 -9.43
N TRP C 31 12.01 -34.18 -10.05
CA TRP C 31 10.58 -33.94 -10.13
C TRP C 31 10.02 -34.16 -11.53
N ALA C 32 10.87 -34.42 -12.52
CA ALA C 32 10.38 -34.69 -13.86
C ALA C 32 9.54 -35.97 -13.90
N GLN C 33 9.73 -36.86 -12.93
CA GLN C 33 8.99 -38.11 -12.88
C GLN C 33 7.49 -37.86 -12.78
N TYR C 34 7.09 -36.71 -12.25
CA TYR C 34 5.68 -36.44 -12.00
C TYR C 34 4.97 -35.80 -13.17
N ARG C 35 5.67 -35.48 -14.25
CA ARG C 35 5.02 -34.90 -15.40
C ARG C 35 4.10 -35.91 -16.07
N PRO C 36 3.01 -35.45 -16.66
CA PRO C 36 2.03 -36.39 -17.22
C PRO C 36 2.53 -37.10 -18.46
N GLY C 37 2.09 -38.35 -18.62
CA GLY C 37 2.25 -39.04 -19.89
C GLY C 37 3.68 -39.09 -20.38
N LEU C 38 3.86 -38.69 -21.64
CA LEU C 38 5.18 -38.77 -22.26
C LEU C 38 6.20 -37.85 -21.61
N GLY C 39 5.78 -36.92 -20.76
CA GLY C 39 6.74 -36.06 -20.11
C GLY C 39 7.45 -36.68 -18.93
N SER C 40 6.89 -37.75 -18.37
CA SER C 40 7.49 -38.36 -17.19
C SER C 40 8.86 -38.93 -17.54
N PHE C 41 9.87 -38.55 -16.74
CA PHE C 41 11.26 -38.88 -17.02
C PHE C 41 11.96 -39.35 -15.75
N LYS C 42 12.59 -40.50 -15.84
CA LYS C 42 13.36 -41.13 -14.76
C LYS C 42 14.72 -41.53 -15.29
N PRO C 43 15.64 -41.92 -14.41
CA PRO C 43 17.02 -42.12 -14.86
C PRO C 43 17.17 -43.14 -15.98
N ASP C 44 16.32 -44.17 -16.03
CA ASP C 44 16.45 -45.16 -17.10
C ASP C 44 16.07 -44.59 -18.46
N ASP C 45 15.49 -43.40 -18.51
CA ASP C 45 15.26 -42.73 -19.78
C ASP C 45 16.51 -42.08 -20.35
N ILE C 46 17.59 -41.98 -19.57
CA ILE C 46 18.83 -41.35 -20.02
C ILE C 46 19.62 -42.33 -20.88
N ASN C 47 20.09 -41.86 -22.05
CA ASN C 47 21.07 -42.60 -22.84
C ASN C 47 22.43 -42.45 -22.15
N PRO C 48 23.02 -43.53 -21.63
CA PRO C 48 24.25 -43.36 -20.84
C PRO C 48 25.45 -42.92 -21.65
N CYS C 49 25.38 -42.94 -22.98
CA CYS C 49 26.52 -42.58 -23.81
C CYS C 49 26.54 -41.11 -24.24
N LEU C 50 25.48 -40.35 -23.93
CA LEU C 50 25.38 -39.00 -24.47
C LEU C 50 26.33 -38.02 -23.78
N CYS C 51 26.42 -38.09 -22.45
CA CYS C 51 27.12 -37.11 -21.64
C CYS C 51 28.39 -37.72 -21.05
N THR C 52 29.29 -36.83 -20.57
CA THR C 52 30.45 -37.28 -19.81
C THR C 52 30.17 -37.30 -18.31
N HIS C 53 29.30 -36.41 -17.84
CA HIS C 53 28.90 -36.30 -16.45
C HIS C 53 27.39 -36.12 -16.38
N LEU C 54 26.74 -36.85 -15.48
CA LEU C 54 25.35 -36.62 -15.15
C LEU C 54 25.25 -36.04 -13.75
N ILE C 55 24.42 -35.02 -13.57
CA ILE C 55 24.24 -34.39 -12.27
C ILE C 55 22.79 -34.52 -11.84
N TYR C 56 22.59 -34.97 -10.60
CA TYR C 56 21.28 -35.24 -10.03
C TYR C 56 20.82 -34.03 -9.22
N ALA C 57 19.73 -33.40 -9.66
CA ALA C 57 19.13 -32.25 -8.99
C ALA C 57 17.83 -32.68 -8.34
N PHE C 58 17.71 -32.50 -7.01
CA PHE C 58 18.63 -31.94 -6.05
C PHE C 58 18.57 -32.76 -4.77
N ALA C 59 19.64 -32.66 -3.98
CA ALA C 59 19.61 -33.03 -2.58
C ALA C 59 19.28 -31.80 -1.74
N GLY C 60 18.94 -32.05 -0.47
CA GLY C 60 18.67 -31.01 0.49
C GLY C 60 19.62 -31.05 1.67
N MET C 61 19.24 -30.41 2.77
CA MET C 61 20.09 -30.31 3.94
C MET C 61 19.22 -30.28 5.18
N GLN C 62 19.66 -30.97 6.22
CA GLN C 62 18.98 -30.96 7.52
C GLN C 62 20.06 -31.06 8.58
N ASN C 63 20.00 -30.15 9.56
CA ASN C 63 20.97 -30.14 10.66
C ASN C 63 22.40 -30.17 10.15
N ASN C 64 22.65 -29.39 9.10
CA ASN C 64 23.96 -29.21 8.49
C ASN C 64 24.49 -30.46 7.80
N GLU C 65 23.60 -31.38 7.45
CA GLU C 65 23.98 -32.59 6.73
C GLU C 65 23.16 -32.72 5.46
N ILE C 66 23.78 -33.31 4.43
CA ILE C 66 23.08 -33.54 3.16
C ILE C 66 22.02 -34.59 3.35
N THR C 67 20.89 -34.43 2.67
CA THR C 67 19.78 -35.37 2.78
C THR C 67 19.03 -35.43 1.46
N THR C 68 18.16 -36.44 1.35
CA THR C 68 17.25 -36.57 0.22
C THR C 68 16.13 -35.52 0.32
N ILE C 69 15.38 -35.36 -0.76
CA ILE C 69 14.19 -34.52 -0.73
C ILE C 69 12.94 -35.20 -1.27
N GLU C 70 13.05 -36.22 -2.11
CA GLU C 70 11.89 -36.95 -2.63
C GLU C 70 11.81 -38.33 -1.99
N TRP C 71 10.56 -38.78 -1.78
CA TRP C 71 10.30 -40.07 -1.14
C TRP C 71 11.07 -41.21 -1.80
N ASN C 72 11.31 -41.13 -3.11
CA ASN C 72 11.96 -42.24 -3.83
C ASN C 72 13.37 -41.88 -4.31
N ASP C 73 14.00 -40.87 -3.71
CA ASP C 73 15.35 -40.51 -4.13
C ASP C 73 16.31 -41.71 -4.04
N VAL C 74 16.20 -42.55 -3.01
CA VAL C 74 17.18 -43.62 -2.87
C VAL C 74 17.08 -44.59 -4.04
N THR C 75 15.86 -44.89 -4.48
CA THR C 75 15.63 -45.70 -5.68
C THR C 75 16.18 -45.04 -6.93
N LEU C 76 15.89 -43.75 -7.09
CA LEU C 76 16.36 -43.03 -8.27
C LEU C 76 17.87 -42.90 -8.28
N TYR C 77 18.48 -42.71 -7.10
CA TYR C 77 19.94 -42.70 -7.03
C TYR C 77 20.51 -43.99 -7.63
N LYS C 78 19.94 -45.13 -7.24
CA LYS C 78 20.43 -46.41 -7.72
C LYS C 78 20.31 -46.51 -9.24
N ALA C 79 19.15 -46.14 -9.78
CA ALA C 79 18.96 -46.20 -11.23
C ALA C 79 19.91 -45.25 -11.95
N PHE C 80 20.12 -44.07 -11.39
CA PHE C 80 21.01 -43.06 -11.95
C PHE C 80 22.45 -43.57 -11.99
N ASN C 81 22.97 -44.01 -10.85
CA ASN C 81 24.37 -44.43 -10.82
C ASN C 81 24.57 -45.77 -11.50
N ASP C 82 23.51 -46.57 -11.63
CA ASP C 82 23.60 -47.78 -12.44
C ASP C 82 23.82 -47.47 -13.93
N LEU C 83 23.55 -46.25 -14.38
CA LEU C 83 23.84 -45.92 -15.78
C LEU C 83 25.32 -46.09 -16.10
N LYS C 84 26.17 -45.98 -15.07
CA LYS C 84 27.61 -46.15 -15.26
C LYS C 84 27.96 -47.60 -15.60
N ASN C 85 27.05 -48.54 -15.37
CA ASN C 85 27.27 -49.91 -15.80
C ASN C 85 27.25 -50.08 -17.31
N ARG C 86 26.83 -49.04 -18.05
CA ARG C 86 26.77 -49.10 -19.50
C ARG C 86 27.65 -48.03 -20.15
N ASN C 87 28.55 -47.42 -19.38
CA ASN C 87 29.46 -46.44 -19.96
C ASN C 87 30.62 -46.30 -18.97
N SER C 88 31.75 -46.92 -19.30
CA SER C 88 32.87 -46.99 -18.37
C SER C 88 33.49 -45.63 -18.09
N LYS C 89 33.25 -44.62 -18.92
CA LYS C 89 33.83 -43.29 -18.71
C LYS C 89 32.92 -42.33 -17.97
N LEU C 90 31.65 -42.71 -17.78
CA LEU C 90 30.66 -41.79 -17.22
C LEU C 90 30.89 -41.55 -15.73
N LYS C 91 30.77 -40.29 -15.32
CA LYS C 91 30.76 -39.91 -13.92
C LYS C 91 29.40 -39.32 -13.54
N THR C 92 29.04 -39.45 -12.28
CA THR C 92 27.82 -38.86 -11.76
C THR C 92 28.13 -37.95 -10.57
N LEU C 93 27.32 -36.92 -10.41
CA LEU C 93 27.42 -36.02 -9.28
C LEU C 93 26.02 -35.77 -8.73
N LEU C 94 25.97 -35.41 -7.45
CA LEU C 94 24.76 -34.99 -6.77
C LEU C 94 24.80 -33.50 -6.54
N ALA C 95 23.77 -32.79 -6.99
CA ALA C 95 23.69 -31.34 -6.77
C ALA C 95 22.86 -31.06 -5.53
N ILE C 96 23.31 -30.12 -4.73
CA ILE C 96 22.59 -29.71 -3.52
C ILE C 96 22.14 -28.27 -3.68
N GLY C 97 20.89 -28.01 -3.32
CA GLY C 97 20.35 -26.67 -3.32
C GLY C 97 19.34 -26.40 -4.40
N GLY C 98 19.65 -25.45 -5.26
CA GLY C 98 18.74 -25.00 -6.30
C GLY C 98 18.01 -23.73 -5.91
N TRP C 99 17.27 -23.21 -6.87
CA TRP C 99 16.57 -21.94 -6.67
C TRP C 99 15.63 -21.99 -5.49
N ASN C 100 14.73 -22.98 -5.46
CA ASN C 100 13.68 -23.02 -4.45
C ASN C 100 14.18 -23.39 -3.06
N PHE C 101 15.43 -23.84 -2.95
CA PHE C 101 16.05 -24.13 -1.66
C PHE C 101 16.35 -22.87 -0.87
N GLY C 102 16.48 -21.73 -1.53
CA GLY C 102 16.86 -20.52 -0.84
C GLY C 102 18.31 -20.56 -0.35
N THR C 103 18.59 -19.72 0.64
CA THR C 103 19.95 -19.54 1.12
C THR C 103 20.14 -19.85 2.60
N ALA C 104 19.08 -19.86 3.40
CA ALA C 104 19.25 -19.91 4.85
C ALA C 104 20.01 -21.14 5.30
N PRO C 105 19.73 -22.35 4.82
CA PRO C 105 20.52 -23.50 5.29
C PRO C 105 22.00 -23.37 4.94
N PHE C 106 22.33 -22.82 3.77
CA PHE C 106 23.74 -22.66 3.40
C PHE C 106 24.42 -21.65 4.32
N THR C 107 23.74 -20.54 4.63
CA THR C 107 24.33 -19.51 5.49
C THR C 107 24.65 -20.07 6.86
N THR C 108 23.75 -20.86 7.44
CA THR C 108 24.04 -21.47 8.73
C THR C 108 25.18 -22.48 8.61
N MET C 109 25.18 -23.28 7.55
CA MET C 109 26.17 -24.35 7.46
C MET C 109 27.59 -23.79 7.30
N VAL C 110 27.77 -22.72 6.54
CA VAL C 110 29.13 -22.22 6.33
C VAL C 110 29.59 -21.29 7.46
N SER C 111 28.70 -20.95 8.39
CA SER C 111 28.99 -19.89 9.35
C SER C 111 30.10 -20.27 10.33
N THR C 112 30.31 -21.56 10.58
CA THR C 112 31.38 -21.98 11.49
C THR C 112 32.14 -23.15 10.89
N SER C 113 33.42 -23.27 11.29
CA SER C 113 34.23 -24.43 10.94
C SER C 113 33.55 -25.73 11.34
N GLN C 114 32.94 -25.75 12.53
CA GLN C 114 32.27 -26.96 13.01
C GLN C 114 31.16 -27.37 12.07
N ASN C 115 30.33 -26.42 11.66
CA ASN C 115 29.21 -26.76 10.78
C ASN C 115 29.69 -27.19 9.40
N ARG C 116 30.74 -26.54 8.89
CA ARG C 116 31.27 -26.97 7.59
C ARG C 116 31.82 -28.38 7.67
N GLN C 117 32.50 -28.72 8.77
CA GLN C 117 33.04 -30.08 8.91
C GLN C 117 31.91 -31.10 9.04
N THR C 118 30.86 -30.76 9.78
CA THR C 118 29.70 -31.65 9.86
C THR C 118 29.14 -31.92 8.47
N PHE C 119 29.00 -30.87 7.66
CA PHE C 119 28.45 -31.02 6.32
C PHE C 119 29.38 -31.85 5.44
N ILE C 120 30.66 -31.50 5.40
CA ILE C 120 31.61 -32.18 4.54
C ILE C 120 31.66 -33.68 4.87
N THR C 121 31.72 -34.01 6.15
CA THR C 121 31.74 -35.41 6.54
C THR C 121 30.48 -36.13 6.05
N SER C 122 29.32 -35.49 6.19
CA SER C 122 28.07 -36.10 5.73
C SER C 122 28.09 -36.32 4.21
N VAL C 123 28.71 -35.40 3.47
CA VAL C 123 28.72 -35.51 2.02
C VAL C 123 29.58 -36.69 1.57
N ILE C 124 30.78 -36.85 2.14
CA ILE C 124 31.63 -37.96 1.74
C ILE C 124 30.91 -39.28 1.96
N LYS C 125 30.30 -39.43 3.13
CA LYS C 125 29.59 -40.67 3.44
C LYS C 125 28.41 -40.91 2.50
N PHE C 126 27.65 -39.84 2.21
CA PHE C 126 26.46 -39.93 1.37
C PHE C 126 26.81 -40.27 -0.06
N LEU C 127 27.79 -39.57 -0.64
CA LEU C 127 28.16 -39.86 -2.02
C LEU C 127 28.70 -41.28 -2.16
N ARG C 128 29.55 -41.71 -1.22
CA ARG C 128 30.11 -43.05 -1.34
C ARG C 128 29.05 -44.13 -1.09
N GLN C 129 28.09 -43.87 -0.19
CA GLN C 129 27.07 -44.88 0.05
C GLN C 129 26.19 -45.08 -1.17
N TYR C 130 25.79 -44.01 -1.83
CA TYR C 130 24.78 -44.10 -2.86
C TYR C 130 25.35 -44.12 -4.28
N GLY C 131 26.67 -44.00 -4.44
CA GLY C 131 27.31 -44.29 -5.71
C GLY C 131 27.64 -43.09 -6.59
N PHE C 132 27.73 -41.91 -6.02
CA PHE C 132 28.06 -40.70 -6.75
C PHE C 132 29.57 -40.45 -6.76
N ASP C 133 30.04 -39.76 -7.80
CA ASP C 133 31.45 -39.42 -7.98
C ASP C 133 31.78 -37.98 -7.60
N GLY C 134 30.83 -37.22 -7.05
CA GLY C 134 31.12 -35.86 -6.65
C GLY C 134 29.87 -35.12 -6.23
N LEU C 135 30.10 -33.87 -5.81
CA LEU C 135 29.06 -32.95 -5.35
C LEU C 135 29.07 -31.69 -6.20
N ASP C 136 27.88 -31.26 -6.62
CA ASP C 136 27.70 -29.98 -7.32
C ASP C 136 26.98 -29.03 -6.36
N LEU C 137 27.66 -27.96 -5.97
CA LEU C 137 27.07 -26.97 -5.07
C LEU C 137 26.22 -26.00 -5.88
N ASP C 138 24.92 -25.94 -5.58
N ASP C 138 24.92 -25.93 -5.58
CA ASP C 138 24.03 -25.03 -6.29
CA ASP C 138 24.05 -25.02 -6.30
C ASP C 138 23.35 -24.06 -5.33
C ASP C 138 23.36 -24.06 -5.35
N TRP C 139 24.16 -23.28 -4.63
CA TRP C 139 23.67 -22.22 -3.75
C TRP C 139 23.32 -21.00 -4.58
N GLU C 140 22.06 -20.59 -4.52
CA GLU C 140 21.58 -19.46 -5.32
C GLU C 140 21.07 -18.39 -4.36
N TYR C 141 21.95 -17.46 -3.96
CA TYR C 141 23.38 -17.36 -4.24
C TYR C 141 24.06 -16.87 -2.96
N PRO C 142 25.35 -17.18 -2.76
CA PRO C 142 26.07 -16.51 -1.66
C PRO C 142 25.96 -15.00 -1.83
N GLY C 143 25.64 -14.31 -0.74
CA GLY C 143 25.60 -12.86 -0.76
C GLY C 143 24.34 -12.25 -1.31
N SER C 144 23.39 -13.05 -1.77
CA SER C 144 22.15 -12.55 -2.34
C SER C 144 20.98 -13.29 -1.71
N ARG C 145 19.77 -12.80 -2.00
CA ARG C 145 18.54 -13.45 -1.56
C ARG C 145 18.58 -13.76 -0.07
N GLY C 146 19.04 -12.80 0.73
CA GLY C 146 19.04 -12.94 2.17
C GLY C 146 20.34 -13.43 2.77
N SER C 147 21.24 -13.94 1.95
CA SER C 147 22.55 -14.38 2.43
C SER C 147 23.40 -13.17 2.74
N PRO C 148 24.04 -13.12 3.91
CA PRO C 148 24.80 -11.91 4.30
C PRO C 148 26.11 -11.80 3.56
N PRO C 149 26.76 -10.63 3.60
CA PRO C 149 27.94 -10.41 2.75
C PRO C 149 29.11 -11.32 3.06
N GLN C 150 29.23 -11.80 4.30
CA GLN C 150 30.36 -12.64 4.66
C GLN C 150 30.33 -13.98 3.95
N ASP C 151 29.17 -14.36 3.40
CA ASP C 151 29.05 -15.65 2.72
C ASP C 151 29.83 -15.70 1.43
N LYS C 152 30.18 -14.54 0.85
CA LYS C 152 31.07 -14.55 -0.30
C LYS C 152 32.39 -15.22 0.04
N HIS C 153 33.02 -14.80 1.14
CA HIS C 153 34.28 -15.43 1.52
C HIS C 153 34.04 -16.81 2.13
N LEU C 154 32.99 -16.98 2.93
CA LEU C 154 32.77 -18.29 3.54
C LEU C 154 32.45 -19.35 2.49
N PHE C 155 31.89 -18.97 1.35
CA PHE C 155 31.71 -19.95 0.27
C PHE C 155 33.05 -20.45 -0.24
N THR C 156 34.03 -19.55 -0.40
CA THR C 156 35.37 -19.98 -0.79
C THR C 156 35.96 -20.95 0.23
N VAL C 157 35.77 -20.65 1.50
CA VAL C 157 36.33 -21.49 2.56
C VAL C 157 35.70 -22.88 2.51
N LEU C 158 34.38 -22.93 2.37
CA LEU C 158 33.71 -24.23 2.24
C LEU C 158 34.31 -25.05 1.10
N VAL C 159 34.44 -24.43 -0.08
CA VAL C 159 34.91 -25.17 -1.25
C VAL C 159 36.35 -25.64 -1.04
N LYS C 160 37.19 -24.78 -0.47
CA LYS C 160 38.57 -25.19 -0.17
C LYS C 160 38.60 -26.38 0.77
N GLU C 161 37.80 -26.33 1.84
CA GLU C 161 37.78 -27.42 2.82
C GLU C 161 37.21 -28.69 2.20
N MET C 162 36.22 -28.55 1.31
N MET C 162 36.23 -28.55 1.31
CA MET C 162 35.64 -29.72 0.65
CA MET C 162 35.68 -29.74 0.69
C MET C 162 36.63 -30.36 -0.30
C MET C 162 36.66 -30.37 -0.30
N ARG C 163 37.31 -29.55 -1.12
CA ARG C 163 38.31 -30.08 -2.04
C ARG C 163 39.43 -30.78 -1.27
N GLU C 164 39.89 -30.19 -0.18
CA GLU C 164 40.93 -30.82 0.64
C GLU C 164 40.45 -32.14 1.22
N ALA C 165 39.20 -32.19 1.72
CA ALA C 165 38.69 -33.43 2.28
C ALA C 165 38.53 -34.50 1.20
N PHE C 166 38.09 -34.11 0.02
CA PHE C 166 37.96 -35.06 -1.09
C PHE C 166 39.33 -35.59 -1.50
N GLU C 167 40.34 -34.71 -1.60
CA GLU C 167 41.68 -35.18 -1.94
C GLU C 167 42.17 -36.19 -0.92
N GLN C 168 41.89 -35.94 0.36
CA GLN C 168 42.29 -36.83 1.43
C GLN C 168 41.64 -38.20 1.29
N GLU C 169 40.32 -38.24 1.08
CA GLU C 169 39.61 -39.51 0.98
C GLU C 169 40.12 -40.33 -0.18
N ALA C 170 40.48 -39.66 -1.29
CA ALA C 170 40.91 -40.38 -2.48
C ALA C 170 42.22 -41.11 -2.24
N ILE C 171 43.20 -40.43 -1.65
CA ILE C 171 44.52 -41.04 -1.54
C ILE C 171 44.52 -42.13 -0.48
N GLU C 172 43.61 -42.04 0.51
CA GLU C 172 43.49 -43.09 1.52
C GLU C 172 42.79 -44.33 0.94
N SER C 173 41.82 -44.13 0.06
CA SER C 173 40.90 -45.19 -0.35
C SER C 173 41.29 -45.89 -1.65
N ASN C 174 42.26 -45.39 -2.40
CA ASN C 174 42.62 -45.92 -3.71
C ASN C 174 41.51 -45.74 -4.74
N ARG C 175 40.53 -44.90 -4.46
CA ARG C 175 39.43 -44.69 -5.40
C ARG C 175 39.59 -43.38 -6.14
N PRO C 176 39.10 -43.29 -7.38
CA PRO C 176 39.08 -41.98 -8.05
C PRO C 176 38.47 -40.92 -7.14
N ARG C 177 39.10 -39.75 -7.14
CA ARG C 177 38.73 -38.70 -6.20
C ARG C 177 37.34 -38.14 -6.50
N LEU C 178 36.56 -37.91 -5.44
CA LEU C 178 35.30 -37.20 -5.57
C LEU C 178 35.54 -35.79 -6.11
N MET C 179 34.68 -35.37 -7.04
CA MET C 179 34.75 -34.03 -7.60
C MET C 179 33.93 -33.04 -6.78
N VAL C 180 34.40 -31.79 -6.74
CA VAL C 180 33.60 -30.70 -6.22
C VAL C 180 33.43 -29.65 -7.31
N THR C 181 32.17 -29.40 -7.68
CA THR C 181 31.82 -28.44 -8.72
C THR C 181 30.79 -27.48 -8.15
N ALA C 182 30.52 -26.41 -8.89
CA ALA C 182 29.50 -25.47 -8.46
C ALA C 182 28.78 -24.90 -9.66
N ALA C 183 27.46 -24.83 -9.55
CA ALA C 183 26.66 -24.03 -10.48
C ALA C 183 26.66 -22.59 -9.96
N VAL C 184 27.05 -21.65 -10.82
CA VAL C 184 27.27 -20.27 -10.39
C VAL C 184 26.44 -19.30 -11.23
N ALA C 185 26.19 -18.15 -10.63
CA ALA C 185 25.30 -17.16 -11.23
C ALA C 185 25.80 -16.68 -12.58
N GLY C 186 24.83 -16.35 -13.44
CA GLY C 186 25.10 -15.64 -14.68
C GLY C 186 24.76 -14.17 -14.65
N GLY C 187 24.12 -13.68 -13.59
CA GLY C 187 23.86 -12.25 -13.44
C GLY C 187 25.01 -11.55 -12.75
N ILE C 188 25.44 -10.42 -13.33
CA ILE C 188 26.69 -9.80 -12.87
C ILE C 188 26.57 -9.32 -11.43
N SER C 189 25.43 -8.73 -11.06
CA SER C 189 25.26 -8.29 -9.68
C SER C 189 25.40 -9.46 -8.71
N ASN C 190 24.80 -10.60 -9.05
CA ASN C 190 24.93 -11.77 -8.20
C ASN C 190 26.36 -12.30 -8.19
N ILE C 191 27.04 -12.26 -9.35
CA ILE C 191 28.43 -12.70 -9.38
C ILE C 191 29.29 -11.84 -8.47
N GLN C 192 29.08 -10.52 -8.53
CA GLN C 192 29.91 -9.61 -7.75
C GLN C 192 29.64 -9.75 -6.26
N ALA C 193 28.41 -10.06 -5.88
CA ALA C 193 28.09 -10.20 -4.45
C ALA C 193 28.48 -11.57 -3.91
N GLY C 194 28.72 -12.54 -4.79
CA GLY C 194 28.78 -13.92 -4.36
C GLY C 194 30.12 -14.63 -4.36
N TYR C 195 31.05 -14.28 -5.25
CA TYR C 195 32.16 -15.17 -5.54
C TYR C 195 33.51 -14.48 -5.54
N GLU C 196 34.47 -15.07 -4.82
CA GLU C 196 35.88 -14.69 -4.89
C GLU C 196 36.49 -15.50 -6.01
N ILE C 197 36.39 -15.00 -7.24
CA ILE C 197 36.61 -15.84 -8.42
C ILE C 197 38.03 -16.44 -8.44
N PRO C 198 39.09 -15.66 -8.23
CA PRO C 198 40.43 -16.28 -8.35
C PRO C 198 40.67 -17.42 -7.38
N GLU C 199 40.35 -17.24 -6.10
CA GLU C 199 40.60 -18.31 -5.14
C GLU C 199 39.58 -19.44 -5.28
N LEU C 200 38.29 -19.10 -5.41
CA LEU C 200 37.29 -20.14 -5.62
C LEU C 200 37.66 -21.04 -6.79
N SER C 201 38.11 -20.45 -7.89
CA SER C 201 38.39 -21.22 -9.09
C SER C 201 39.57 -22.16 -8.95
N LYS C 202 40.45 -21.94 -7.97
CA LYS C 202 41.55 -22.86 -7.77
C LYS C 202 41.08 -24.19 -7.20
N TYR C 203 40.01 -24.17 -6.41
CA TYR C 203 39.59 -25.35 -5.67
C TYR C 203 38.45 -26.10 -6.33
N LEU C 204 37.63 -25.42 -7.13
CA LEU C 204 36.60 -26.13 -7.88
C LEU C 204 37.24 -26.95 -8.99
N ASP C 205 36.65 -28.11 -9.26
CA ASP C 205 37.04 -28.88 -10.42
C ASP C 205 36.45 -28.31 -11.70
N PHE C 206 35.17 -27.95 -11.66
CA PHE C 206 34.49 -27.30 -12.77
C PHE C 206 33.56 -26.24 -12.23
N ILE C 207 33.32 -25.23 -13.07
CA ILE C 207 32.50 -24.07 -12.76
C ILE C 207 31.38 -24.07 -13.79
N HIS C 208 30.16 -24.39 -13.35
CA HIS C 208 29.01 -24.53 -14.26
C HIS C 208 28.29 -23.18 -14.29
N VAL C 209 28.52 -22.38 -15.33
CA VAL C 209 28.01 -21.02 -15.36
C VAL C 209 26.60 -21.03 -15.93
N MET C 210 25.63 -20.53 -15.16
CA MET C 210 24.22 -20.56 -15.54
C MET C 210 23.92 -19.41 -16.49
N THR C 211 24.43 -19.57 -17.72
CA THR C 211 24.23 -18.60 -18.80
C THR C 211 22.88 -18.83 -19.48
N TYR C 212 21.82 -18.67 -18.69
CA TYR C 212 20.46 -18.74 -19.20
C TYR C 212 19.58 -17.96 -18.22
N ASP C 213 18.29 -17.90 -18.50
CA ASP C 213 17.39 -17.00 -17.78
C ASP C 213 17.91 -15.57 -17.83
N LEU C 214 18.57 -15.20 -18.93
CA LEU C 214 19.11 -13.85 -19.06
C LEU C 214 18.04 -12.85 -19.43
N HIS C 215 16.95 -13.30 -20.06
CA HIS C 215 15.75 -12.49 -20.29
C HIS C 215 14.54 -13.36 -19.97
N GLY C 216 13.40 -12.70 -19.74
CA GLY C 216 12.19 -13.41 -19.41
C GLY C 216 11.09 -12.43 -19.05
N SER C 217 9.91 -12.99 -18.75
CA SER C 217 8.72 -12.15 -18.60
C SER C 217 8.81 -11.18 -17.43
N TRP C 218 9.69 -11.44 -16.47
CA TRP C 218 9.89 -10.50 -15.37
C TRP C 218 10.33 -9.12 -15.87
N GLU C 219 10.84 -9.01 -17.10
CA GLU C 219 11.30 -7.73 -17.61
C GLU C 219 10.18 -6.87 -18.19
N GLY C 220 9.06 -7.48 -18.58
CA GLY C 220 8.00 -6.73 -19.20
C GLY C 220 8.13 -6.52 -20.69
N TYR C 221 9.13 -7.14 -21.32
CA TYR C 221 9.28 -7.11 -22.77
C TYR C 221 10.02 -8.39 -23.18
N THR C 222 9.93 -8.70 -24.47
CA THR C 222 10.51 -9.94 -24.96
C THR C 222 12.04 -9.87 -24.99
N GLY C 223 12.67 -11.03 -24.85
CA GLY C 223 14.11 -11.14 -24.94
C GLY C 223 14.47 -12.61 -24.97
N GLU C 224 15.71 -12.88 -25.34
CA GLU C 224 16.16 -14.25 -25.50
C GLU C 224 16.63 -14.83 -24.17
N ASN C 225 16.37 -16.12 -24.00
CA ASN C 225 16.77 -16.84 -22.79
C ASN C 225 18.29 -16.93 -22.66
N SER C 226 18.98 -17.23 -23.75
CA SER C 226 20.42 -17.43 -23.70
C SER C 226 21.06 -16.95 -25.00
N PRO C 227 20.98 -15.66 -25.30
CA PRO C 227 21.63 -15.15 -26.51
C PRO C 227 23.14 -15.21 -26.39
N LEU C 228 23.81 -15.53 -27.49
CA LEU C 228 25.27 -15.61 -27.46
C LEU C 228 25.88 -14.22 -27.35
N TYR C 229 25.35 -13.25 -28.09
CA TYR C 229 25.88 -11.90 -28.13
C TYR C 229 24.80 -10.90 -27.74
N LYS C 230 25.22 -9.67 -27.45
CA LYS C 230 24.25 -8.64 -27.12
C LYS C 230 23.44 -8.25 -28.35
N TYR C 231 22.23 -7.75 -28.10
CA TYR C 231 21.43 -7.17 -29.16
C TYR C 231 22.06 -5.83 -29.56
N PRO C 232 22.01 -5.48 -30.86
CA PRO C 232 22.84 -4.36 -31.33
C PRO C 232 22.63 -3.07 -30.55
N THR C 233 21.42 -2.78 -30.10
CA THR C 233 21.15 -1.52 -29.44
C THR C 233 21.42 -1.53 -27.95
N GLU C 234 21.78 -2.68 -27.39
CA GLU C 234 21.95 -2.77 -25.94
C GLU C 234 23.20 -2.04 -25.49
N THR C 235 23.06 -1.30 -24.40
CA THR C 235 24.16 -0.58 -23.77
C THR C 235 24.08 -0.81 -22.27
N GLY C 236 25.14 -0.43 -21.57
CA GLY C 236 25.11 -0.48 -20.11
C GLY C 236 24.79 -1.86 -19.58
N SER C 237 23.95 -1.90 -18.54
CA SER C 237 23.69 -3.16 -17.86
C SER C 237 22.93 -4.15 -18.74
N ASN C 238 22.19 -3.66 -19.73
CA ASN C 238 21.54 -4.59 -20.65
C ASN C 238 22.57 -5.39 -21.44
N ALA C 239 23.74 -4.81 -21.64
CA ALA C 239 24.80 -5.47 -22.39
C ALA C 239 25.48 -6.60 -21.62
N TYR C 240 25.12 -6.80 -20.34
CA TYR C 240 25.60 -7.96 -19.59
C TYR C 240 24.90 -9.25 -19.98
N LEU C 241 23.74 -9.15 -20.63
CA LEU C 241 22.77 -10.24 -20.67
C LEU C 241 22.98 -11.12 -21.90
N ASN C 242 24.17 -11.70 -21.98
CA ASN C 242 24.50 -12.59 -23.09
C ASN C 242 25.62 -13.52 -22.67
N VAL C 243 25.69 -14.67 -23.36
CA VAL C 243 26.64 -15.70 -22.97
C VAL C 243 28.08 -15.19 -23.08
N ASP C 244 28.38 -14.47 -24.16
CA ASP C 244 29.74 -13.99 -24.39
C ASP C 244 30.22 -13.15 -23.20
N TYR C 245 29.42 -12.17 -22.80
CA TYR C 245 29.82 -11.29 -21.71
C TYR C 245 30.03 -12.07 -20.42
N VAL C 246 29.07 -12.95 -20.07
CA VAL C 246 29.12 -13.61 -18.78
C VAL C 246 30.30 -14.57 -18.70
N MET C 247 30.54 -15.35 -19.74
CA MET C 247 31.66 -16.28 -19.70
C MET C 247 32.99 -15.52 -19.65
N ASN C 248 33.11 -14.44 -20.43
CA ASN C 248 34.34 -13.66 -20.39
C ASN C 248 34.49 -12.88 -19.09
N TYR C 249 33.37 -12.58 -18.40
CA TYR C 249 33.48 -12.00 -17.05
C TYR C 249 34.19 -12.97 -16.13
N TRP C 250 33.73 -14.23 -16.10
CA TRP C 250 34.35 -15.24 -15.25
C TRP C 250 35.81 -15.45 -15.63
N LYS C 251 36.09 -15.57 -16.93
CA LYS C 251 37.45 -15.85 -17.39
C LYS C 251 38.40 -14.72 -17.03
N ASN C 252 37.99 -13.48 -17.28
CA ASN C 252 38.89 -12.36 -17.07
C ASN C 252 38.97 -11.90 -15.63
N ASN C 253 38.17 -12.48 -14.73
CA ASN C 253 38.27 -12.16 -13.33
C ASN C 253 38.87 -13.31 -12.52
N GLY C 254 39.50 -14.27 -13.20
CA GLY C 254 40.36 -15.21 -12.51
C GLY C 254 40.11 -16.69 -12.76
N ALA C 255 39.02 -17.03 -13.45
CA ALA C 255 38.71 -18.44 -13.64
C ALA C 255 39.41 -18.99 -14.88
N PRO C 256 40.16 -20.08 -14.76
CA PRO C 256 40.76 -20.69 -15.95
C PRO C 256 39.69 -21.16 -16.91
N ALA C 257 39.89 -20.86 -18.20
CA ALA C 257 38.86 -21.18 -19.19
C ALA C 257 38.56 -22.68 -19.20
N GLU C 258 39.57 -23.51 -18.98
CA GLU C 258 39.37 -24.95 -19.09
C GLU C 258 38.47 -25.50 -17.99
N LYS C 259 38.29 -24.76 -16.90
CA LYS C 259 37.37 -25.14 -15.84
C LYS C 259 35.98 -24.57 -16.04
N LEU C 260 35.83 -23.58 -16.92
CA LEU C 260 34.54 -22.95 -17.13
C LEU C 260 33.69 -23.76 -18.09
N ILE C 261 32.46 -24.03 -17.68
CA ILE C 261 31.50 -24.80 -18.45
C ILE C 261 30.34 -23.87 -18.79
N VAL C 262 30.01 -23.80 -20.08
CA VAL C 262 28.96 -22.92 -20.58
C VAL C 262 27.60 -23.57 -20.38
N GLY C 263 26.65 -22.82 -19.85
CA GLY C 263 25.32 -23.34 -19.62
C GLY C 263 24.45 -23.25 -20.88
N PHE C 264 23.81 -24.38 -21.21
CA PHE C 264 22.96 -24.53 -22.38
C PHE C 264 21.56 -24.87 -21.91
N PRO C 265 20.56 -24.05 -22.18
CA PRO C 265 19.19 -24.42 -21.79
C PRO C 265 18.49 -25.25 -22.84
N GLU C 266 17.87 -26.36 -22.43
CA GLU C 266 17.01 -27.16 -23.31
C GLU C 266 15.54 -26.81 -23.11
N TYR C 267 15.30 -25.52 -22.89
CA TYR C 267 13.97 -24.95 -22.71
C TYR C 267 14.03 -23.51 -23.21
N GLY C 268 12.86 -22.88 -23.33
CA GLY C 268 12.80 -21.47 -23.65
C GLY C 268 11.87 -20.74 -22.69
N HIS C 269 11.93 -19.42 -22.73
CA HIS C 269 11.01 -18.58 -21.95
C HIS C 269 9.89 -18.05 -22.81
N THR C 270 8.71 -17.98 -22.22
CA THR C 270 7.51 -17.56 -22.93
C THR C 270 7.00 -16.23 -22.40
N PHE C 271 6.26 -15.55 -23.27
CA PHE C 271 5.72 -14.23 -23.01
C PHE C 271 4.34 -14.12 -23.64
N ILE C 272 3.54 -13.20 -23.13
CA ILE C 272 2.30 -12.76 -23.77
C ILE C 272 2.53 -11.35 -24.30
N LEU C 273 2.37 -11.18 -25.61
CA LEU C 273 2.56 -9.88 -26.25
C LEU C 273 1.40 -8.96 -25.88
N ARG C 274 1.73 -7.71 -25.53
CA ARG C 274 0.68 -6.72 -25.30
C ARG C 274 -0.03 -6.37 -26.60
N ASN C 275 0.71 -6.34 -27.70
CA ASN C 275 0.14 -6.13 -29.04
C ASN C 275 0.74 -7.14 -29.99
N PRO C 276 -0.05 -8.08 -30.51
CA PRO C 276 0.54 -9.15 -31.36
C PRO C 276 1.21 -8.66 -32.62
N SER C 277 0.98 -7.43 -33.05
CA SER C 277 1.68 -6.92 -34.22
C SER C 277 3.08 -6.43 -33.88
N ASP C 278 3.36 -6.20 -32.60
CA ASP C 278 4.68 -5.83 -32.11
C ASP C 278 5.30 -7.08 -31.52
N ASN C 279 6.14 -7.74 -32.32
CA ASN C 279 6.57 -9.09 -31.99
C ASN C 279 8.05 -9.34 -32.22
N GLY C 280 8.88 -8.30 -32.19
CA GLY C 280 10.31 -8.46 -32.26
C GLY C 280 10.94 -8.55 -30.88
N ILE C 281 12.28 -8.46 -30.87
CA ILE C 281 13.02 -8.36 -29.61
C ILE C 281 12.67 -7.04 -28.94
N GLY C 282 12.28 -7.10 -27.67
CA GLY C 282 11.90 -5.92 -26.93
C GLY C 282 10.46 -5.51 -27.04
N ALA C 283 9.61 -6.32 -27.70
CA ALA C 283 8.19 -6.02 -27.75
C ALA C 283 7.60 -6.07 -26.35
N PRO C 284 6.68 -5.18 -26.00
CA PRO C 284 6.14 -5.20 -24.64
C PRO C 284 5.24 -6.39 -24.40
N THR C 285 5.24 -6.84 -23.14
CA THR C 285 4.55 -8.05 -22.74
C THR C 285 3.77 -7.81 -21.46
N SER C 286 2.96 -8.80 -21.10
N SER C 286 2.97 -8.79 -21.10
CA SER C 286 2.12 -8.75 -19.92
CA SER C 286 2.16 -8.72 -19.89
C SER C 286 2.12 -10.11 -19.25
C SER C 286 2.13 -10.10 -19.24
N GLY C 287 2.06 -10.11 -17.92
CA GLY C 287 1.93 -11.36 -17.19
C GLY C 287 3.21 -12.18 -17.15
N ASP C 288 3.04 -13.43 -16.69
CA ASP C 288 4.18 -14.32 -16.49
C ASP C 288 4.47 -15.22 -17.69
N GLY C 289 3.61 -15.22 -18.71
CA GLY C 289 3.82 -16.03 -19.89
C GLY C 289 3.06 -17.34 -19.84
N PRO C 290 2.80 -17.94 -21.00
CA PRO C 290 2.01 -19.19 -21.01
C PRO C 290 2.80 -20.38 -20.49
N ALA C 291 2.06 -21.37 -20.00
CA ALA C 291 2.61 -22.63 -19.51
C ALA C 291 2.40 -23.74 -20.54
N GLY C 292 3.26 -24.76 -20.45
CA GLY C 292 3.19 -25.91 -21.32
C GLY C 292 2.44 -27.06 -20.68
N PRO C 293 1.93 -27.98 -21.51
CA PRO C 293 1.03 -29.02 -20.97
C PRO C 293 1.74 -30.08 -20.15
N TYR C 294 3.05 -30.23 -20.29
CA TYR C 294 3.81 -31.20 -19.52
C TYR C 294 4.59 -30.57 -18.38
N THR C 295 5.20 -29.42 -18.60
CA THR C 295 5.98 -28.78 -17.54
C THR C 295 5.11 -27.92 -16.62
N ARG C 296 3.99 -27.39 -17.13
CA ARG C 296 2.92 -26.78 -16.33
C ARG C 296 3.42 -25.68 -15.40
N GLN C 297 4.30 -24.83 -15.93
CA GLN C 297 4.80 -23.68 -15.18
C GLN C 297 4.80 -22.46 -16.09
N ALA C 298 4.10 -21.41 -15.67
CA ALA C 298 4.02 -20.22 -16.50
C ALA C 298 5.42 -19.70 -16.81
N GLY C 299 5.62 -19.34 -18.07
CA GLY C 299 6.84 -18.67 -18.48
C GLY C 299 7.93 -19.54 -19.08
N PHE C 300 7.77 -20.86 -19.08
N PHE C 300 7.66 -20.84 -19.25
CA PHE C 300 8.80 -21.64 -19.76
CA PHE C 300 8.68 -21.86 -19.47
C PHE C 300 8.21 -22.91 -20.35
C PHE C 300 8.11 -22.97 -20.36
N TRP C 301 8.81 -23.31 -21.46
CA TRP C 301 8.46 -24.51 -22.21
C TRP C 301 9.71 -25.35 -22.43
N ALA C 302 9.58 -26.65 -22.26
CA ALA C 302 10.64 -27.59 -22.63
C ALA C 302 10.81 -27.60 -24.15
N TYR C 303 11.97 -28.08 -24.60
CA TYR C 303 12.19 -28.14 -26.05
C TYR C 303 11.13 -28.99 -26.74
N TYR C 304 10.70 -30.11 -26.13
CA TYR C 304 9.69 -30.91 -26.82
C TYR C 304 8.35 -30.18 -26.89
N GLU C 305 8.04 -29.35 -25.89
CA GLU C 305 6.83 -28.52 -25.97
C GLU C 305 6.98 -27.43 -27.02
N ILE C 306 8.19 -26.90 -27.19
CA ILE C 306 8.44 -25.89 -28.21
C ILE C 306 8.18 -26.46 -29.60
N CYS C 307 8.61 -27.71 -29.83
CA CYS C 307 8.40 -28.32 -31.13
C CYS C 307 6.92 -28.41 -31.47
N THR C 308 6.09 -28.69 -30.47
CA THR C 308 4.64 -28.71 -30.70
C THR C 308 4.12 -27.32 -31.05
N PHE C 309 4.60 -26.29 -30.35
CA PHE C 309 4.26 -24.92 -30.70
C PHE C 309 4.63 -24.60 -32.14
N LEU C 310 5.84 -25.01 -32.57
CA LEU C 310 6.26 -24.72 -33.93
C LEU C 310 5.37 -25.42 -34.95
N ARG C 311 4.77 -26.55 -34.57
CA ARG C 311 3.84 -27.24 -35.44
C ARG C 311 2.41 -26.73 -35.33
N SER C 312 2.16 -25.74 -34.48
N SER C 312 2.17 -25.74 -34.47
CA SER C 312 0.83 -25.19 -34.27
CA SER C 312 0.84 -25.19 -34.25
C SER C 312 0.62 -23.87 -35.01
C SER C 312 0.60 -23.91 -35.04
N GLY C 313 1.45 -23.58 -36.00
CA GLY C 313 1.30 -22.40 -36.80
C GLY C 313 2.16 -21.22 -36.39
N ALA C 314 3.14 -21.42 -35.51
CA ALA C 314 3.99 -20.34 -35.08
C ALA C 314 4.92 -19.87 -36.19
N THR C 315 5.24 -18.58 -36.15
CA THR C 315 6.24 -17.96 -37.02
C THR C 315 7.60 -18.03 -36.34
N GLU C 316 8.58 -18.60 -37.04
CA GLU C 316 9.94 -18.73 -36.52
C GLU C 316 10.83 -17.66 -37.13
N VAL C 317 11.64 -17.03 -36.29
CA VAL C 317 12.56 -15.99 -36.72
C VAL C 317 13.94 -16.33 -36.19
N TRP C 318 14.97 -16.07 -36.99
CA TRP C 318 16.34 -16.19 -36.53
C TRP C 318 16.84 -14.81 -36.13
N ASP C 319 17.22 -14.67 -34.86
CA ASP C 319 17.78 -13.45 -34.26
C ASP C 319 19.26 -13.47 -34.62
N ALA C 320 19.58 -12.82 -35.74
CA ALA C 320 20.88 -13.04 -36.36
C ALA C 320 22.00 -12.45 -35.52
N SER C 321 21.74 -11.32 -34.86
CA SER C 321 22.80 -10.70 -34.06
C SER C 321 23.16 -11.54 -32.85
N GLN C 322 22.20 -12.29 -32.31
CA GLN C 322 22.40 -13.01 -31.06
C GLN C 322 22.55 -14.52 -31.27
N GLU C 323 22.37 -15.00 -32.51
CA GLU C 323 22.60 -16.40 -32.89
C GLU C 323 21.62 -17.35 -32.17
N VAL C 324 20.38 -16.91 -32.01
CA VAL C 324 19.34 -17.76 -31.42
C VAL C 324 18.03 -17.52 -32.14
N PRO C 325 17.11 -18.49 -32.04
CA PRO C 325 15.79 -18.33 -32.65
C PRO C 325 14.79 -17.71 -31.68
N TYR C 326 13.72 -17.16 -32.25
CA TYR C 326 12.51 -16.89 -31.47
C TYR C 326 11.32 -17.25 -32.35
N ALA C 327 10.14 -17.32 -31.74
CA ALA C 327 8.94 -17.70 -32.48
C ALA C 327 7.74 -17.07 -31.81
N TYR C 328 6.68 -16.86 -32.59
CA TYR C 328 5.49 -16.26 -32.03
C TYR C 328 4.26 -16.71 -32.80
N LYS C 329 3.13 -16.67 -32.12
CA LYS C 329 1.84 -17.04 -32.69
C LYS C 329 0.79 -16.24 -31.94
N ALA C 330 0.06 -15.40 -32.67
CA ALA C 330 -0.92 -14.52 -32.05
C ALA C 330 -0.25 -13.76 -30.92
N ASN C 331 -0.72 -13.96 -29.69
CA ASN C 331 -0.21 -13.19 -28.56
C ASN C 331 0.91 -13.91 -27.79
N GLU C 332 1.37 -15.07 -28.24
CA GLU C 332 2.41 -15.81 -27.54
C GLU C 332 3.77 -15.63 -28.22
N TRP C 333 4.81 -15.45 -27.42
CA TRP C 333 6.16 -15.22 -27.92
C TRP C 333 7.13 -16.07 -27.12
N LEU C 334 8.12 -16.63 -27.82
CA LEU C 334 9.03 -17.61 -27.25
C LEU C 334 10.46 -17.28 -27.63
N GLY C 335 11.34 -17.15 -26.64
CA GLY C 335 12.77 -17.06 -26.88
C GLY C 335 13.43 -18.35 -26.42
N TYR C 336 14.19 -18.98 -27.33
CA TYR C 336 14.60 -20.36 -27.07
C TYR C 336 15.89 -20.69 -27.83
N ASP C 337 16.24 -21.98 -27.80
CA ASP C 337 17.44 -22.51 -28.44
C ASP C 337 17.06 -23.74 -29.26
N ASN C 338 17.78 -23.96 -30.35
CA ASN C 338 17.52 -25.09 -31.22
C ASN C 338 18.85 -25.71 -31.64
N ILE C 339 18.80 -26.64 -32.59
CA ILE C 339 20.02 -27.33 -33.01
C ILE C 339 21.02 -26.32 -33.56
N LYS C 340 20.54 -25.36 -34.35
CA LYS C 340 21.44 -24.39 -34.95
C LYS C 340 22.12 -23.53 -33.89
N SER C 341 21.35 -23.02 -32.92
CA SER C 341 21.97 -22.16 -31.91
C SER C 341 22.90 -22.97 -31.01
N PHE C 342 22.53 -24.21 -30.66
CA PHE C 342 23.44 -25.06 -29.91
C PHE C 342 24.74 -25.29 -30.68
N SER C 343 24.64 -25.48 -32.00
CA SER C 343 25.83 -25.71 -32.82
C SER C 343 26.73 -24.49 -32.85
N VAL C 344 26.14 -23.30 -33.01
CA VAL C 344 26.93 -22.07 -33.04
C VAL C 344 27.65 -21.88 -31.72
N LYS C 345 26.94 -22.08 -30.61
CA LYS C 345 27.54 -21.85 -29.30
C LYS C 345 28.59 -22.90 -28.98
N ALA C 346 28.41 -24.14 -29.44
CA ALA C 346 29.41 -25.17 -29.19
C ALA C 346 30.71 -24.84 -29.93
N GLN C 347 30.61 -24.41 -31.19
CA GLN C 347 31.80 -23.96 -31.90
C GLN C 347 32.46 -22.80 -31.17
N TRP C 348 31.64 -21.85 -30.73
CA TRP C 348 32.15 -20.69 -30.00
C TRP C 348 32.90 -21.11 -28.73
N LEU C 349 32.32 -22.02 -27.94
CA LEU C 349 32.99 -22.33 -26.68
C LEU C 349 34.29 -23.10 -26.91
N LYS C 350 34.32 -23.97 -27.93
CA LYS C 350 35.57 -24.66 -28.23
C LYS C 350 36.66 -23.68 -28.63
N GLN C 351 36.32 -22.70 -29.47
CA GLN C 351 37.31 -21.76 -29.95
C GLN C 351 37.73 -20.75 -28.90
N ASN C 352 36.97 -20.62 -27.81
CA ASN C 352 37.37 -19.79 -26.68
C ASN C 352 37.99 -20.60 -25.55
N ASN C 353 38.29 -21.88 -25.79
CA ASN C 353 39.06 -22.71 -24.88
C ASN C 353 38.32 -23.01 -23.59
N PHE C 354 36.99 -23.04 -23.62
CA PHE C 354 36.24 -23.40 -22.42
C PHE C 354 36.22 -24.91 -22.26
N GLY C 355 35.79 -25.35 -21.08
CA GLY C 355 35.89 -26.76 -20.71
C GLY C 355 34.82 -27.64 -21.31
N GLY C 356 33.75 -27.06 -21.79
CA GLY C 356 32.63 -27.85 -22.29
C GLY C 356 31.33 -27.12 -22.00
N ALA C 357 30.26 -27.92 -21.98
CA ALA C 357 28.90 -27.45 -21.87
C ALA C 357 28.18 -28.20 -20.76
N MET C 358 27.24 -27.53 -20.11
CA MET C 358 26.30 -28.21 -19.24
C MET C 358 24.90 -27.89 -19.75
N ILE C 359 23.99 -28.83 -19.53
N ILE C 359 23.98 -28.85 -19.63
CA ILE C 359 22.64 -28.77 -20.05
CA ILE C 359 22.63 -28.64 -20.11
C ILE C 359 21.68 -28.68 -18.86
C ILE C 359 21.66 -28.68 -18.94
N TRP C 360 20.78 -27.69 -18.89
CA TRP C 360 19.62 -27.67 -17.99
C TRP C 360 18.39 -27.82 -18.89
N ALA C 361 17.75 -29.00 -18.89
CA ALA C 361 18.04 -30.26 -18.22
C ALA C 361 17.72 -31.36 -19.23
N ILE C 362 18.33 -32.53 -19.07
CA ILE C 362 18.19 -33.57 -20.08
C ILE C 362 16.74 -34.04 -20.20
N ASP C 363 15.95 -33.91 -19.12
CA ASP C 363 14.54 -34.29 -19.17
C ASP C 363 13.68 -33.28 -19.94
N LEU C 364 14.26 -32.18 -20.41
CA LEU C 364 13.54 -31.21 -21.23
C LEU C 364 13.82 -31.36 -22.73
N ASP C 365 14.83 -32.17 -23.09
CA ASP C 365 15.08 -32.53 -24.48
C ASP C 365 13.93 -33.40 -25.00
N ASP C 366 13.89 -33.61 -26.32
CA ASP C 366 12.91 -34.53 -26.89
C ASP C 366 13.43 -35.96 -26.75
N PHE C 367 13.37 -36.45 -25.51
CA PHE C 367 14.02 -37.72 -25.19
C PHE C 367 13.29 -38.91 -25.81
N THR C 368 11.99 -38.79 -26.09
CA THR C 368 11.28 -39.86 -26.79
C THR C 368 11.45 -39.80 -28.30
N GLY C 369 11.89 -38.66 -28.83
CA GLY C 369 11.90 -38.42 -30.27
C GLY C 369 10.55 -38.18 -30.90
N SER C 370 9.47 -38.13 -30.11
CA SER C 370 8.10 -38.12 -30.62
C SER C 370 7.56 -36.72 -30.92
N PHE C 371 8.28 -35.65 -30.57
CA PHE C 371 7.74 -34.30 -30.69
C PHE C 371 8.37 -33.47 -31.79
N CYS C 372 9.66 -33.69 -32.08
CA CYS C 372 10.44 -32.77 -32.91
C CYS C 372 10.87 -33.32 -34.25
N ASP C 373 10.69 -34.63 -34.49
CA ASP C 373 11.15 -35.29 -35.72
C ASP C 373 12.64 -35.02 -35.96
N GLN C 374 13.42 -35.04 -34.87
CA GLN C 374 14.86 -34.81 -34.95
C GLN C 374 15.64 -35.94 -34.27
N GLY C 375 15.01 -37.09 -34.09
CA GLY C 375 15.62 -38.21 -33.38
C GLY C 375 15.52 -38.03 -31.88
N LYS C 376 15.95 -39.05 -31.15
CA LYS C 376 15.95 -38.95 -29.70
C LYS C 376 17.05 -38.02 -29.21
N PHE C 377 16.74 -37.25 -28.17
CA PHE C 377 17.68 -36.32 -27.56
C PHE C 377 18.36 -35.42 -28.60
N PRO C 378 17.58 -34.68 -29.39
CA PRO C 378 18.20 -33.91 -30.48
C PRO C 378 19.15 -32.82 -30.00
N LEU C 379 18.79 -32.08 -28.96
CA LEU C 379 19.69 -31.02 -28.50
C LEU C 379 20.93 -31.60 -27.84
N THR C 380 20.74 -32.62 -27.00
CA THR C 380 21.89 -33.20 -26.29
C THR C 380 22.81 -33.90 -27.26
N SER C 381 22.23 -34.59 -28.25
CA SER C 381 23.02 -35.26 -29.28
C SER C 381 23.82 -34.25 -30.10
N THR C 382 23.26 -33.07 -30.34
CA THR C 382 23.99 -32.02 -31.05
C THR C 382 25.28 -31.68 -30.32
N LEU C 383 25.21 -31.51 -29.00
CA LEU C 383 26.41 -31.19 -28.23
C LEU C 383 27.34 -32.39 -28.16
N ASN C 384 26.80 -33.60 -28.03
CA ASN C 384 27.65 -34.79 -28.05
C ASN C 384 28.51 -34.81 -29.30
N LYS C 385 27.90 -34.56 -30.46
CA LYS C 385 28.65 -34.56 -31.71
C LYS C 385 29.63 -33.38 -31.76
N ALA C 386 29.16 -32.18 -31.41
CA ALA C 386 29.98 -30.99 -31.57
C ALA C 386 31.21 -31.02 -30.67
N LEU C 387 31.09 -31.58 -29.47
CA LEU C 387 32.18 -31.59 -28.50
C LEU C 387 33.02 -32.85 -28.56
N GLY C 388 32.77 -33.72 -29.53
CA GLY C 388 33.58 -34.92 -29.69
C GLY C 388 33.47 -35.90 -28.55
N ILE C 389 32.29 -36.01 -27.94
CA ILE C 389 32.15 -36.86 -26.77
C ILE C 389 32.27 -38.33 -27.16
N SER C 390 31.59 -38.72 -28.23
CA SER C 390 31.64 -40.11 -28.68
C SER C 390 32.75 -40.29 -29.71
N THR C 391 33.98 -40.04 -29.24
CA THR C 391 35.19 -40.11 -30.06
C THR C 391 35.83 -41.50 -29.94
N TYR D 22 -10.81 16.47 4.66
CA TYR D 22 -11.91 17.15 5.30
C TYR D 22 -12.75 16.19 6.14
N ASN D 23 -13.42 16.73 7.15
CA ASN D 23 -14.34 15.99 7.99
C ASN D 23 -15.77 16.33 7.61
N LEU D 24 -16.67 15.37 7.82
CA LEU D 24 -18.11 15.58 7.62
C LEU D 24 -18.80 15.07 8.88
N ILE D 25 -19.27 16.00 9.70
CA ILE D 25 -19.78 15.70 11.03
C ILE D 25 -21.30 15.78 10.96
N CYS D 26 -21.98 14.72 11.37
CA CYS D 26 -23.43 14.63 11.18
C CYS D 26 -24.14 14.46 12.51
N TYR D 27 -25.01 15.41 12.82
CA TYR D 27 -25.84 15.32 14.02
C TYR D 27 -27.08 14.46 13.77
N PHE D 28 -27.41 13.63 14.76
CA PHE D 28 -28.61 12.81 14.82
C PHE D 28 -29.39 13.23 16.06
N THR D 29 -30.72 13.33 15.97
CA THR D 29 -31.50 13.80 17.11
C THR D 29 -32.37 12.69 17.68
N ASN D 30 -32.42 12.61 19.02
CA ASN D 30 -33.12 11.51 19.66
C ASN D 30 -34.62 11.75 19.79
N TRP D 31 -35.17 12.80 19.20
CA TRP D 31 -36.61 12.99 19.12
C TRP D 31 -37.16 12.76 17.72
N ALA D 32 -36.30 12.55 16.72
CA ALA D 32 -36.78 12.26 15.38
C ALA D 32 -37.57 10.96 15.33
N GLN D 33 -37.34 10.06 16.29
CA GLN D 33 -38.05 8.80 16.32
C GLN D 33 -39.56 8.96 16.47
N TYR D 34 -40.02 10.09 17.02
CA TYR D 34 -41.42 10.30 17.31
C TYR D 34 -42.20 10.89 16.15
N ARG D 35 -41.53 11.21 15.05
CA ARG D 35 -42.21 11.76 13.90
C ARG D 35 -43.06 10.69 13.23
N PRO D 36 -44.22 11.06 12.69
CA PRO D 36 -45.14 10.04 12.18
C PRO D 36 -44.65 9.40 10.89
N GLY D 37 -45.10 8.17 10.66
CA GLY D 37 -44.86 7.47 9.42
C GLY D 37 -43.45 7.56 8.89
N LEU D 38 -43.29 8.05 7.66
CA LEU D 38 -42.00 8.07 7.01
C LEU D 38 -41.01 9.03 7.66
N GLY D 39 -41.46 9.90 8.56
CA GLY D 39 -40.55 10.81 9.24
C GLY D 39 -39.77 10.18 10.37
N SER D 40 -40.23 9.06 10.90
CA SER D 40 -39.58 8.45 12.05
C SER D 40 -38.17 8.00 11.68
N PHE D 41 -37.18 8.42 12.48
CA PHE D 41 -35.78 8.17 12.19
C PHE D 41 -35.04 7.73 13.44
N LYS D 42 -34.36 6.60 13.35
CA LYS D 42 -33.54 6.03 14.40
C LYS D 42 -32.16 5.71 13.86
N PRO D 43 -31.19 5.38 14.73
CA PRO D 43 -29.80 5.25 14.25
C PRO D 43 -29.61 4.21 13.16
N ASP D 44 -30.44 3.17 13.11
CA ASP D 44 -30.29 2.18 12.04
C ASP D 44 -30.68 2.72 10.67
N ASP D 45 -31.30 3.90 10.63
CA ASP D 45 -31.59 4.57 9.36
C ASP D 45 -30.38 5.32 8.80
N ILE D 46 -29.29 5.42 9.57
CA ILE D 46 -28.10 6.15 9.13
C ILE D 46 -27.24 5.24 8.25
N ASN D 47 -26.79 5.77 7.12
CA ASN D 47 -25.76 5.11 6.33
C ASN D 47 -24.42 5.38 7.00
N PRO D 48 -23.76 4.37 7.56
CA PRO D 48 -22.55 4.62 8.33
C PRO D 48 -21.37 5.12 7.51
N CYS D 49 -21.44 5.08 6.18
CA CYS D 49 -20.32 5.52 5.35
C CYS D 49 -20.44 6.97 4.88
N LEU D 50 -21.55 7.65 5.16
CA LEU D 50 -21.73 9.01 4.65
C LEU D 50 -20.80 10.00 5.35
N CYS D 51 -20.67 9.89 6.66
CA CYS D 51 -20.02 10.89 7.49
C CYS D 51 -18.72 10.35 8.07
N THR D 52 -17.87 11.27 8.54
CA THR D 52 -16.69 10.86 9.28
C THR D 52 -16.93 10.81 10.79
N HIS D 53 -17.86 11.62 11.29
CA HIS D 53 -18.20 11.69 12.70
C HIS D 53 -19.71 11.76 12.82
N LEU D 54 -20.27 11.07 13.81
CA LEU D 54 -21.69 11.14 14.11
C LEU D 54 -21.82 11.68 15.52
N ILE D 55 -22.71 12.66 15.71
CA ILE D 55 -22.93 13.29 17.01
C ILE D 55 -24.37 13.07 17.43
N TYR D 56 -24.55 12.54 18.64
CA TYR D 56 -25.86 12.21 19.18
C TYR D 56 -26.39 13.39 19.99
N ALA D 57 -27.52 13.93 19.57
CA ALA D 57 -28.18 15.05 20.24
C ALA D 57 -29.45 14.55 20.92
N PHE D 58 -29.58 14.74 22.24
CA PHE D 58 -28.73 15.38 23.22
C PHE D 58 -28.76 14.56 24.51
N ALA D 59 -27.71 14.68 25.29
CA ALA D 59 -27.72 14.32 26.69
C ALA D 59 -28.10 15.53 27.54
N GLY D 60 -28.49 15.26 28.77
CA GLY D 60 -28.83 16.28 29.74
C GLY D 60 -27.92 16.26 30.94
N MET D 61 -28.36 16.86 32.04
CA MET D 61 -27.52 17.02 33.21
C MET D 61 -28.41 16.95 34.44
N GLN D 62 -27.91 16.30 35.48
CA GLN D 62 -28.62 16.21 36.75
C GLN D 62 -27.58 16.20 37.86
N ASN D 63 -27.69 17.13 38.79
CA ASN D 63 -26.76 17.23 39.92
C ASN D 63 -25.31 17.30 39.44
N ASN D 64 -25.08 18.12 38.42
CA ASN D 64 -23.75 18.35 37.83
C ASN D 64 -23.18 17.11 37.14
N GLU D 65 -24.02 16.15 36.79
CA GLU D 65 -23.57 14.95 36.09
C GLU D 65 -24.37 14.75 34.81
N ILE D 66 -23.70 14.22 33.79
CA ILE D 66 -24.35 13.97 32.51
C ILE D 66 -25.36 12.84 32.66
N THR D 67 -26.48 12.93 31.96
CA THR D 67 -27.52 11.91 32.04
C THR D 67 -28.21 11.76 30.69
N THR D 68 -29.00 10.70 30.57
CA THR D 68 -29.89 10.53 29.44
C THR D 68 -31.09 11.45 29.57
N ILE D 69 -31.86 11.57 28.48
CA ILE D 69 -33.07 12.38 28.53
C ILE D 69 -34.30 11.68 27.96
N GLU D 70 -34.11 10.72 27.06
CA GLU D 70 -35.23 9.95 26.52
C GLU D 70 -35.29 8.55 27.13
N TRP D 71 -36.51 8.02 27.23
CA TRP D 71 -36.73 6.72 27.87
C TRP D 71 -35.91 5.61 27.23
N ASN D 72 -35.64 5.68 25.93
CA ASN D 72 -34.91 4.64 25.23
C ASN D 72 -33.54 5.08 24.74
N ASP D 73 -32.95 6.11 25.34
CA ASP D 73 -31.61 6.53 24.93
C ASP D 73 -30.60 5.39 25.01
N VAL D 74 -30.71 4.50 25.99
CA VAL D 74 -29.75 3.42 26.09
C VAL D 74 -29.83 2.53 24.86
N THR D 75 -31.05 2.26 24.40
CA THR D 75 -31.25 1.48 23.19
C THR D 75 -30.66 2.20 21.98
N LEU D 76 -30.94 3.51 21.87
CA LEU D 76 -30.47 4.25 20.70
C LEU D 76 -28.96 4.47 20.76
N TYR D 77 -28.40 4.68 21.96
CA TYR D 77 -26.94 4.76 22.07
C TYR D 77 -26.31 3.53 21.46
N LYS D 78 -26.84 2.34 21.79
CA LYS D 78 -26.23 1.11 21.31
C LYS D 78 -26.34 1.01 19.80
N ALA D 79 -27.51 1.29 19.25
CA ALA D 79 -27.68 1.23 17.79
C ALA D 79 -26.76 2.25 17.10
N PHE D 80 -26.61 3.42 17.70
CA PHE D 80 -25.73 4.47 17.19
C PHE D 80 -24.28 4.00 17.15
N ASN D 81 -23.78 3.52 18.27
CA ASN D 81 -22.36 3.16 18.30
C ASN D 81 -22.10 1.83 17.61
N ASP D 82 -23.14 1.00 17.44
CA ASP D 82 -23.03 -0.17 16.60
C ASP D 82 -22.74 0.18 15.14
N LEU D 83 -23.03 1.42 14.71
CA LEU D 83 -22.74 1.79 13.32
C LEU D 83 -21.25 1.71 13.04
N LYS D 84 -20.42 1.86 14.07
CA LYS D 84 -18.97 1.79 13.88
C LYS D 84 -18.52 0.41 13.48
N ASN D 85 -19.36 -0.62 13.65
CA ASN D 85 -19.01 -1.95 13.19
C ASN D 85 -19.01 -2.06 11.68
N ARG D 86 -19.71 -1.16 10.99
CA ARG D 86 -19.72 -1.15 9.54
C ARG D 86 -18.81 -0.07 8.95
N ASN D 87 -18.17 0.74 9.80
CA ASN D 87 -17.24 1.76 9.31
C ASN D 87 -16.20 1.98 10.40
N SER D 88 -15.01 1.40 10.20
CA SER D 88 -13.96 1.43 11.21
C SER D 88 -13.34 2.81 11.37
N LYS D 89 -13.56 3.71 10.42
CA LYS D 89 -13.05 5.07 10.49
C LYS D 89 -14.01 6.01 11.24
N LEU D 90 -15.23 5.57 11.49
CA LEU D 90 -16.26 6.43 12.06
C LEU D 90 -15.98 6.68 13.55
N LYS D 91 -16.09 7.93 13.96
CA LYS D 91 -16.10 8.31 15.36
C LYS D 91 -17.49 8.78 15.74
N THR D 92 -17.87 8.54 16.99
CA THR D 92 -19.14 9.01 17.51
C THR D 92 -18.89 9.92 18.71
N LEU D 93 -19.74 10.94 18.82
CA LEU D 93 -19.73 11.82 19.98
C LEU D 93 -21.14 11.96 20.52
N LEU D 94 -21.22 12.32 21.78
CA LEU D 94 -22.46 12.64 22.47
C LEU D 94 -22.48 14.14 22.73
N ALA D 95 -23.54 14.81 22.29
CA ALA D 95 -23.69 16.24 22.52
C ALA D 95 -24.53 16.48 23.77
N ILE D 96 -24.09 17.42 24.60
CA ILE D 96 -24.84 17.80 25.80
C ILE D 96 -25.31 19.25 25.64
N GLY D 97 -26.57 19.48 25.97
CA GLY D 97 -27.14 20.81 25.87
C GLY D 97 -28.17 20.95 24.78
N GLY D 98 -27.93 21.87 23.85
CA GLY D 98 -28.89 22.23 22.83
C GLY D 98 -29.70 23.44 23.24
N TRP D 99 -30.51 23.92 22.29
CA TRP D 99 -31.24 25.16 22.53
C TRP D 99 -32.19 25.04 23.71
N ASN D 100 -33.06 24.02 23.69
CA ASN D 100 -34.09 23.90 24.72
C ASN D 100 -33.50 23.72 26.11
N PHE D 101 -32.31 23.12 26.21
CA PHE D 101 -31.69 22.89 27.51
C PHE D 101 -31.40 24.18 28.25
N GLY D 102 -31.11 25.27 27.53
CA GLY D 102 -30.83 26.52 28.20
C GLY D 102 -29.45 26.55 28.84
N THR D 103 -29.32 27.42 29.86
CA THR D 103 -28.01 27.70 30.43
C THR D 103 -27.88 27.42 31.92
N ALA D 104 -28.98 27.41 32.68
CA ALA D 104 -28.87 27.30 34.13
C ALA D 104 -28.02 26.13 34.59
N PRO D 105 -28.20 24.90 34.08
CA PRO D 105 -27.34 23.81 34.58
C PRO D 105 -25.88 24.01 34.26
N PHE D 106 -25.56 24.56 33.08
CA PHE D 106 -24.16 24.83 32.75
C PHE D 106 -23.57 25.88 33.69
N THR D 107 -24.31 26.95 33.95
CA THR D 107 -23.82 28.01 34.83
C THR D 107 -23.47 27.44 36.20
N THR D 108 -24.35 26.62 36.75
CA THR D 108 -24.06 26.05 38.07
C THR D 108 -22.88 25.09 38.01
N MET D 109 -22.78 24.31 36.93
CA MET D 109 -21.71 23.31 36.87
C MET D 109 -20.34 23.95 36.75
N VAL D 110 -20.20 25.03 35.99
CA VAL D 110 -18.87 25.61 35.84
C VAL D 110 -18.51 26.56 36.98
N SER D 111 -19.45 26.82 37.90
CA SER D 111 -19.24 27.88 38.89
C SER D 111 -18.11 27.56 39.87
N THR D 112 -17.81 26.28 40.09
CA THR D 112 -16.75 25.90 41.03
C THR D 112 -15.91 24.79 40.45
N SER D 113 -14.65 24.72 40.91
CA SER D 113 -13.76 23.64 40.49
C SER D 113 -14.34 22.29 40.85
N GLN D 114 -14.93 22.17 42.05
CA GLN D 114 -15.53 20.92 42.47
C GLN D 114 -16.62 20.47 41.51
N ASN D 115 -17.48 21.41 41.09
CA ASN D 115 -18.60 21.05 40.23
C ASN D 115 -18.12 20.66 38.84
N ARG D 116 -17.05 21.28 38.35
CA ARG D 116 -16.50 20.92 37.04
C ARG D 116 -15.86 19.54 37.09
N GLN D 117 -15.07 19.27 38.13
CA GLN D 117 -14.48 17.95 38.30
C GLN D 117 -15.56 16.87 38.40
N THR D 118 -16.64 17.17 39.13
CA THR D 118 -17.75 16.23 39.23
C THR D 118 -18.35 15.93 37.86
N PHE D 119 -18.55 16.97 37.06
CA PHE D 119 -19.12 16.78 35.72
C PHE D 119 -18.16 16.01 34.82
N ILE D 120 -16.88 16.41 34.80
CA ILE D 120 -15.90 15.78 33.94
C ILE D 120 -15.76 14.30 34.28
N THR D 121 -15.72 13.97 35.57
CA THR D 121 -15.67 12.57 35.96
C THR D 121 -16.89 11.81 35.46
N SER D 122 -18.08 12.40 35.60
CA SER D 122 -19.28 11.72 35.13
C SER D 122 -19.26 11.52 33.62
N VAL D 123 -18.65 12.45 32.89
CA VAL D 123 -18.62 12.37 31.43
C VAL D 123 -17.70 11.22 30.99
N ILE D 124 -16.52 11.14 31.58
CA ILE D 124 -15.61 10.05 31.23
C ILE D 124 -16.29 8.70 31.41
N LYS D 125 -16.90 8.49 32.58
CA LYS D 125 -17.55 7.23 32.87
C LYS D 125 -18.69 6.95 31.89
N PHE D 126 -19.48 7.99 31.59
CA PHE D 126 -20.66 7.84 30.75
C PHE D 126 -20.28 7.54 29.31
N LEU D 127 -19.35 8.31 28.75
CA LEU D 127 -18.94 8.09 27.37
C LEU D 127 -18.33 6.71 27.19
N ARG D 128 -17.46 6.29 28.12
CA ARG D 128 -16.84 4.98 28.00
C ARG D 128 -17.87 3.87 28.16
N GLN D 129 -18.77 4.02 29.13
CA GLN D 129 -19.76 2.97 29.36
C GLN D 129 -20.61 2.72 28.13
N TYR D 130 -21.00 3.79 27.42
CA TYR D 130 -21.97 3.68 26.35
C TYR D 130 -21.34 3.69 24.97
N GLY D 131 -20.01 3.76 24.87
CA GLY D 131 -19.35 3.51 23.61
C GLY D 131 -19.02 4.72 22.77
N PHE D 132 -19.07 5.92 23.34
CA PHE D 132 -18.84 7.14 22.59
C PHE D 132 -17.36 7.47 22.56
N ASP D 133 -16.95 8.17 21.50
CA ASP D 133 -15.56 8.58 21.32
C ASP D 133 -15.29 10.02 21.75
N GLY D 134 -16.28 10.73 22.26
CA GLY D 134 -16.05 12.11 22.68
C GLY D 134 -17.33 12.79 23.11
N LEU D 135 -17.15 14.04 23.55
CA LEU D 135 -18.24 14.90 24.00
C LEU D 135 -18.28 16.16 23.15
N ASP D 136 -19.47 16.52 22.68
CA ASP D 136 -19.73 17.79 22.00
C ASP D 136 -20.46 18.71 22.97
N LEU D 137 -19.80 19.79 23.37
CA LEU D 137 -20.44 20.76 24.26
C LEU D 137 -21.31 21.71 23.45
N ASP D 138 -22.61 21.71 23.74
N ASP D 138 -22.62 21.69 23.71
CA ASP D 138 -23.56 22.54 23.01
CA ASP D 138 -23.52 22.57 22.99
C ASP D 138 -24.28 23.48 23.95
C ASP D 138 -24.26 23.47 23.97
N TRP D 139 -23.52 24.31 24.68
CA TRP D 139 -24.09 25.28 25.59
C TRP D 139 -24.49 26.52 24.78
N GLU D 140 -25.78 26.85 24.81
CA GLU D 140 -26.31 27.98 24.04
C GLU D 140 -26.90 29.00 25.01
N TYR D 141 -26.08 29.96 25.45
CA TYR D 141 -24.64 30.12 25.22
C TYR D 141 -24.01 30.65 26.50
N PRO D 142 -22.70 30.46 26.67
CA PRO D 142 -22.01 31.15 27.79
C PRO D 142 -22.20 32.66 27.64
N GLY D 143 -22.55 33.31 28.74
CA GLY D 143 -22.69 34.75 28.74
C GLY D 143 -23.98 35.29 28.14
N SER D 144 -24.89 34.45 27.69
CA SER D 144 -26.14 34.89 27.12
C SER D 144 -27.27 34.02 27.66
N ARG D 145 -28.51 34.40 27.32
CA ARG D 145 -29.69 33.60 27.64
C ARG D 145 -29.75 33.25 29.12
N GLY D 146 -29.38 34.21 29.97
CA GLY D 146 -29.41 34.04 31.40
C GLY D 146 -28.07 33.69 32.03
N SER D 147 -27.09 33.32 31.23
CA SER D 147 -25.76 33.00 31.74
C SER D 147 -25.00 34.29 32.08
N PRO D 148 -24.41 34.39 33.28
CA PRO D 148 -23.75 35.64 33.68
C PRO D 148 -22.42 35.82 32.97
N PRO D 149 -21.87 37.03 33.00
CA PRO D 149 -20.67 37.32 32.20
C PRO D 149 -19.46 36.46 32.52
N GLN D 150 -19.32 36.02 33.76
CA GLN D 150 -18.14 35.25 34.12
C GLN D 150 -18.10 33.89 33.41
N ASP D 151 -19.23 33.45 32.86
CA ASP D 151 -19.27 32.15 32.20
C ASP D 151 -18.46 32.12 30.92
N LYS D 152 -18.16 33.29 30.34
CA LYS D 152 -17.28 33.32 29.18
C LYS D 152 -15.91 32.73 29.53
N HIS D 153 -15.32 33.19 30.64
CA HIS D 153 -14.03 32.62 31.02
C HIS D 153 -14.19 31.22 31.59
N LEU D 154 -15.23 30.98 32.40
CA LEU D 154 -15.38 29.68 33.02
C LEU D 154 -15.63 28.58 31.98
N PHE D 155 -16.21 28.93 30.83
CA PHE D 155 -16.30 27.96 29.75
C PHE D 155 -14.92 27.55 29.25
N THR D 156 -14.02 28.52 29.07
CA THR D 156 -12.65 28.19 28.71
C THR D 156 -12.02 27.26 29.74
N VAL D 157 -12.23 27.56 31.03
CA VAL D 157 -11.65 26.73 32.08
C VAL D 157 -12.21 25.31 32.00
N LEU D 158 -13.53 25.19 31.83
CA LEU D 158 -14.14 23.87 31.71
C LEU D 158 -13.52 23.07 30.57
N VAL D 159 -13.35 23.71 29.41
CA VAL D 159 -12.83 23.00 28.25
C VAL D 159 -11.37 22.61 28.47
N LYS D 160 -10.60 23.51 29.08
CA LYS D 160 -9.20 23.19 29.41
C LYS D 160 -9.14 21.99 30.36
N GLU D 161 -9.97 22.00 31.40
CA GLU D 161 -9.93 20.92 32.38
C GLU D 161 -10.42 19.61 31.77
N MET D 162 -11.42 19.68 30.89
N MET D 162 -11.43 19.69 30.90
CA MET D 162 -11.91 18.47 30.26
CA MET D 162 -11.95 18.49 30.24
C MET D 162 -10.89 17.88 29.30
C MET D 162 -10.89 17.89 29.30
N ARG D 163 -10.25 18.73 28.48
CA ARG D 163 -9.20 18.25 27.59
C ARG D 163 -8.08 17.58 28.39
N GLU D 164 -7.66 18.22 29.47
CA GLU D 164 -6.61 17.64 30.32
C GLU D 164 -7.06 16.31 30.90
N ALA D 165 -8.30 16.23 31.38
CA ALA D 165 -8.79 14.99 31.97
C ALA D 165 -8.91 13.88 30.91
N PHE D 166 -9.30 14.22 29.69
CA PHE D 166 -9.36 13.23 28.63
C PHE D 166 -7.97 12.70 28.28
N GLU D 167 -6.98 13.60 28.21
CA GLU D 167 -5.61 13.17 27.96
C GLU D 167 -5.15 12.17 29.02
N GLN D 168 -5.46 12.43 30.29
CA GLN D 168 -5.02 11.54 31.36
C GLN D 168 -5.76 10.22 31.32
N GLU D 169 -7.04 10.22 30.97
CA GLU D 169 -7.82 8.98 30.94
C GLU D 169 -7.36 8.06 29.82
N ALA D 170 -6.92 8.61 28.70
CA ALA D 170 -6.40 7.78 27.62
C ALA D 170 -5.17 7.02 28.09
N ILE D 171 -4.29 7.72 28.83
CA ILE D 171 -3.09 7.09 29.36
C ILE D 171 -3.47 5.98 30.32
N GLU D 172 -4.37 6.26 31.26
CA GLU D 172 -4.67 5.30 32.30
C GLU D 172 -5.43 4.09 31.78
N SER D 173 -6.29 4.28 30.78
CA SER D 173 -7.12 3.18 30.29
C SER D 173 -6.57 2.55 29.02
N ASN D 174 -5.48 3.07 28.47
CA ASN D 174 -4.86 2.55 27.25
C ASN D 174 -5.87 2.51 26.10
N ARG D 175 -6.71 3.53 26.01
CA ARG D 175 -7.65 3.66 24.92
C ARG D 175 -7.47 5.00 24.23
N PRO D 176 -7.83 5.11 22.95
CA PRO D 176 -7.71 6.40 22.27
C PRO D 176 -8.42 7.50 23.04
N ARG D 177 -7.80 8.67 23.07
CA ARG D 177 -8.31 9.77 23.87
C ARG D 177 -9.70 10.19 23.42
N LEU D 178 -10.57 10.43 24.39
CA LEU D 178 -11.87 11.03 24.11
C LEU D 178 -11.69 12.42 23.50
N MET D 179 -12.52 12.74 22.52
CA MET D 179 -12.50 14.04 21.88
C MET D 179 -13.35 15.03 22.69
N VAL D 180 -12.97 16.30 22.65
CA VAL D 180 -13.83 17.37 23.17
C VAL D 180 -14.02 18.40 22.08
N THR D 181 -15.27 18.57 21.65
CA THR D 181 -15.66 19.53 20.64
C THR D 181 -16.71 20.45 21.22
N ALA D 182 -17.04 21.52 20.49
CA ALA D 182 -18.12 22.40 20.91
C ALA D 182 -18.85 22.94 19.71
N ALA D 183 -20.18 23.01 19.81
CA ALA D 183 -21.00 23.77 18.89
C ALA D 183 -21.08 25.20 19.42
N VAL D 184 -20.79 26.17 18.55
CA VAL D 184 -20.63 27.55 18.98
C VAL D 184 -21.49 28.48 18.13
N ALA D 185 -21.81 29.63 18.73
CA ALA D 185 -22.73 30.59 18.14
C ALA D 185 -22.21 31.13 16.81
N GLY D 186 -23.16 31.46 15.94
CA GLY D 186 -22.87 32.19 14.73
C GLY D 186 -23.23 33.66 14.79
N GLY D 187 -23.93 34.08 15.84
CA GLY D 187 -24.28 35.49 16.01
C GLY D 187 -23.17 36.24 16.73
N ILE D 188 -22.81 37.41 16.19
CA ILE D 188 -21.63 38.12 16.67
C ILE D 188 -21.80 38.56 18.12
N SER D 189 -22.99 39.05 18.48
CA SER D 189 -23.20 39.46 19.87
C SER D 189 -23.00 38.28 20.81
N ASN D 190 -23.54 37.11 20.45
CA ASN D 190 -23.35 35.93 21.28
C ASN D 190 -21.89 35.46 21.28
N ILE D 191 -21.21 35.56 20.15
CA ILE D 191 -19.80 35.18 20.11
C ILE D 191 -18.98 36.06 21.05
N GLN D 192 -19.23 37.37 21.02
CA GLN D 192 -18.43 38.28 21.84
C GLN D 192 -18.72 38.10 23.32
N ALA D 193 -19.95 37.75 23.67
CA ALA D 193 -20.29 37.55 25.07
C ALA D 193 -19.86 36.19 25.58
N GLY D 194 -19.56 35.24 24.70
CA GLY D 194 -19.44 33.87 25.13
C GLY D 194 -18.08 33.21 25.11
N TYR D 195 -17.17 33.61 24.22
CA TYR D 195 -16.02 32.77 23.90
C TYR D 195 -14.71 33.55 23.93
N GLU D 196 -13.72 32.99 24.64
CA GLU D 196 -12.33 33.43 24.57
C GLU D 196 -11.68 32.63 23.45
N ILE D 197 -11.78 33.15 22.23
CA ILE D 197 -11.53 32.32 21.05
C ILE D 197 -10.09 31.82 21.00
N PRO D 198 -9.06 32.63 21.21
CA PRO D 198 -7.69 32.10 21.08
C PRO D 198 -7.41 30.96 22.04
N GLU D 199 -7.79 31.10 23.31
CA GLU D 199 -7.47 30.05 24.28
C GLU D 199 -8.38 28.85 24.13
N LEU D 200 -9.68 29.09 23.92
CA LEU D 200 -10.61 28.00 23.69
C LEU D 200 -10.16 27.13 22.53
N SER D 201 -9.67 27.75 21.45
CA SER D 201 -9.32 27.01 20.24
C SER D 201 -8.14 26.09 20.47
N LYS D 202 -7.28 26.41 21.43
CA LYS D 202 -6.14 25.52 21.72
C LYS D 202 -6.61 24.18 22.24
N TYR D 203 -7.70 24.16 23.02
CA TYR D 203 -8.09 22.96 23.75
C TYR D 203 -9.20 22.16 23.08
N LEU D 204 -10.05 22.79 22.28
CA LEU D 204 -11.04 22.04 21.53
C LEU D 204 -10.38 21.28 20.38
N ASP D 205 -10.89 20.07 20.11
CA ASP D 205 -10.47 19.34 18.93
C ASP D 205 -11.11 19.90 17.66
N PHE D 206 -12.40 20.21 17.73
CA PHE D 206 -13.10 20.82 16.62
C PHE D 206 -14.07 21.87 17.16
N ILE D 207 -14.33 22.87 16.32
CA ILE D 207 -15.21 23.98 16.64
C ILE D 207 -16.32 23.93 15.60
N HIS D 208 -17.52 23.52 16.02
CA HIS D 208 -18.65 23.36 15.10
C HIS D 208 -19.43 24.68 15.08
N VAL D 209 -19.20 25.51 14.07
CA VAL D 209 -19.82 26.84 14.03
C VAL D 209 -21.22 26.71 13.48
N MET D 210 -22.20 27.19 14.24
CA MET D 210 -23.61 27.08 13.86
C MET D 210 -23.99 28.23 12.93
N THR D 211 -23.49 28.14 11.70
CA THR D 211 -23.76 29.10 10.65
C THR D 211 -25.13 28.83 10.01
N TYR D 212 -26.15 28.87 10.84
CA TYR D 212 -27.53 28.73 10.41
C TYR D 212 -28.40 29.45 11.44
N ASP D 213 -29.71 29.46 11.20
CA ASP D 213 -30.61 30.29 11.98
C ASP D 213 -30.16 31.75 11.94
N LEU D 214 -29.57 32.16 10.81
CA LEU D 214 -29.09 33.53 10.72
C LEU D 214 -30.23 34.51 10.49
N HIS D 215 -31.32 34.04 9.87
CA HIS D 215 -32.58 34.77 9.74
C HIS D 215 -33.71 33.81 10.08
N GLY D 216 -34.84 34.37 10.52
CA GLY D 216 -36.00 33.57 10.85
C GLY D 216 -37.17 34.47 11.21
N SER D 217 -38.32 33.84 11.47
CA SER D 217 -39.55 34.58 11.69
C SER D 217 -39.46 35.54 12.87
N TRP D 218 -38.54 35.29 13.80
CA TRP D 218 -38.36 36.18 14.93
C TRP D 218 -38.03 37.60 14.51
N GLU D 219 -37.50 37.78 13.29
CA GLU D 219 -37.12 39.11 12.85
C GLU D 219 -38.28 39.91 12.30
N GLY D 220 -39.39 39.26 11.95
CA GLY D 220 -40.53 39.97 11.37
C GLY D 220 -40.41 40.31 9.90
N TYR D 221 -39.41 39.79 9.21
CA TYR D 221 -39.32 39.90 7.76
C TYR D 221 -38.55 38.69 7.25
N THR D 222 -38.70 38.41 5.96
CA THR D 222 -38.10 37.22 5.39
C THR D 222 -36.58 37.35 5.26
N GLY D 223 -35.91 36.20 5.32
CA GLY D 223 -34.48 36.13 5.09
C GLY D 223 -34.04 34.69 5.07
N GLU D 224 -32.81 34.49 4.62
CA GLU D 224 -32.28 33.15 4.41
C GLU D 224 -31.71 32.55 5.70
N ASN D 225 -31.84 31.22 5.79
CA ASN D 225 -31.37 30.50 6.96
C ASN D 225 -29.85 30.50 7.05
N SER D 226 -29.17 30.24 5.93
CA SER D 226 -27.72 30.07 5.90
C SER D 226 -27.16 30.66 4.62
N PRO D 227 -27.36 31.95 4.39
CA PRO D 227 -26.81 32.58 3.18
C PRO D 227 -25.29 32.61 3.24
N LEU D 228 -24.65 32.37 2.10
CA LEU D 228 -23.19 32.38 2.09
C LEU D 228 -22.65 33.81 2.21
N TYR D 229 -23.29 34.76 1.53
CA TYR D 229 -22.85 36.14 1.51
C TYR D 229 -23.97 37.07 1.96
N LYS D 230 -23.61 38.32 2.24
CA LYS D 230 -24.60 39.31 2.64
C LYS D 230 -25.50 39.68 1.47
N TYR D 231 -26.73 40.05 1.79
CA TYR D 231 -27.65 40.58 0.80
C TYR D 231 -27.26 42.03 0.51
N PRO D 232 -27.45 42.49 -0.73
CA PRO D 232 -26.91 43.81 -1.09
C PRO D 232 -27.48 44.97 -0.29
N THR D 233 -28.67 44.81 0.29
CA THR D 233 -29.29 45.88 1.06
C THR D 233 -28.90 45.86 2.54
N GLU D 234 -28.17 44.86 3.00
CA GLU D 234 -27.92 44.70 4.42
C GLU D 234 -26.80 45.63 4.86
N THR D 235 -27.05 46.37 5.94
CA THR D 235 -26.08 47.30 6.47
C THR D 235 -25.99 47.13 7.98
N GLY D 236 -24.93 47.71 8.55
CA GLY D 236 -24.77 47.63 9.98
C GLY D 236 -24.56 46.19 10.42
N SER D 237 -25.13 45.85 11.57
CA SER D 237 -25.01 44.49 12.08
C SER D 237 -25.72 43.48 11.20
N ASN D 238 -26.66 43.89 10.34
CA ASN D 238 -27.28 42.92 9.46
C ASN D 238 -26.29 42.35 8.46
N ALA D 239 -25.18 43.04 8.20
CA ALA D 239 -24.17 42.54 7.27
C ALA D 239 -23.32 41.42 7.86
N TYR D 240 -23.49 41.11 9.16
CA TYR D 240 -22.80 40.00 9.78
C TYR D 240 -23.50 38.66 9.55
N LEU D 241 -24.73 38.67 9.06
CA LEU D 241 -25.61 37.50 9.08
C LEU D 241 -25.42 36.64 7.83
N ASN D 242 -24.19 36.13 7.66
CA ASN D 242 -23.91 35.24 6.55
C ASN D 242 -22.71 34.36 6.90
N VAL D 243 -22.61 33.23 6.18
CA VAL D 243 -21.62 32.21 6.52
C VAL D 243 -20.20 32.76 6.35
N ASP D 244 -19.96 33.53 5.28
CA ASP D 244 -18.63 34.05 5.03
C ASP D 244 -18.16 34.91 6.20
N TYR D 245 -19.01 35.84 6.65
CA TYR D 245 -18.58 36.73 7.72
C TYR D 245 -18.35 35.96 9.00
N VAL D 246 -19.25 35.03 9.33
CA VAL D 246 -19.18 34.34 10.61
C VAL D 246 -17.94 33.45 10.68
N MET D 247 -17.69 32.67 9.62
CA MET D 247 -16.54 31.78 9.63
C MET D 247 -15.24 32.58 9.68
N ASN D 248 -15.19 33.69 8.93
CA ASN D 248 -14.00 34.52 8.93
C ASN D 248 -13.86 35.28 10.24
N TYR D 249 -14.96 35.56 10.93
CA TYR D 249 -14.85 36.14 12.26
C TYR D 249 -14.11 35.18 13.20
N TRP D 250 -14.55 33.91 13.21
CA TRP D 250 -13.89 32.92 14.06
C TRP D 250 -12.42 32.75 13.67
N LYS D 251 -12.15 32.62 12.36
CA LYS D 251 -10.79 32.36 11.92
C LYS D 251 -9.87 33.52 12.25
N ASN D 252 -10.33 34.76 12.06
CA ASN D 252 -9.49 35.93 12.23
C ASN D 252 -9.46 36.45 13.65
N ASN D 253 -10.19 35.83 14.58
CA ASN D 253 -10.10 36.18 15.99
C ASN D 253 -9.53 35.05 16.82
N GLY D 254 -8.82 34.11 16.18
CA GLY D 254 -7.97 33.20 16.92
C GLY D 254 -8.12 31.71 16.67
N ALA D 255 -9.14 31.31 15.92
CA ALA D 255 -9.35 29.87 15.75
C ALA D 255 -8.63 29.37 14.51
N PRO D 256 -7.87 28.28 14.60
CA PRO D 256 -7.23 27.72 13.40
C PRO D 256 -8.28 27.24 12.41
N ALA D 257 -8.04 27.53 11.13
CA ALA D 257 -8.98 27.15 10.09
C ALA D 257 -9.23 25.65 10.09
N GLU D 258 -8.20 24.85 10.37
CA GLU D 258 -8.35 23.40 10.27
C GLU D 258 -9.23 22.82 11.39
N LYS D 259 -9.43 23.57 12.48
CA LYS D 259 -10.33 23.15 13.54
C LYS D 259 -11.75 23.65 13.33
N LEU D 260 -11.94 24.58 12.41
CA LEU D 260 -13.24 25.20 12.20
C LEU D 260 -14.08 24.39 11.24
N ILE D 261 -15.31 24.09 11.65
CA ILE D 261 -16.24 23.28 10.89
C ILE D 261 -17.44 24.14 10.56
N VAL D 262 -17.79 24.20 9.27
CA VAL D 262 -18.88 25.05 8.79
C VAL D 262 -20.20 24.34 9.01
N GLY D 263 -21.19 25.07 9.54
CA GLY D 263 -22.51 24.49 9.77
C GLY D 263 -23.37 24.55 8.51
N PHE D 264 -23.98 23.40 8.18
CA PHE D 264 -24.87 23.23 7.04
C PHE D 264 -26.24 22.79 7.52
N PRO D 265 -27.30 23.55 7.29
CA PRO D 265 -28.62 23.08 7.70
C PRO D 265 -29.33 22.25 6.64
N GLU D 266 -29.91 21.13 7.04
CA GLU D 266 -30.74 20.31 6.17
C GLU D 266 -32.23 20.57 6.41
N TYR D 267 -32.55 21.81 6.73
CA TYR D 267 -33.90 22.28 7.00
C TYR D 267 -33.93 23.74 6.53
N GLY D 268 -35.13 24.30 6.41
CA GLY D 268 -35.27 25.71 6.12
C GLY D 268 -36.23 26.36 7.11
N HIS D 269 -36.19 27.69 7.15
CA HIS D 269 -37.10 28.44 8.00
C HIS D 269 -38.29 28.95 7.19
N THR D 270 -39.46 28.92 7.83
CA THR D 270 -40.72 29.30 7.23
C THR D 270 -41.23 30.59 7.87
N PHE D 271 -42.05 31.29 7.09
CA PHE D 271 -42.60 32.57 7.45
C PHE D 271 -44.02 32.67 6.90
N ILE D 272 -44.84 33.49 7.54
CA ILE D 272 -46.11 33.92 6.97
C ILE D 272 -45.96 35.36 6.51
N LEU D 273 -46.09 35.57 5.21
CA LEU D 273 -46.00 36.92 4.65
C LEU D 273 -47.18 37.79 5.08
N ARG D 274 -46.87 39.05 5.40
CA ARG D 274 -47.93 40.02 5.67
C ARG D 274 -48.75 40.30 4.42
N ASN D 275 -48.10 40.44 3.27
CA ASN D 275 -48.77 40.68 1.99
C ASN D 275 -48.18 39.75 0.95
N PRO D 276 -48.95 38.79 0.43
CA PRO D 276 -48.36 37.78 -0.47
C PRO D 276 -47.74 38.34 -1.74
N SER D 277 -48.08 39.56 -2.15
CA SER D 277 -47.44 40.13 -3.33
C SER D 277 -46.05 40.68 -3.03
N ASP D 278 -45.72 40.86 -1.75
CA ASP D 278 -44.42 41.32 -1.28
C ASP D 278 -43.72 40.07 -0.76
N ASN D 279 -42.93 39.43 -1.65
CA ASN D 279 -42.46 38.07 -1.39
C ASN D 279 -40.97 37.88 -1.73
N GLY D 280 -40.19 38.95 -1.75
CA GLY D 280 -38.76 38.84 -1.89
C GLY D 280 -38.07 38.71 -0.54
N ILE D 281 -36.75 38.86 -0.58
CA ILE D 281 -35.97 38.95 0.66
C ILE D 281 -36.29 40.26 1.37
N GLY D 282 -36.43 40.20 2.70
CA GLY D 282 -36.76 41.37 3.49
C GLY D 282 -38.21 41.80 3.48
N ALA D 283 -39.10 40.94 3.03
CA ALA D 283 -40.52 41.26 3.03
C ALA D 283 -41.12 41.08 4.41
N PRO D 284 -42.06 41.95 4.82
CA PRO D 284 -42.63 41.84 6.17
C PRO D 284 -43.39 40.53 6.38
N THR D 285 -43.31 40.00 7.59
CA THR D 285 -43.99 38.77 7.93
C THR D 285 -44.76 38.96 9.23
N SER D 286 -45.66 38.02 9.52
CA SER D 286 -46.58 38.11 10.65
C SER D 286 -46.53 36.84 11.49
N GLY D 287 -46.02 36.97 12.71
CA GLY D 287 -46.17 35.87 13.63
C GLY D 287 -45.26 34.69 13.32
N ASP D 288 -45.62 33.55 13.90
CA ASP D 288 -44.88 32.32 13.69
C ASP D 288 -45.04 31.82 12.27
N GLY D 289 -44.03 31.12 11.78
CA GLY D 289 -44.12 30.47 10.50
C GLY D 289 -44.87 29.15 10.58
N PRO D 290 -45.29 28.64 9.43
CA PRO D 290 -46.03 27.37 9.41
C PRO D 290 -45.16 26.20 9.86
N ALA D 291 -45.83 25.17 10.34
CA ALA D 291 -45.19 23.90 10.68
C ALA D 291 -45.32 22.92 9.53
N GLY D 292 -44.50 21.87 9.60
CA GLY D 292 -44.57 20.79 8.65
C GLY D 292 -45.29 19.58 9.22
N PRO D 293 -45.78 18.70 8.34
CA PRO D 293 -46.62 17.59 8.81
C PRO D 293 -45.86 16.52 9.56
N TYR D 294 -44.54 16.42 9.36
CA TYR D 294 -43.72 15.42 10.05
C TYR D 294 -42.93 15.99 11.21
N THR D 295 -42.30 17.15 11.03
CA THR D 295 -41.51 17.75 12.09
C THR D 295 -42.38 18.48 13.10
N ARG D 296 -43.50 19.05 12.66
CA ARG D 296 -44.59 19.50 13.54
C ARG D 296 -44.10 20.56 14.53
N GLN D 297 -43.30 21.51 14.05
CA GLN D 297 -42.86 22.64 14.85
C GLN D 297 -42.95 23.89 14.00
N ALA D 298 -43.71 24.88 14.46
CA ALA D 298 -43.86 26.12 13.70
C ALA D 298 -42.49 26.73 13.42
N GLY D 299 -42.28 27.15 12.18
CA GLY D 299 -41.10 27.92 11.83
C GLY D 299 -40.04 27.19 11.04
N PHE D 300 -40.12 25.86 10.89
CA PHE D 300 -39.14 25.19 10.06
C PHE D 300 -39.72 23.94 9.42
N TRP D 301 -39.14 23.59 8.28
CA TRP D 301 -39.44 22.37 7.54
C TRP D 301 -38.15 21.59 7.28
N ALA D 302 -38.22 20.27 7.40
CA ALA D 302 -37.13 19.42 6.96
C ALA D 302 -37.00 19.49 5.44
N TYR D 303 -35.81 19.14 4.95
CA TYR D 303 -35.63 19.14 3.50
C TYR D 303 -36.67 18.28 2.79
N TYR D 304 -37.02 17.12 3.36
CA TYR D 304 -37.99 16.29 2.67
C TYR D 304 -39.38 16.93 2.64
N GLU D 305 -39.71 17.71 3.69
CA GLU D 305 -40.95 18.49 3.67
C GLU D 305 -40.88 19.63 2.67
N ILE D 306 -39.68 20.21 2.51
CA ILE D 306 -39.50 21.27 1.52
C ILE D 306 -39.78 20.75 0.12
N CYS D 307 -39.27 19.56 -0.19
CA CYS D 307 -39.50 18.98 -1.50
C CYS D 307 -40.98 18.84 -1.80
N THR D 308 -41.77 18.49 -0.78
CA THR D 308 -43.20 18.40 -0.96
C THR D 308 -43.80 19.77 -1.24
N PHE D 309 -43.36 20.79 -0.48
CA PHE D 309 -43.79 22.15 -0.74
C PHE D 309 -43.49 22.58 -2.17
N LEU D 310 -42.30 22.24 -2.67
CA LEU D 310 -41.91 22.66 -4.01
C LEU D 310 -42.77 22.00 -5.08
N ARG D 311 -43.37 20.86 -4.76
CA ARG D 311 -44.31 20.18 -5.65
C ARG D 311 -45.75 20.62 -5.45
N SER D 312 -45.99 21.58 -4.55
CA SER D 312 -47.34 22.04 -4.24
C SER D 312 -47.67 23.37 -4.89
N GLY D 313 -46.95 23.76 -5.93
CA GLY D 313 -47.24 25.01 -6.61
C GLY D 313 -46.40 26.18 -6.17
N ALA D 314 -45.36 25.94 -5.37
CA ALA D 314 -44.48 27.00 -4.92
C ALA D 314 -43.62 27.54 -6.05
N THR D 315 -43.32 28.82 -5.96
CA THR D 315 -42.36 29.47 -6.84
C THR D 315 -40.98 29.41 -6.19
N GLU D 316 -40.01 28.89 -6.92
CA GLU D 316 -38.64 28.78 -6.45
C GLU D 316 -37.80 29.90 -7.06
N VAL D 317 -37.01 30.56 -6.23
CA VAL D 317 -36.16 31.67 -6.66
C VAL D 317 -34.73 31.35 -6.21
N TRP D 318 -33.77 31.64 -7.09
CA TRP D 318 -32.36 31.57 -6.69
C TRP D 318 -31.92 32.97 -6.25
N ASP D 319 -31.56 33.09 -4.99
CA ASP D 319 -31.03 34.32 -4.38
C ASP D 319 -29.56 34.39 -4.78
N ALA D 320 -29.31 35.07 -5.91
CA ALA D 320 -28.02 34.99 -6.55
C ALA D 320 -26.92 35.60 -5.70
N SER D 321 -27.19 36.72 -5.04
CA SER D 321 -26.15 37.36 -4.25
C SER D 321 -25.72 36.49 -3.07
N GLN D 322 -26.62 35.66 -2.54
CA GLN D 322 -26.34 34.89 -1.33
C GLN D 322 -26.12 33.41 -1.60
N GLU D 323 -26.33 32.95 -2.83
CA GLU D 323 -26.04 31.58 -3.26
C GLU D 323 -26.91 30.56 -2.52
N VAL D 324 -28.18 30.92 -2.31
CA VAL D 324 -29.14 30.01 -1.72
C VAL D 324 -30.50 30.21 -2.36
N PRO D 325 -31.37 29.20 -2.30
CA PRO D 325 -32.73 29.33 -2.83
C PRO D 325 -33.71 29.86 -1.79
N TYR D 326 -34.81 30.43 -2.28
CA TYR D 326 -36.00 30.58 -1.47
C TYR D 326 -37.21 30.21 -2.31
N ALA D 327 -38.35 30.03 -1.65
CA ALA D 327 -39.57 29.61 -2.33
C ALA D 327 -40.77 30.17 -1.59
N TYR D 328 -41.86 30.37 -2.30
CA TYR D 328 -43.06 30.87 -1.66
C TYR D 328 -44.30 30.36 -2.38
N LYS D 329 -45.40 30.27 -1.63
CA LYS D 329 -46.69 29.98 -2.21
C LYS D 329 -47.74 30.69 -1.37
N ALA D 330 -48.52 31.56 -2.00
CA ALA D 330 -49.53 32.32 -1.26
C ALA D 330 -48.84 33.03 -0.10
N ASN D 331 -49.29 32.78 1.12
CA ASN D 331 -48.73 33.50 2.26
C ASN D 331 -47.52 32.81 2.89
N GLU D 332 -47.06 31.69 2.34
CA GLU D 332 -45.97 30.93 2.96
C GLU D 332 -44.67 31.20 2.22
N TRP D 333 -43.61 31.51 2.98
CA TRP D 333 -42.30 31.82 2.43
C TRP D 333 -41.26 30.99 3.16
N LEU D 334 -40.28 30.51 2.40
CA LEU D 334 -39.29 29.56 2.89
C LEU D 334 -37.90 29.97 2.47
N GLY D 335 -36.98 30.07 3.43
CA GLY D 335 -35.57 30.26 3.13
C GLY D 335 -34.82 28.99 3.47
N TYR D 336 -34.07 28.41 2.54
CA TYR D 336 -33.59 27.06 2.74
C TYR D 336 -32.31 26.80 1.95
N ASP D 337 -31.87 25.54 1.94
CA ASP D 337 -30.70 25.07 1.23
C ASP D 337 -31.06 23.86 0.39
N ASN D 338 -30.38 23.71 -0.75
CA ASN D 338 -30.60 22.58 -1.63
C ASN D 338 -29.25 22.04 -2.11
N ILE D 339 -29.28 21.14 -3.08
CA ILE D 339 -28.05 20.53 -3.58
C ILE D 339 -27.12 21.61 -4.14
N LYS D 340 -27.69 22.58 -4.86
CA LYS D 340 -26.86 23.61 -5.47
C LYS D 340 -26.20 24.48 -4.41
N SER D 341 -26.95 24.92 -3.39
CA SER D 341 -26.34 25.77 -2.38
C SER D 341 -25.32 24.98 -1.54
N PHE D 342 -25.63 23.72 -1.21
CA PHE D 342 -24.66 22.88 -0.52
C PHE D 342 -23.37 22.75 -1.32
N SER D 343 -23.49 22.61 -2.64
CA SER D 343 -22.31 22.46 -3.49
C SER D 343 -21.48 23.72 -3.51
N VAL D 344 -22.14 24.87 -3.65
CA VAL D 344 -21.42 26.15 -3.67
C VAL D 344 -20.67 26.35 -2.37
N LYS D 345 -21.32 26.06 -1.24
CA LYS D 345 -20.71 26.31 0.06
C LYS D 345 -19.61 25.30 0.37
N ALA D 346 -19.76 24.06 -0.10
CA ALA D 346 -18.69 23.08 0.07
C ALA D 346 -17.45 23.49 -0.70
N GLN D 347 -17.63 23.94 -1.94
CA GLN D 347 -16.50 24.46 -2.70
C GLN D 347 -15.85 25.63 -1.97
N TRP D 348 -16.69 26.52 -1.43
CA TRP D 348 -16.18 27.70 -0.72
C TRP D 348 -15.36 27.30 0.52
N LEU D 349 -15.86 26.34 1.30
CA LEU D 349 -15.11 25.99 2.51
C LEU D 349 -13.76 25.34 2.15
N LYS D 350 -13.71 24.58 1.05
CA LYS D 350 -12.44 24.01 0.62
C LYS D 350 -11.47 25.11 0.23
N GLN D 351 -11.94 26.09 -0.56
CA GLN D 351 -11.09 27.21 -0.95
C GLN D 351 -10.60 28.04 0.23
N ASN D 352 -11.28 27.96 1.38
CA ASN D 352 -10.88 28.73 2.56
C ASN D 352 -10.19 27.86 3.62
N ASN D 353 -9.87 26.62 3.30
N ASN D 353 -9.90 26.60 3.28
CA ASN D 353 -9.01 25.76 4.12
CA ASN D 353 -9.05 25.74 4.09
C ASN D 353 -9.65 25.40 5.47
C ASN D 353 -9.65 25.46 5.47
N PHE D 354 -10.98 25.39 5.54
CA PHE D 354 -11.64 24.96 6.77
C PHE D 354 -11.54 23.45 6.93
N GLY D 355 -11.83 22.98 8.15
CA GLY D 355 -11.67 21.58 8.47
C GLY D 355 -12.73 20.65 7.90
N GLY D 356 -13.83 21.19 7.42
CA GLY D 356 -14.92 20.40 6.88
C GLY D 356 -16.25 21.02 7.23
N ALA D 357 -17.28 20.17 7.25
CA ALA D 357 -18.66 20.58 7.41
C ALA D 357 -19.35 19.75 8.49
N MET D 358 -20.33 20.35 9.16
CA MET D 358 -21.23 19.61 10.03
C MET D 358 -22.65 19.88 9.56
N ILE D 359 -23.52 18.90 9.71
N ILE D 359 -23.52 18.92 9.80
CA ILE D 359 -24.91 19.03 9.26
CA ILE D 359 -24.89 18.92 9.30
C ILE D 359 -25.84 18.93 10.46
C ILE D 359 -25.85 18.90 10.49
N TRP D 360 -26.78 19.86 10.54
CA TRP D 360 -27.91 19.79 11.43
C TRP D 360 -29.14 19.63 10.53
N ALA D 361 -29.74 18.44 10.52
CA ALA D 361 -29.40 17.17 11.18
C ALA D 361 -29.72 16.09 10.14
N ILE D 362 -29.05 14.94 10.22
CA ILE D 362 -29.17 13.93 9.18
C ILE D 362 -30.59 13.38 9.09
N ASP D 363 -31.38 13.44 10.17
CA ASP D 363 -32.76 12.97 10.14
C ASP D 363 -33.69 13.93 9.41
N LEU D 364 -33.20 15.09 9.00
CA LEU D 364 -33.98 16.06 8.24
C LEU D 364 -33.70 15.98 6.74
N ASP D 365 -32.69 15.23 6.32
CA ASP D 365 -32.42 14.92 4.92
C ASP D 365 -33.53 14.01 4.39
N ASP D 366 -33.62 13.88 3.06
CA ASP D 366 -34.55 12.92 2.46
C ASP D 366 -33.94 11.52 2.56
N PHE D 367 -33.98 10.96 3.77
CA PHE D 367 -33.26 9.71 4.02
C PHE D 367 -33.91 8.52 3.32
N THR D 368 -35.23 8.57 3.08
CA THR D 368 -35.89 7.48 2.36
C THR D 368 -35.74 7.60 0.85
N GLY D 369 -35.40 8.79 0.36
CA GLY D 369 -35.39 9.08 -1.07
C GLY D 369 -36.75 9.26 -1.68
N SER D 370 -37.81 9.24 -0.86
CA SER D 370 -39.17 9.18 -1.37
C SER D 370 -39.83 10.54 -1.56
N PHE D 371 -39.20 11.62 -1.13
CA PHE D 371 -39.82 12.94 -1.21
C PHE D 371 -39.24 13.83 -2.28
N CYS D 372 -37.94 13.70 -2.59
CA CYS D 372 -37.25 14.70 -3.41
C CYS D 372 -36.82 14.20 -4.77
N ASP D 373 -36.86 12.89 -5.02
CA ASP D 373 -36.40 12.30 -6.28
C ASP D 373 -34.95 12.65 -6.56
N GLN D 374 -34.12 12.66 -5.50
CA GLN D 374 -32.71 12.97 -5.61
C GLN D 374 -31.85 11.86 -5.00
N GLY D 375 -32.41 10.67 -4.84
CA GLY D 375 -31.71 9.58 -4.18
C GLY D 375 -31.81 9.68 -2.67
N LYS D 376 -31.31 8.65 -1.99
CA LYS D 376 -31.31 8.67 -0.54
C LYS D 376 -30.25 9.63 -0.02
N PHE D 377 -30.60 10.37 1.03
CA PHE D 377 -29.69 11.32 1.66
C PHE D 377 -29.11 12.31 0.64
N PRO D 378 -29.95 13.04 -0.09
CA PRO D 378 -29.39 13.90 -1.15
C PRO D 378 -28.48 15.00 -0.64
N LEU D 379 -28.84 15.70 0.44
CA LEU D 379 -27.99 16.78 0.91
C LEU D 379 -26.70 16.24 1.54
N THR D 380 -26.82 15.19 2.36
CA THR D 380 -25.63 14.63 2.99
C THR D 380 -24.71 14.00 1.96
N SER D 381 -25.27 13.32 0.95
CA SER D 381 -24.46 12.74 -0.11
C SER D 381 -23.73 13.81 -0.91
N THR D 382 -24.39 14.95 -1.12
CA THR D 382 -23.73 16.05 -1.82
C THR D 382 -22.45 16.46 -1.11
N LEU D 383 -22.49 16.56 0.22
CA LEU D 383 -21.30 16.96 0.97
C LEU D 383 -20.28 15.83 1.01
N ASN D 384 -20.75 14.58 1.13
CA ASN D 384 -19.84 13.44 1.08
C ASN D 384 -19.01 13.48 -0.19
N LYS D 385 -19.66 13.72 -1.33
CA LYS D 385 -18.94 13.75 -2.60
C LYS D 385 -18.08 15.01 -2.71
N ALA D 386 -18.62 16.17 -2.34
CA ALA D 386 -17.87 17.40 -2.53
C ALA D 386 -16.61 17.44 -1.67
N LEU D 387 -16.64 16.85 -0.48
CA LEU D 387 -15.50 16.89 0.43
C LEU D 387 -14.63 15.66 0.33
N GLY D 388 -14.90 14.78 -0.63
CA GLY D 388 -14.06 13.62 -0.87
C GLY D 388 -14.07 12.61 0.24
N ILE D 389 -15.19 12.48 0.96
CA ILE D 389 -15.22 11.66 2.17
C ILE D 389 -15.08 10.19 1.83
N SER D 390 -15.80 9.73 0.82
CA SER D 390 -15.79 8.30 0.46
C SER D 390 -14.97 8.09 -0.80
C1 NAG E . 17.14 16.69 -10.44
C2 NAG E . 18.05 17.93 -10.05
C3 NAG E . 18.49 18.78 -11.32
C4 NAG E . 18.03 18.13 -12.65
C5 NAG E . 16.50 17.82 -12.48
C6 NAG E . 15.79 17.28 -13.81
C7 NAG E . 16.00 19.00 -8.87
C8 NAG E . 15.46 19.98 -7.72
N2 NAG E . 17.40 18.81 -8.99
O1 NAG E . 18.02 15.67 -10.81
O3 NAG E . 19.88 18.82 -11.27
O4 NAG E . 18.27 19.05 -13.70
O5 NAG E . 16.25 16.83 -11.52
O6 NAG E . 14.58 16.70 -13.45
O7 NAG E . 15.23 18.50 -9.62
H1 NAG E . 16.47 16.49 -9.53
H2 NAG E . 19.00 17.46 -9.65
H3 NAG E . 18.03 19.81 -11.32
H4 NAG E . 18.57 17.18 -12.85
H5 NAG E . 16.03 18.77 -12.14
H61 NAG E . 15.60 18.10 -14.54
H62 NAG E . 16.42 16.54 -14.36
H81 NAG E . 15.46 19.58 -6.71
H82 NAG E . 16.01 20.92 -7.59
H83 NAG E . 14.44 20.34 -7.84
HN2 NAG E . 18.04 19.24 -8.36
HO1 NAG E . 18.88 16.07 -11.09
HO3 NAG E . 20.22 17.97 -11.58
HO6 NAG E . 14.20 16.29 -14.24
C1 NAG E . 19.50 18.94 -14.40
C2 NAG E . 19.31 19.42 -15.92
C3 NAG E . 20.67 19.62 -16.61
C4 NAG E . 21.72 20.35 -15.67
C5 NAG E . 21.77 19.61 -14.31
C6 NAG E . 22.77 20.20 -13.23
C7 NAG E . 17.19 18.36 -16.81
C8 NAG E . 16.59 17.14 -17.38
N2 NAG E . 18.57 18.31 -16.56
O3 NAG E . 20.41 20.45 -17.71
O4 NAG E . 22.94 20.25 -16.29
O5 NAG E . 20.45 19.71 -13.76
O6 NAG E . 22.68 19.42 -12.07
O7 NAG E . 16.50 19.29 -16.52
H1 NAG E . 19.85 17.86 -14.34
H2 NAG E . 18.83 20.44 -15.97
H3 NAG E . 21.12 18.63 -16.89
H4 NAG E . 21.44 21.44 -15.47
H5 NAG E . 22.13 18.56 -14.50
H61 NAG E . 22.54 21.27 -12.98
H62 NAG E . 23.82 20.23 -13.59
H81 NAG E . 16.67 16.28 -16.67
H82 NAG E . 15.50 17.31 -17.61
H83 NAG E . 17.11 16.86 -18.32
HN2 NAG E . 19.09 17.52 -16.82
HO3 NAG E . 20.25 21.36 -17.40
HO4 NAG E . 23.22 19.33 -16.27
HO6 NAG E . 21.99 18.76 -12.18
C1 NAG F . 16.96 6.69 -13.15
C1 NAG F . 16.86 6.58 -13.34
C2 NAG F . 16.53 7.98 -12.34
C2 NAG F . 16.30 7.46 -12.19
C3 NAG F . 16.70 9.27 -13.23
C3 NAG F . 16.33 9.01 -12.58
C4 NAG F . 18.06 9.29 -14.00
C4 NAG F . 17.72 9.41 -13.17
C5 NAG F . 18.26 7.89 -14.69
C5 NAG F . 18.04 8.37 -14.34
C6 NAG F . 19.58 7.78 -15.57
C6 NAG F . 19.34 8.72 -15.16
C7 NAG F . 14.73 7.54 -10.59
C7 NAG F . 14.45 6.78 -10.56
C8 NAG F . 13.19 7.42 -10.21
C8 NAG F . 12.94 6.33 -10.33
N2 NAG F . 15.11 7.83 -11.91
N2 NAG F . 14.90 7.07 -11.86
O1 NAG F . 17.03 5.61 -12.31
O1 NAG F . 17.11 5.33 -12.80
O3 NAG F . 16.67 10.39 -12.41
O3 NAG F . 16.07 9.74 -11.44
O4 NAG F . 18.04 10.37 -14.91
O4 NAG F . 17.69 10.72 -13.65
O5 NAG F . 18.26 6.89 -13.70
O5 NAG F . 18.10 7.07 -13.80
O6 NAG F . 20.68 8.18 -14.87
O6 NAG F . 20.39 8.90 -14.30
O7 NAG F . 15.56 7.40 -9.73
O7 NAG F . 15.21 6.81 -9.63
H1 NAG F . 16.20 6.49 -13.97
H1 NAG F . 16.14 6.55 -14.21
H2 NAG F . 17.24 8.09 -11.47
H2 NAG F . 17.01 7.31 -11.33
H3 NAG F . 15.88 9.28 -13.99
H3 NAG F . 15.57 9.24 -13.39
H4 NAG F . 18.92 9.43 -13.29
H4 NAG F . 18.51 9.33 -12.37
H5 NAG F . 17.43 7.66 -15.40
H5 NAG F . 17.22 8.35 -15.11
H61 NAG F . 19.49 8.40 -16.50
H61 NAG F . 19.60 7.91 -15.89
H62 NAG F . 19.73 6.74 -15.94
H62 NAG F . 19.21 9.64 -15.78
H81 NAG F . 12.55 6.92 -10.95
H81 NAG F . 12.22 7.14 -10.22
H82 NAG F . 12.96 6.87 -9.30
H82 NAG F . 12.50 5.72 -11.11
H83 NAG F . 12.67 8.36 -10.04
H83 NAG F . 12.75 5.73 -9.44
HN2 NAG F . 14.43 7.95 -12.63
HN2 NAG F . 14.28 7.01 -12.64
HO1 NAG F . 16.23 5.06 -12.39
HO1 NAG F . 16.27 4.87 -12.60
HO3 NAG F . 16.54 11.19 -12.95
HO3 NAG F . 15.75 10.62 -11.69
HO6 NAG F . 20.49 8.03 -13.93
HO6 NAG F . 20.56 9.85 -14.26
C1 NAG F . 18.79 11.52 -14.60
C1 NAG F . 18.03 11.79 -12.81
C2 NAG F . 18.96 12.35 -15.94
C2 NAG F . 18.36 13.06 -13.75
C3 NAG F . 19.76 13.65 -15.59
C3 NAG F . 18.69 14.21 -12.77
C4 NAG F . 19.06 14.42 -14.40
C4 NAG F . 17.47 14.44 -11.81
C5 NAG F . 18.86 13.45 -13.20
C5 NAG F . 17.04 13.14 -11.11
C6 NAG F . 18.08 14.16 -12.01
C6 NAG F . 15.65 13.37 -10.39
C7 NAG F . 19.24 11.47 -18.30
C7 NAG F . 19.25 12.28 -16.01
C8 NAG F . 18.08 12.30 -18.74
C8 NAG F . 17.82 12.11 -16.43
N2 NAG F . 19.65 11.50 -16.95
N2 NAG F . 19.48 12.73 -14.67
O3 NAG F . 19.77 14.46 -16.71
O3 NAG F . 18.84 15.37 -13.49
O4 NAG F . 19.87 15.47 -14.02
O4 NAG F . 17.85 15.35 -10.84
O5 NAG F . 18.12 12.31 -13.66
O5 NAG F . 16.90 12.08 -12.03
O6 NAG F . 18.10 13.32 -10.90
O6 NAG F . 15.89 13.47 -9.04
O7 NAG F . 19.78 10.82 -19.13
O7 NAG F . 20.14 12.02 -16.75
H1 NAG F . 19.75 11.19 -14.11
H1 NAG F . 18.88 11.51 -12.13
H2 NAG F . 17.97 12.71 -16.32
H2 NAG F . 17.46 13.36 -14.35
H3 NAG F . 20.81 13.38 -15.29
H3 NAG F . 19.62 13.96 -12.19
H4 NAG F . 18.03 14.80 -14.72
H4 NAG F . 16.57 14.79 -12.41
H5 NAG F . 19.86 13.13 -12.79
H5 NAG F . 17.83 12.84 -10.36
H61 NAG F . 17.02 14.39 -12.27
H61 NAG F . 14.91 12.55 -10.58
H62 NAG F . 18.52 15.14 -11.72
H62 NAG F . 15.13 14.30 -10.74
H81 NAG F . 18.11 12.43 -19.84
H81 NAG F . 17.30 11.42 -15.72
H82 NAG F . 17.14 11.80 -18.45
H82 NAG F . 17.30 13.09 -16.44
H83 NAG F . 18.12 13.30 -18.25
H83 NAG F . 17.77 11.67 -17.45
HN2 NAG F . 20.41 10.95 -16.63
HN2 NAG F . 20.40 12.86 -14.32
HO3 NAG F . 19.34 15.31 -16.51
HO3 NAG F . 18.77 15.17 -14.42
HO4 NAG F . 20.47 15.67 -14.75
HO4 NAG F . 18.65 14.99 -10.42
HO6 NAG F . 18.25 12.40 -11.19
HO6 NAG F . 16.52 14.19 -8.90
C1 NAG G . -10.08 -7.68 11.89
C1 NAG G . -12.66 -11.83 11.07
C2 NAG G . -8.89 -7.06 12.71
C2 NAG G . -12.12 -11.24 9.70
C3 NAG G . -9.03 -5.49 12.68
C3 NAG G . -11.05 -10.11 9.98
C4 NAG G . -9.09 -5.01 11.18
C4 NAG G . -10.90 -9.81 11.50
C5 NAG G . -10.30 -5.77 10.48
C5 NAG G . -10.68 -11.17 12.26
C6 NAG G . -10.39 -5.45 8.94
C6 NAG G . -10.35 -10.94 13.81
C7 NAG G . -7.76 -8.31 14.61
C7 NAG G . -10.87 -13.42 9.20
C8 NAG G . -7.83 -8.81 16.12
C8 NAG G . -10.34 -14.42 8.08
N2 NAG G . -8.87 -7.62 14.08
N2 NAG G . -11.59 -12.29 8.77
O1 NAG G . -9.80 -9.02 11.76
O1 NAG G . -13.58 -10.88 11.52
O3 NAG G . -7.89 -4.95 13.25
O3 NAG G . -11.56 -8.99 9.34
O4 NAG G . -9.20 -3.59 11.09
O4 NAG G . -9.76 -8.97 11.72
O5 NAG G . -10.17 -7.15 10.59
O5 NAG G . -11.77 -12.00 12.16
O6 NAG G . -11.53 -6.02 8.41
O6 NAG G . -11.43 -10.35 14.44
O7 NAG G . -6.75 -8.45 13.97
O7 NAG G . -10.62 -13.59 10.35
H1 NAG G . -11.06 -7.47 12.42
H1 NAG G . -13.00 -12.88 10.84
H2 NAG G . -7.93 -7.31 12.18
H2 NAG G . -13.01 -10.76 9.23
H3 NAG G . -9.95 -5.14 13.23
H3 NAG G . -10.02 -10.40 9.64
H4 NAG G . -8.15 -5.32 10.66
H4 NAG G . -11.84 -9.33 11.84
H5 NAG G . -11.25 -5.47 10.99
H5 NAG G . -9.84 -11.73 11.79
H61 NAG G . -10.40 -4.35 8.74
H61 NAG G . -10.11 -11.91 14.32
H62 NAG G . -9.49 -5.83 8.38
H62 NAG G . -9.45 -10.31 13.94
H81 NAG G . -8.40 -9.72 16.29
H81 NAG G . -11.08 -15.11 7.66
H82 NAG G . -6.87 -9.05 16.59
H82 NAG G . -9.92 -13.96 7.18
H83 NAG G . -8.27 -8.12 16.83
H83 NAG G . -9.53 -15.09 8.38
HN2 NAG G . -9.70 -7.48 14.61
HN2 NAG G . -11.78 -12.13 7.81
HO1 NAG G . -8.95 -9.23 12.16
HO1 NAG G . -13.51 -10.06 10.98
HO3 NAG G . -7.13 -5.21 12.73
HO3 NAG G . -10.83 -8.49 8.96
HO6 NAG G . -11.89 -6.64 9.04
HO6 NAG G . -11.16 -10.08 15.33
C1 NAG G . -8.00 -2.89 10.80
C1 NAG G . -9.99 -7.60 11.81
C2 NAG G . -8.10 -2.07 9.43
C2 NAG G . -8.82 -6.90 12.63
C3 NAG G . -6.81 -1.19 9.29
C3 NAG G . -9.11 -5.38 12.65
C4 NAG G . -6.46 -0.40 10.60
C4 NAG G . -9.26 -4.88 11.16
C5 NAG G . -6.51 -1.35 11.82
C5 NAG G . -10.33 -5.70 10.42
C6 NAG G . -6.26 -0.61 13.18
C6 NAG G . -10.43 -5.37 8.88
C7 NAG G . -9.01 -2.80 7.15
C7 NAG G . -7.72 -8.30 14.33
C8 NAG G . -9.07 -3.85 6.11
C8 NAG G . -7.78 -8.89 15.67
N2 NAG G . -8.20 -3.04 8.29
N2 NAG G . -8.79 -7.48 13.96
O3 NAG G . -7.07 -0.25 8.28
O3 NAG G . -8.02 -4.79 13.25
O4 NAG G . -5.16 0.06 10.50
O4 NAG G . -9.67 -3.57 11.19
O5 NAG G . -7.79 -1.97 11.85
O5 NAG G . -9.99 -7.08 10.52
O6 NAG G . -5.53 -1.47 13.98
O6 NAG G . -11.61 -5.89 8.40
O7 NAG G . -9.70 -1.84 7.03
O7 NAG G . -6.82 -8.57 13.59
H1 NAG G . -7.17 -3.65 10.77
H1 NAG G . -11.01 -7.43 12.28
H2 NAG G . -8.98 -1.38 9.47
H2 NAG G . -7.84 -7.01 12.09
H3 NAG G . -5.94 -1.85 9.04
H3 NAG G . -10.05 -5.12 13.21
H4 NAG G . -7.20 0.44 10.77
H4 NAG G . -8.27 -5.00 10.61
H5 NAG G . -5.71 -2.13 11.72
H5 NAG G . -11.33 -5.47 10.90
H61 NAG G . -7.21 -0.31 13.70
H61 NAG G . -9.57 -5.78 8.30
H62 NAG G . -5.70 0.35 13.06
H62 NAG G . -10.39 -4.27 8.68
H81 NAG G . -9.59 -4.76 6.49
H81 NAG G . -8.61 -9.62 15.73
H82 NAG G . -9.61 -3.48 5.21
H82 NAG G . -6.82 -9.41 15.91
H83 NAG G . -8.03 -4.15 5.80
H83 NAG G . -7.94 -8.09 16.43
HN2 NAG G . -7.65 -3.87 8.36
HN2 NAG G . -9.53 -7.26 14.58
HO3 NAG G . -7.88 -0.51 7.80
HO3 NAG G . -7.22 -4.99 12.76
HO4 NAG G . -4.57 -0.71 10.41
HO4 NAG G . -10.47 -3.51 11.71
HO6 NAG G . -4.63 -1.54 13.62
HO6 NAG G . -11.92 -6.59 8.99
C1 NAG H . -20.58 -11.10 17.85
C2 NAG H . -20.03 -12.25 16.97
C3 NAG H . -18.52 -11.93 16.55
C4 NAG H . -18.40 -10.49 15.98
C5 NAG H . -19.09 -9.49 16.98
C6 NAG H . -19.05 -7.99 16.50
C7 NAG H . -20.71 -14.65 17.21
C8 NAG H . -20.60 -16.03 17.99
N2 NAG H . -20.01 -13.54 17.66
O1 NAG H . -21.93 -11.30 18.00
O3 NAG H . -18.14 -12.85 15.57
O4 NAG H . -17.03 -10.17 15.83
O5 NAG H . -20.42 -9.86 17.18
O6 NAG H . -19.38 -7.18 17.58
O7 NAG H . -21.36 -14.58 16.20
H1 NAG H . -20.05 -11.07 18.85
H2 NAG H . -20.72 -12.26 16.08
H3 NAG H . -17.83 -11.99 17.44
H4 NAG H . -18.93 -10.46 15.00
H5 NAG H . -18.57 -9.53 17.96
H61 NAG H . -18.04 -7.70 16.12
H62 NAG H . -19.75 -7.80 15.65
H81 NAG H . -20.65 -15.97 19.08
H82 NAG H . -21.37 -16.77 17.76
H83 NAG H . -19.68 -16.60 17.83
HN2 NAG H . -19.45 -13.57 18.50
HO1 NAG H . -22.18 -12.16 17.63
HO3 NAG H . -17.99 -12.38 14.74
HO6 NAG H . -20.01 -7.66 18.15
C1 NAG H . -16.51 -10.20 14.52
C2 NAG H . -15.19 -9.32 14.58
C3 NAG H . -14.48 -9.41 13.21
C4 NAG H . -14.30 -10.89 12.76
C5 NAG H . -15.65 -11.64 12.85
C6 NAG H . -15.46 -13.19 12.53
C7 NAG H . -15.10 -7.19 16.01
C8 NAG H . -14.25 -7.95 16.95
N2 NAG H . -15.54 -7.90 14.86
O3 NAG H . -13.24 -8.80 13.40
O4 NAG H . -13.88 -10.86 11.44
O5 NAG H . -16.19 -11.51 14.17
O6 NAG H . -16.72 -13.74 12.47
O7 NAG H . -15.40 -6.07 16.21
H1 NAG H . -17.28 -9.85 13.77
H2 NAG H . -14.50 -9.77 15.34
H3 NAG H . -15.08 -8.90 12.40
H4 NAG H . -13.57 -11.45 13.43
H5 NAG H . -16.37 -11.20 12.10
H61 NAG H . -14.84 -13.71 13.30
H62 NAG H . -14.92 -13.36 11.57
H81 NAG H . -14.80 -8.87 17.29
H82 NAG H . -13.31 -8.27 16.45
H83 NAG H . -14.00 -7.33 17.83
HN2 NAG H . -16.13 -7.46 14.19
HO3 NAG H . -12.73 -9.29 14.05
HO4 NAG H . -14.59 -10.52 10.89
HO6 NAG H . -16.62 -14.66 12.16
C1 NAG I . 18.83 -22.49 -11.86
C2 NAG I . 18.78 -23.70 -10.84
C3 NAG I . 17.46 -24.55 -11.02
C4 NAG I . 16.46 -23.91 -11.99
C5 NAG I . 17.29 -23.66 -13.32
C6 NAG I . 16.35 -23.23 -14.54
C7 NAG I . 20.68 -24.85 -12.14
C8 NAG I . 21.98 -25.78 -12.00
N2 NAG I . 20.01 -24.56 -10.91
O1 NAG I . 18.10 -21.44 -11.27
O3 NAG I . 16.99 -24.56 -9.72
O4 NAG I . 15.40 -24.82 -12.25
O5 NAG I . 18.27 -22.68 -13.15
O6 NAG I . 15.93 -21.93 -14.34
O7 NAG I . 20.28 -24.42 -13.17
H1 NAG I . 19.93 -22.27 -12.04
H2 NAG I . 18.71 -23.23 -9.82
H3 NAG I . 17.59 -25.58 -11.47
H4 NAG I . 16.07 -22.95 -11.58
H5 NAG I . 17.83 -24.58 -13.61
H61 NAG I . 16.90 -23.29 -15.52
H62 NAG I . 15.48 -23.90 -14.65
H81 NAG I . 22.35 -26.23 -12.91
H82 NAG I . 22.88 -25.28 -11.62
H83 NAG I . 21.89 -26.63 -11.33
HN2 NAG I . 20.33 -24.93 -10.04
HO1 NAG I . 17.50 -21.80 -10.58
HO3 NAG I . 16.48 -23.76 -9.57
HO6 NAG I . 16.45 -21.53 -13.64
C1 NAG I . 14.23 -24.70 -11.48
C2 NAG I . 12.98 -25.26 -12.33
C3 NAG I . 11.73 -25.31 -11.38
C4 NAG I . 12.09 -26.03 -10.01
C5 NAG I . 13.34 -25.35 -9.38
C6 NAG I . 13.75 -25.97 -7.99
C7 NAG I . 13.11 -24.89 -14.84
C8 NAG I . 12.88 -24.04 -16.05
N2 NAG I . 12.78 -24.40 -13.55
O3 NAG I . 10.73 -26.05 -12.02
O4 NAG I . 11.04 -25.87 -9.14
O5 NAG I . 14.41 -25.46 -10.31
O6 NAG I . 14.83 -25.25 -7.53
O7 NAG I . 13.55 -25.98 -15.02
H1 NAG I . 14.07 -23.63 -11.17
H2 NAG I . 13.17 -26.33 -12.63
H3 NAG I . 11.39 -24.26 -11.17
H4 NAG I . 12.32 -27.12 -10.19
H5 NAG I . 13.10 -24.27 -9.17
H61 NAG I . 14.03 -27.06 -8.08
H62 NAG I . 12.92 -25.96 -7.25
H81 NAG I . 13.09 -24.62 -16.97
H82 NAG I . 11.81 -23.71 -16.08
H83 NAG I . 13.53 -23.14 -16.03
HN2 NAG I . 12.41 -23.50 -13.40
HO3 NAG I . 11.03 -26.96 -12.12
HO4 NAG I . 10.86 -24.93 -9.06
HO6 NAG I . 15.54 -25.28 -8.17
C1 NAG J . 16.58 -12.42 -13.22
C1 NAG J . 16.57 -12.26 -13.39
C2 NAG J . 17.53 -13.67 -13.25
C2 NAG J . 17.87 -13.07 -13.30
C3 NAG J . 16.69 -15.01 -13.50
C3 NAG J . 17.57 -14.65 -13.37
C4 NAG J . 15.39 -15.05 -12.60
C4 NAG J . 16.39 -15.08 -12.44
C5 NAG J . 14.65 -13.65 -12.73
C5 NAG J . 15.21 -14.05 -12.70
C6 NAG J . 13.30 -13.58 -11.94
C6 NAG J . 13.93 -14.31 -11.83
C7 NAG J . 19.88 -13.04 -14.06
C7 NAG J . 20.11 -12.20 -14.19
C8 NAG J . 20.95 -12.92 -15.24
C8 NAG J . 21.08 -11.96 -15.44
N2 NAG J . 18.57 -13.51 -14.31
N2 NAG J . 18.84 -12.77 -14.39
O1 NAG J . 17.29 -11.32 -12.75
O1 NAG J . 16.84 -10.98 -12.97
O3 NAG J . 17.47 -16.11 -13.17
O3 NAG J . 18.74 -15.32 -13.03
O4 NAG J . 14.55 -16.13 -12.99
O4 NAG J . 16.00 -16.41 -12.74
O5 NAG J . 15.51 -12.64 -12.30
O5 NAG J . 15.61 -12.75 -12.46
O6 NAG J . 13.54 -13.85 -10.62
O6 NAG J . 14.33 -14.39 -10.53
O7 NAG J . 20.21 -12.77 -12.94
O7 NAG J . 20.49 -11.92 -13.09
H1 NAG J . 16.19 -12.21 -14.25
H1 NAG J . 16.16 -12.30 -14.45
H2 NAG J . 18.00 -13.76 -12.22
H2 NAG J . 18.27 -12.78 -12.28
H3 NAG J . 16.36 -15.03 -14.58
H3 NAG J . 17.23 -14.94 -14.41
H4 NAG J . 15.70 -15.19 -11.54
H4 NAG J . 16.73 -15.01 -11.37
H5 NAG J . 14.37 -13.43 -13.79
H5 NAG J . 14.89 -14.15 -13.78
H61 NAG J . 12.55 -14.30 -12.33
H61 NAG J . 13.39 -15.25 -12.12
H62 NAG J . 12.82 -12.57 -12.02
H62 NAG J . 13.17 -13.50 -11.94
H81 NAG J . 20.56 -12.54 -16.19
H81 NAG J . 20.62 -11.53 -16.33
H82 NAG J . 21.80 -12.28 -15.05
H82 NAG J . 21.92 -11.29 -15.27
H83 NAG J . 21.42 -13.85 -15.55
H83 NAG J . 21.57 -12.85 -15.84
HN2 NAG J . 18.28 -13.76 -15.23
HN2 NAG J . 18.52 -13.01 -15.31
HO1 NAG J . 17.62 -11.47 -11.86
HO1 NAG J . 17.78 -10.79 -13.05
HO3 NAG J . 18.23 -16.15 -13.77
HO3 NAG J . 18.89 -15.22 -12.08
HO6 NAG J . 13.59 -14.79 -10.49
HO6 NAG J . 14.81 -13.57 -10.32
C1 NAG J . 14.50 -17.26 -12.13
C1 NAG J . 16.48 -17.49 -11.96
C2 NAG J . 13.24 -18.16 -12.52
C2 NAG J . 15.47 -18.70 -12.10
C3 NAG J . 13.31 -19.43 -11.58
C3 NAG J . 16.13 -19.97 -11.44
C4 NAG J . 14.69 -20.18 -11.79
C4 NAG J . 17.55 -20.23 -12.05
C5 NAG J . 15.85 -19.16 -11.47
C5 NAG J . 18.39 -18.95 -11.97
C6 NAG J . 17.30 -19.78 -11.73
C6 NAG J . 19.77 -19.07 -12.75
C7 NAG J . 11.04 -17.17 -13.41
C7 NAG J . 13.03 -17.93 -12.15
C8 NAG J . 11.40 -17.75 -14.73
C8 NAG J . 13.21 -17.74 -13.62
N2 NAG J . 11.99 -17.38 -12.35
N2 NAG J . 14.17 -18.38 -11.43
O3 NAG J . 12.27 -20.25 -11.95
O3 NAG J . 15.35 -21.08 -11.74
O4 NAG J . 14.77 -21.23 -10.91
O4 NAG J . 18.20 -21.20 -11.31
O5 NAG J . 15.69 -18.01 -12.31
O5 NAG J . 17.71 -17.82 -12.52
O6 NAG J . 18.22 -18.75 -11.72
O6 NAG J . 20.72 -18.39 -12.01
O7 NAG J . 10.05 -16.55 -13.27
O7 NAG J . 12.01 -17.67 -11.61
H1 NAG J . 14.47 -16.89 -11.06
H1 NAG J . 16.62 -17.19 -10.88
H2 NAG J . 13.33 -18.54 -13.57
H2 NAG J . 15.34 -18.92 -13.19
H3 NAG J . 13.22 -19.15 -10.49
H3 NAG J . 16.21 -19.80 -10.33
H4 NAG J . 14.80 -20.54 -12.85
H4 NAG J . 17.46 -20.53 -13.14
H5 NAG J . 15.79 -18.89 -10.38
H5 NAG J . 18.58 -18.77 -10.87
H61 NAG J . 17.37 -20.33 -12.69
H61 NAG J . 19.73 -18.64 -13.78
H62 NAG J . 17.58 -20.54 -10.95
H62 NAG J . 20.10 -20.12 -12.90
H81 NAG J . 12.42 -17.42 -15.04
H81 NAG J . 14.08 -17.08 -13.83
H82 NAG J . 11.38 -18.86 -14.68
H82 NAG J . 13.37 -18.73 -14.12
H83 NAG J . 10.67 -17.41 -15.51
H83 NAG J . 12.29 -17.28 -14.07
HN2 NAG J . 11.81 -17.00 -11.45
HN2 NAG J . 14.13 -18.52 -10.45
HO3 NAG J . 12.33 -20.45 -12.89
HO3 NAG J . 15.25 -21.14 -12.69
HO4 NAG J . 15.67 -21.61 -10.99
HO4 NAG J . 18.21 -20.91 -10.39
HO6 NAG J . 17.88 -18.01 -12.24
HO6 NAG J . 21.17 -17.73 -12.57
C1 NAG K . -28.92 24.91 17.40
C2 NAG K . -28.89 23.67 18.40
C3 NAG K . -30.13 22.74 18.19
C4 NAG K . -31.17 23.35 17.22
C5 NAG K . -30.41 23.73 15.91
C6 NAG K . -31.42 24.21 14.77
C7 NAG K . -26.97 22.64 17.11
C8 NAG K . -25.63 21.78 17.16
N2 NAG K . -27.61 22.91 18.31
O1 NAG K . -29.75 25.86 18.02
O3 NAG K . -30.71 22.63 19.46
O4 NAG K . -32.19 22.41 16.91
O5 NAG K . -29.48 24.73 16.11
O6 NAG K . -32.02 25.42 15.11
O7 NAG K . -27.45 23.02 16.07
H1 NAG K . -27.84 25.17 17.20
H2 NAG K . -28.99 24.14 19.43
H3 NAG K . -29.85 21.75 17.74
H4 NAG K . -31.61 24.25 17.73
H5 NAG K . -29.83 22.86 15.55
H61 NAG K . -30.90 24.33 13.78
H62 NAG K . -32.22 23.45 14.59
H81 NAG K . -24.72 22.33 17.37
H82 NAG K . -25.38 21.25 16.24
H83 NAG K . -25.61 20.99 17.90
HN2 NAG K . -27.23 22.58 19.18
HO1 NAG K . -29.32 26.29 18.75
HO3 NAG K . -30.08 22.23 20.08
HO6 NAG K . -32.94 25.38 14.80
C1 NAG K . -33.38 22.50 17.64
C2 NAG K . -34.55 21.84 16.81
C3 NAG K . -35.80 21.90 17.70
C4 NAG K . -35.52 21.17 19.06
C5 NAG K . -34.29 21.83 19.74
C6 NAG K . -33.85 21.09 21.07
C7 NAG K . -34.41 22.04 14.36
C8 NAG K . -34.54 22.93 13.18
N2 NAG K . -34.69 22.62 15.59
O3 NAG K . -36.79 21.24 17.00
O4 NAG K . -36.62 21.34 19.86
O5 NAG K . -33.20 21.79 18.83
O6 NAG K . -32.80 21.80 21.64
O7 NAG K . -34.04 20.92 14.26
H1 NAG K . -33.59 23.57 17.91
H2 NAG K . -34.36 20.75 16.61
H3 NAG K . -36.12 22.96 17.92
H4 NAG K . -35.28 20.08 18.91
H5 NAG K . -34.57 22.88 20.02
H61 NAG K . -34.69 21.00 21.81
H62 NAG K . -33.53 20.03 20.88
H81 NAG K . -33.75 23.70 13.21
H82 NAG K . -34.44 22.33 12.24
H83 NAG K . -35.54 23.42 13.19
HN2 NAG K . -34.99 23.56 15.68
HO3 NAG K . -36.55 20.31 16.92
HO4 NAG K . -36.63 20.61 20.50
HO6 NAG K . -32.61 21.41 22.50
C1 HSQ L . -31.47 34.96 16.66
C2 HSQ L . -30.17 34.19 16.59
C3 HSQ L . -30.51 32.70 16.31
C4 HSQ L . -31.39 32.14 17.44
C5 HSQ L . -32.44 33.15 18.02
C6 HSQ L . -33.95 32.68 17.77
C7 HSQ L . -28.11 35.19 15.55
C8 HSQ L . -27.35 35.60 14.21
N2 HSQ L . -29.38 34.64 15.44
O3 HSQ L . -29.32 31.97 16.34
O4 HSQ L . -31.94 30.88 17.00
O5 HSQ L . -32.40 34.49 17.62
O6 HSQ L . -34.81 33.51 18.45
O7 HSQ L . -27.58 35.32 16.62
O1 HSQ L . -31.18 36.24 17.12
H1 HSQ L . -31.95 34.89 15.64
H2 HSQ L . -29.66 34.33 17.58
H3 HSQ L . -31.04 32.61 15.32
H4 HSQ L . -30.71 31.99 18.32
H5 HSQ L . -32.16 33.21 19.10
H61 HSQ L . -34.11 31.63 18.11
H62 HSQ L . -34.21 32.68 16.69
H81 HSQ L . -27.95 36.09 13.44
H82 HSQ L . -26.51 36.29 14.32
H83 HSQ L . -26.90 34.79 13.64
HN2 HSQ L . -29.82 34.53 14.56
HO3 HSQ L . -28.78 32.26 17.08
HO6 HSQ L . -35.21 34.12 17.80
HO1 HSQ L . -30.22 36.41 17.11
C1 NAG L . -31.40 29.73 17.62
C2 NAG L . -32.42 28.56 17.38
C3 NAG L . -31.78 27.29 17.99
C4 NAG L . -30.33 27.08 17.47
C5 NAG L . -29.48 28.34 17.69
C6 NAG L . -28.04 28.19 17.08
C7 NAG L . -34.91 29.03 17.54
C8 NAG L . -34.98 28.82 16.11
N2 NAG L . -33.65 28.87 18.14
O3 NAG L . -32.58 26.22 17.61
O4 NAG L . -29.81 26.07 18.25
O5 NAG L . -30.15 29.42 17.06
O6 NAG L . -27.32 29.30 17.49
O7 NAG L . -35.90 29.26 18.13
H1 NAG L . -31.18 29.94 18.70
H2 NAG L . -32.58 28.40 16.28
H3 NAG L . -31.74 27.38 19.12
H4 NAG L . -30.32 26.87 16.36
H5 NAG L . -29.35 28.52 18.80
H61 NAG L . -28.05 28.14 15.96
H62 NAG L . -27.53 27.26 17.40
H81 NAG L . -34.64 27.79 15.86
H82 NAG L . -36.01 28.96 15.74
H83 NAG L . -34.30 29.54 15.58
HN2 NAG L . -33.55 28.95 19.13
HO3 NAG L . -33.37 26.55 17.14
HO4 NAG L . -29.76 26.38 19.16
HO6 NAG L . -27.60 30.06 16.98
C1 NDG M . 17.28 17.64 -13.68
C2 NDG M . 18.41 18.45 -12.90
C3 NDG M . 18.94 19.61 -13.79
C4 NDG M . 19.28 19.08 -15.22
C5 NDG M . 18.01 18.36 -15.81
C6 NDG M . 18.30 17.89 -17.28
C7 NDG M . 18.36 18.66 -10.37
C8 NDG M . 17.63 19.23 -9.07
O5 NDG M . 17.68 17.30 -14.99
O3 NDG M . 20.11 20.06 -13.23
O4 NDG M . 19.68 20.16 -16.05
O6 NDG M . 19.37 17.03 -17.27
O7 NDG M . 19.40 18.08 -10.27
N2 NDG M . 17.80 18.91 -11.62
O1 NDG M . 16.20 18.52 -13.79
H1 NDG M . 17.03 16.70 -13.13
H2 NDG M . 19.31 17.79 -12.71
H3 NDG M . 18.16 20.42 -13.88
H4 NDG M . 20.11 18.34 -15.13
H5 NDG M . 17.10 19.00 -15.84
H61 NDG M . 17.42 17.38 -17.73
H62 NDG M . 18.53 18.74 -17.95
H81 NDG M . 16.53 19.26 -9.10
H82 NDG M . 17.81 18.68 -8.13
H83 NDG M . 17.88 20.26 -8.78
HO3 NDG M . 20.76 19.34 -13.21
HO6 NDG M . 20.17 17.55 -17.47
HN2 NDG M . 16.94 19.41 -11.72
HO1 NDG M . 15.48 18.10 -14.29
C1 NAG M . 20.99 20.19 -16.51
C2 NAG M . 21.08 21.08 -17.84
C3 NAG M . 22.57 21.15 -18.26
C4 NAG M . 23.33 21.85 -17.07
C5 NAG M . 23.17 20.99 -15.78
C6 NAG M . 23.82 21.65 -14.50
C7 NAG M . 18.99 21.20 -19.16
C8 NAG M . 18.09 20.61 -20.17
N2 NAG M . 20.19 20.53 -18.88
O3 NAG M . 22.62 21.95 -19.37
O4 NAG M . 24.64 21.95 -17.41
O5 NAG M . 21.77 20.78 -15.51
O6 NAG M . 23.36 20.95 -13.40
O7 NAG M . 18.66 22.19 -18.60
H1 NAG M . 21.36 19.13 -16.68
H2 NAG M . 20.79 22.14 -17.60
H3 NAG M . 23.02 20.16 -18.50
H4 NAG M . 22.90 22.88 -16.84
H5 NAG M . 23.68 20.00 -15.99
H61 NAG M . 23.59 22.73 -14.41
H62 NAG M . 24.95 21.61 -14.53
H81 NAG M . 17.66 19.65 -19.79
H82 NAG M . 17.25 21.30 -20.39
H83 NAG M . 18.64 20.40 -21.12
HN2 NAG M . 20.47 19.68 -19.34
HO3 NAG M . 22.23 22.80 -19.17
HO4 NAG M . 24.99 21.07 -17.52
HO6 NAG M . 22.67 20.33 -13.69
C1 NDG N . 14.37 -24.67 -11.60
C2 NDG N . 13.13 -25.22 -12.45
C3 NDG N . 11.85 -25.25 -11.51
C4 NDG N . 12.21 -26.04 -10.18
C5 NDG N . 13.44 -25.30 -9.51
C6 NDG N . 13.86 -25.88 -8.13
C7 NDG N . 13.34 -24.85 -14.98
C8 NDG N . 13.23 -23.89 -16.26
O5 NDG N . 14.54 -25.34 -10.37
O3 NDG N . 10.85 -25.94 -12.15
O4 NDG N . 11.11 -26.11 -9.29
O6 NDG N . 14.76 -25.00 -7.56
O7 NDG N . 13.75 -25.97 -15.13
N2 NDG N . 13.01 -24.37 -13.68
O1 NDG N . 14.04 -23.36 -11.28
H1 NDG N . 15.32 -24.79 -12.18
H2 NDG N . 13.28 -26.30 -12.75
H3 NDG N . 11.52 -24.20 -11.25
H4 NDG N . 12.49 -27.08 -10.45
H5 NDG N . 13.18 -24.23 -9.35
H61 NDG N . 12.99 -26.03 -7.45
H62 NDG N . 14.34 -26.89 -8.23
H81 NDG N . 12.23 -23.71 -16.65
H82 NDG N . 13.61 -22.87 -16.12
H83 NDG N . 13.77 -24.22 -17.15
HO3 NDG N . 11.05 -26.87 -12.17
HO6 NDG N . 15.39 -25.52 -7.05
HN2 NDG N . 12.67 -23.45 -13.53
HO1 NDG N . 14.55 -23.07 -10.52
C1 NAG N . 10.31 -27.27 -9.39
C2 NAG N . 10.17 -27.99 -7.98
C3 NAG N . 9.10 -29.13 -8.16
C4 NAG N . 7.77 -28.58 -8.83
C5 NAG N . 8.13 -27.85 -10.16
C6 NAG N . 6.91 -27.18 -10.90
C7 NAG N . 12.10 -28.28 -6.33
C8 NAG N . 13.45 -28.85 -6.06
N2 NAG N . 11.50 -28.55 -7.59
O3 NAG N . 8.82 -29.62 -6.90
O4 NAG N . 6.96 -29.65 -9.11
O5 NAG N . 9.06 -26.82 -9.85
O6 NAG N . 7.36 -26.78 -12.16
O7 NAG N . 11.61 -27.57 -5.51
H1 NAG N . 10.74 -27.99 -10.16
H2 NAG N . 9.78 -27.28 -7.21
H3 NAG N . 9.51 -29.93 -8.84
H4 NAG N . 7.25 -27.82 -8.16
H5 NAG N . 8.53 -28.63 -10.87
H61 NAG N . 6.51 -26.31 -10.35
H62 NAG N . 6.04 -27.87 -11.01
H81 NAG N . 14.21 -28.38 -6.73
H82 NAG N . 13.75 -28.67 -5.00
H83 NAG N . 13.45 -29.95 -6.24
HN2 NAG N . 11.95 -29.13 -8.26
HO3 NAG N . 9.44 -29.25 -6.26
HO4 NAG N . 7.44 -30.25 -9.69
HO6 NAG N . 8.32 -26.78 -12.18
MG MG O . 1.15 -0.18 -33.52
MG MG P . -21.52 -12.01 38.90
MG MG Q . 5.36 -5.43 -36.20
MG MG R . -19.62 -1.28 20.15
MG MG S . -41.13 34.97 19.31
#